data_3LOI
# 
_entry.id   3LOI 
# 
_audit_conform.dict_name       mmcif_pdbx.dic 
_audit_conform.dict_version    5.380 
_audit_conform.dict_location   http://mmcif.pdb.org/dictionaries/ascii/mmcif_pdbx.dic 
# 
loop_
_database_2.database_id 
_database_2.database_code 
_database_2.pdbx_database_accession 
_database_2.pdbx_DOI 
PDB   3LOI         pdb_00003loi 10.2210/pdb3loi/pdb 
RCSB  RCSB057532   ?            ?                   
WWPDB D_1000057532 ?            ?                   
# 
_pdbx_database_status.status_code                     REL 
_pdbx_database_status.entry_id                        3LOI 
_pdbx_database_status.recvd_initial_deposition_date   2010-02-04 
_pdbx_database_status.deposit_site                    RCSB 
_pdbx_database_status.process_site                    PDBJ 
_pdbx_database_status.status_code_sf                  REL 
_pdbx_database_status.status_code_mr                  ? 
_pdbx_database_status.SG_entry                        ? 
_pdbx_database_status.pdb_format_compatible           Y 
_pdbx_database_status.status_code_cs                  ? 
_pdbx_database_status.status_code_nmr_data            ? 
_pdbx_database_status.methods_development_category    ? 
# 
loop_
_audit_author.name 
_audit_author.pdbx_ordinal 
'Zou, C.Z.'    1 
'Du, Y.'       2 
'He, Y.-X.'    3 
'Saren, G.'    4 
'Zhang, X.'    5 
'Chen, Y.'     6 
'Zhang, S.-C.' 7 
# 
_citation.id                        primary 
_citation.title                     
'Crystal structures of the apo and GDP-bound forms of a cupin-like protein BbDUF985 from Branchiostoma belcheri tsingtauense' 
_citation.journal_abbrev            Proteins 
_citation.journal_volume            ? 
_citation.page_first                ? 
_citation.page_last                 ? 
_citation.year                      2010 
_citation.journal_id_ASTM           PSFGEY 
_citation.country                   US 
_citation.journal_id_ISSN           1097-0134 
_citation.journal_id_CSD            0867 
_citation.book_publisher            ? 
_citation.pdbx_database_id_PubMed   ? 
_citation.pdbx_database_id_DOI      ? 
# 
loop_
_citation_author.citation_id 
_citation_author.name 
_citation_author.ordinal 
_citation_author.identifier_ORCID 
primary 'Zou, C.Z.'    1 ? 
primary 'Du, Y.'       2 ? 
primary 'He, Y.-X.'    3 ? 
primary 'Saren, G.'    4 ? 
primary 'Zhang, X.'    5 ? 
primary 'Chen, Y.'     6 ? 
primary 'Zhang, S.-C.' 7 ? 
# 
_cell.entry_id           3LOI 
_cell.length_a           91.541 
_cell.length_b           91.541 
_cell.length_c           173.218 
_cell.angle_alpha        90.00 
_cell.angle_beta         90.00 
_cell.angle_gamma        90.00 
_cell.Z_PDB              16 
_cell.pdbx_unique_axis   ? 
_cell.length_a_esd       ? 
_cell.length_b_esd       ? 
_cell.length_c_esd       ? 
_cell.angle_alpha_esd    ? 
_cell.angle_beta_esd     ? 
_cell.angle_gamma_esd    ? 
# 
_symmetry.entry_id                         3LOI 
_symmetry.space_group_name_H-M             'I 41 2 2' 
_symmetry.pdbx_full_space_group_name_H-M   ? 
_symmetry.cell_setting                     ? 
_symmetry.Int_Tables_number                98 
_symmetry.space_group_name_Hall            ? 
# 
loop_
_entity.id 
_entity.type 
_entity.src_method 
_entity.pdbx_description 
_entity.formula_weight 
_entity.pdbx_number_of_molecules 
_entity.pdbx_ec 
_entity.pdbx_mutation 
_entity.pdbx_fragment 
_entity.details 
1 polymer man 'Putative uncharacterized protein' 19558.209 1   ? ? ? ? 
2 water   nat water                              18.015    173 ? ? ? ? 
# 
_entity_name_com.entity_id   1 
_entity_name_com.name        'cupin superfamily hypothetical BbDUF985' 
# 
_entity_poly.entity_id                      1 
_entity_poly.type                           'polypeptide(L)' 
_entity_poly.nstd_linkage                   no 
_entity_poly.nstd_monomer                   no 
_entity_poly.pdbx_seq_one_letter_code       
;MAATVDTMSEEVKRLIALYELTPHPASGGWFRETYRSDVQVEAEGFDGKRSVLTMIYYLMQAGQPDPFHRVKSDETFVHN
LGGSMKIHMIHPDGSYSCSILGNPLEHPEARHQVVVPRRVWFAQEVDGYCLASVLVAPGFDFKDFSLGKREELIKEYPQH
RDVIMRCTSSDP
;
_entity_poly.pdbx_seq_one_letter_code_can   
;MAATVDTMSEEVKRLIALYELTPHPASGGWFRETYRSDVQVEAEGFDGKRSVLTMIYYLMQAGQPDPFHRVKSDETFVHN
LGGSMKIHMIHPDGSYSCSILGNPLEHPEARHQVVVPRRVWFAQEVDGYCLASVLVAPGFDFKDFSLGKREELIKEYPQH
RDVIMRCTSSDP
;
_entity_poly.pdbx_strand_id                 A 
_entity_poly.pdbx_target_identifier         ? 
# 
loop_
_entity_poly_seq.entity_id 
_entity_poly_seq.num 
_entity_poly_seq.mon_id 
_entity_poly_seq.hetero 
1 1   MET n 
1 2   ALA n 
1 3   ALA n 
1 4   THR n 
1 5   VAL n 
1 6   ASP n 
1 7   THR n 
1 8   MET n 
1 9   SER n 
1 10  GLU n 
1 11  GLU n 
1 12  VAL n 
1 13  LYS n 
1 14  ARG n 
1 15  LEU n 
1 16  ILE n 
1 17  ALA n 
1 18  LEU n 
1 19  TYR n 
1 20  GLU n 
1 21  LEU n 
1 22  THR n 
1 23  PRO n 
1 24  HIS n 
1 25  PRO n 
1 26  ALA n 
1 27  SER n 
1 28  GLY n 
1 29  GLY n 
1 30  TRP n 
1 31  PHE n 
1 32  ARG n 
1 33  GLU n 
1 34  THR n 
1 35  TYR n 
1 36  ARG n 
1 37  SER n 
1 38  ASP n 
1 39  VAL n 
1 40  GLN n 
1 41  VAL n 
1 42  GLU n 
1 43  ALA n 
1 44  GLU n 
1 45  GLY n 
1 46  PHE n 
1 47  ASP n 
1 48  GLY n 
1 49  LYS n 
1 50  ARG n 
1 51  SER n 
1 52  VAL n 
1 53  LEU n 
1 54  THR n 
1 55  MET n 
1 56  ILE n 
1 57  TYR n 
1 58  TYR n 
1 59  LEU n 
1 60  MET n 
1 61  GLN n 
1 62  ALA n 
1 63  GLY n 
1 64  GLN n 
1 65  PRO n 
1 66  ASP n 
1 67  PRO n 
1 68  PHE n 
1 69  HIS n 
1 70  ARG n 
1 71  VAL n 
1 72  LYS n 
1 73  SER n 
1 74  ASP n 
1 75  GLU n 
1 76  THR n 
1 77  PHE n 
1 78  VAL n 
1 79  HIS n 
1 80  ASN n 
1 81  LEU n 
1 82  GLY n 
1 83  GLY n 
1 84  SER n 
1 85  MET n 
1 86  LYS n 
1 87  ILE n 
1 88  HIS n 
1 89  MET n 
1 90  ILE n 
1 91  HIS n 
1 92  PRO n 
1 93  ASP n 
1 94  GLY n 
1 95  SER n 
1 96  TYR n 
1 97  SER n 
1 98  CYS n 
1 99  SER n 
1 100 ILE n 
1 101 LEU n 
1 102 GLY n 
1 103 ASN n 
1 104 PRO n 
1 105 LEU n 
1 106 GLU n 
1 107 HIS n 
1 108 PRO n 
1 109 GLU n 
1 110 ALA n 
1 111 ARG n 
1 112 HIS n 
1 113 GLN n 
1 114 VAL n 
1 115 VAL n 
1 116 VAL n 
1 117 PRO n 
1 118 ARG n 
1 119 ARG n 
1 120 VAL n 
1 121 TRP n 
1 122 PHE n 
1 123 ALA n 
1 124 GLN n 
1 125 GLU n 
1 126 VAL n 
1 127 ASP n 
1 128 GLY n 
1 129 TYR n 
1 130 CYS n 
1 131 LEU n 
1 132 ALA n 
1 133 SER n 
1 134 VAL n 
1 135 LEU n 
1 136 VAL n 
1 137 ALA n 
1 138 PRO n 
1 139 GLY n 
1 140 PHE n 
1 141 ASP n 
1 142 PHE n 
1 143 LYS n 
1 144 ASP n 
1 145 PHE n 
1 146 SER n 
1 147 LEU n 
1 148 GLY n 
1 149 LYS n 
1 150 ARG n 
1 151 GLU n 
1 152 GLU n 
1 153 LEU n 
1 154 ILE n 
1 155 LYS n 
1 156 GLU n 
1 157 TYR n 
1 158 PRO n 
1 159 GLN n 
1 160 HIS n 
1 161 ARG n 
1 162 ASP n 
1 163 VAL n 
1 164 ILE n 
1 165 MET n 
1 166 ARG n 
1 167 CYS n 
1 168 THR n 
1 169 SER n 
1 170 SER n 
1 171 ASP n 
1 172 PRO n 
# 
_entity_src_gen.entity_id                          1 
_entity_src_gen.pdbx_src_id                        1 
_entity_src_gen.pdbx_alt_source_flag               sample 
_entity_src_gen.pdbx_seq_type                      ? 
_entity_src_gen.pdbx_beg_seq_num                   ? 
_entity_src_gen.pdbx_end_seq_num                   ? 
_entity_src_gen.gene_src_common_name               ? 
_entity_src_gen.gene_src_genus                     ? 
_entity_src_gen.pdbx_gene_src_gene                 ? 
_entity_src_gen.gene_src_species                   ? 
_entity_src_gen.gene_src_strain                    ? 
_entity_src_gen.gene_src_tissue                    ? 
_entity_src_gen.gene_src_tissue_fraction           ? 
_entity_src_gen.gene_src_details                   ? 
_entity_src_gen.pdbx_gene_src_fragment             ? 
_entity_src_gen.pdbx_gene_src_scientific_name      'Branchiostoma belcheri tsingtauense' 
_entity_src_gen.pdbx_gene_src_ncbi_taxonomy_id     155462 
_entity_src_gen.pdbx_gene_src_variant              ? 
_entity_src_gen.pdbx_gene_src_cell_line            ? 
_entity_src_gen.pdbx_gene_src_atcc                 ? 
_entity_src_gen.pdbx_gene_src_organ                ? 
_entity_src_gen.pdbx_gene_src_organelle            ? 
_entity_src_gen.pdbx_gene_src_cell                 ? 
_entity_src_gen.pdbx_gene_src_cellular_location    ? 
_entity_src_gen.host_org_common_name               ? 
_entity_src_gen.pdbx_host_org_scientific_name      'Escherichia coli' 
_entity_src_gen.pdbx_host_org_ncbi_taxonomy_id     562 
_entity_src_gen.host_org_genus                     ? 
_entity_src_gen.pdbx_host_org_gene                 ? 
_entity_src_gen.pdbx_host_org_organ                ? 
_entity_src_gen.host_org_species                   ? 
_entity_src_gen.pdbx_host_org_tissue               ? 
_entity_src_gen.pdbx_host_org_tissue_fraction      ? 
_entity_src_gen.pdbx_host_org_strain               'BL21(DE3)' 
_entity_src_gen.pdbx_host_org_variant              ? 
_entity_src_gen.pdbx_host_org_cell_line            ? 
_entity_src_gen.pdbx_host_org_atcc                 ? 
_entity_src_gen.pdbx_host_org_culture_collection   ? 
_entity_src_gen.pdbx_host_org_cell                 ? 
_entity_src_gen.pdbx_host_org_organelle            ? 
_entity_src_gen.pdbx_host_org_cellular_location    ? 
_entity_src_gen.pdbx_host_org_vector_type          plasmid 
_entity_src_gen.pdbx_host_org_vector               ? 
_entity_src_gen.host_org_details                   ? 
_entity_src_gen.expression_system_id               ? 
_entity_src_gen.plasmid_name                       pET28a 
_entity_src_gen.plasmid_details                    ? 
_entity_src_gen.pdbx_description                   ? 
# 
_struct_ref.id                         1 
_struct_ref.db_name                    UNP 
_struct_ref.db_code                    Q6WRH7_BRABE 
_struct_ref.pdbx_db_accession          Q6WRH7 
_struct_ref.entity_id                  1 
_struct_ref.pdbx_seq_one_letter_code   
;MAATVDTMSEEVKRLIALYELTPHPASGGWFRETYRSDVQVEAEGFDGKRSVLTMIYYLMQAGQPDPFHRVKSDETFVHN
LGGSMKIHMIHPDGSYSCSILGNPLEHPEARHQVVVPRRVWFAQEVDGYCLASVLVAPGFDFKDFSLGKREELIKEYPQH
RDVIMRCTSSDP
;
_struct_ref.pdbx_align_begin           1 
_struct_ref.pdbx_db_isoform            ? 
# 
_struct_ref_seq.align_id                      1 
_struct_ref_seq.ref_id                        1 
_struct_ref_seq.pdbx_PDB_id_code              3LOI 
_struct_ref_seq.pdbx_strand_id                A 
_struct_ref_seq.seq_align_beg                 1 
_struct_ref_seq.pdbx_seq_align_beg_ins_code   ? 
_struct_ref_seq.seq_align_end                 172 
_struct_ref_seq.pdbx_seq_align_end_ins_code   ? 
_struct_ref_seq.pdbx_db_accession             Q6WRH7 
_struct_ref_seq.db_align_beg                  1 
_struct_ref_seq.pdbx_db_align_beg_ins_code    ? 
_struct_ref_seq.db_align_end                  172 
_struct_ref_seq.pdbx_db_align_end_ins_code    ? 
_struct_ref_seq.pdbx_auth_seq_align_beg       1 
_struct_ref_seq.pdbx_auth_seq_align_end       172 
# 
loop_
_chem_comp.id 
_chem_comp.type 
_chem_comp.mon_nstd_flag 
_chem_comp.name 
_chem_comp.pdbx_synonyms 
_chem_comp.formula 
_chem_comp.formula_weight 
ALA 'L-peptide linking' y ALANINE         ? 'C3 H7 N O2'     89.093  
ARG 'L-peptide linking' y ARGININE        ? 'C6 H15 N4 O2 1' 175.209 
ASN 'L-peptide linking' y ASPARAGINE      ? 'C4 H8 N2 O3'    132.118 
ASP 'L-peptide linking' y 'ASPARTIC ACID' ? 'C4 H7 N O4'     133.103 
CYS 'L-peptide linking' y CYSTEINE        ? 'C3 H7 N O2 S'   121.158 
GLN 'L-peptide linking' y GLUTAMINE       ? 'C5 H10 N2 O3'   146.144 
GLU 'L-peptide linking' y 'GLUTAMIC ACID' ? 'C5 H9 N O4'     147.129 
GLY 'peptide linking'   y GLYCINE         ? 'C2 H5 N O2'     75.067  
HIS 'L-peptide linking' y HISTIDINE       ? 'C6 H10 N3 O2 1' 156.162 
HOH non-polymer         . WATER           ? 'H2 O'           18.015  
ILE 'L-peptide linking' y ISOLEUCINE      ? 'C6 H13 N O2'    131.173 
LEU 'L-peptide linking' y LEUCINE         ? 'C6 H13 N O2'    131.173 
LYS 'L-peptide linking' y LYSINE          ? 'C6 H15 N2 O2 1' 147.195 
MET 'L-peptide linking' y METHIONINE      ? 'C5 H11 N O2 S'  149.211 
PHE 'L-peptide linking' y PHENYLALANINE   ? 'C9 H11 N O2'    165.189 
PRO 'L-peptide linking' y PROLINE         ? 'C5 H9 N O2'     115.130 
SER 'L-peptide linking' y SERINE          ? 'C3 H7 N O3'     105.093 
THR 'L-peptide linking' y THREONINE       ? 'C4 H9 N O3'     119.119 
TRP 'L-peptide linking' y TRYPTOPHAN      ? 'C11 H12 N2 O2'  204.225 
TYR 'L-peptide linking' y TYROSINE        ? 'C9 H11 N O3'    181.189 
VAL 'L-peptide linking' y VALINE          ? 'C5 H11 N O2'    117.146 
# 
_exptl.entry_id          3LOI 
_exptl.method            'X-RAY DIFFRACTION' 
_exptl.crystals_number   1 
# 
_exptl_crystal.id                    1 
_exptl_crystal.density_meas          ? 
_exptl_crystal.density_Matthews      4.64 
_exptl_crystal.density_percent_sol   73.48 
_exptl_crystal.description           ? 
_exptl_crystal.F_000                 ? 
_exptl_crystal.preparation           ? 
# 
_exptl_crystal_grow.crystal_id      1 
_exptl_crystal_grow.method          'VAPOR DIFFUSION, HANGING DROP' 
_exptl_crystal_grow.temp            289.0 
_exptl_crystal_grow.temp_details    ? 
_exptl_crystal_grow.pH              4.6 
_exptl_crystal_grow.pdbx_details    
'2.0M ammonium sulfate, 0.1M sodium acetate trihydate pH 4.6, VAPOR DIFFUSION, HANGING DROP, temperature 289.0K' 
_exptl_crystal_grow.pdbx_pH_range   . 
# 
_diffrn.id                     1 
_diffrn.ambient_temp           100 
_diffrn.ambient_temp_details   ? 
_diffrn.crystal_id             1 
# 
_diffrn_detector.diffrn_id              1 
_diffrn_detector.detector               CCD 
_diffrn_detector.type                   'MAR CCD 165 mm' 
_diffrn_detector.pdbx_collection_date   2008-01-10 
_diffrn_detector.details                ? 
# 
_diffrn_radiation.diffrn_id                        1 
_diffrn_radiation.wavelength_id                    1 
_diffrn_radiation.pdbx_monochromatic_or_laue_m_l   M 
_diffrn_radiation.monochromator                    ? 
_diffrn_radiation.pdbx_diffrn_protocol             'SINGLE WAVELENGTH' 
_diffrn_radiation.pdbx_scattering_type             x-ray 
# 
_diffrn_radiation_wavelength.id           1 
_diffrn_radiation_wavelength.wavelength   1.0000 
_diffrn_radiation_wavelength.wt           1.0 
# 
_diffrn_source.diffrn_id                   1 
_diffrn_source.source                      SYNCHROTRON 
_diffrn_source.type                        'BSRF BEAMLINE 3W1A' 
_diffrn_source.pdbx_synchrotron_site       BSRF 
_diffrn_source.pdbx_synchrotron_beamline   3W1A 
_diffrn_source.pdbx_wavelength             ? 
_diffrn_source.pdbx_wavelength_list        1.0000 
# 
_reflns.entry_id                     3LOI 
_reflns.observed_criterion_sigma_I   ? 
_reflns.observed_criterion_sigma_F   ? 
_reflns.d_resolution_low             40.00 
_reflns.d_resolution_high            2.10 
_reflns.number_obs                   21913 
_reflns.number_all                   ? 
_reflns.percent_possible_obs         99.9 
_reflns.pdbx_Rmerge_I_obs            0.117 
_reflns.pdbx_Rsym_value              ? 
_reflns.pdbx_netI_over_sigmaI        18.2 
_reflns.B_iso_Wilson_estimate        40.1 
_reflns.pdbx_redundancy              10.0 
_reflns.R_free_details               ? 
_reflns.limit_h_max                  ? 
_reflns.limit_h_min                  ? 
_reflns.limit_k_max                  ? 
_reflns.limit_k_min                  ? 
_reflns.limit_l_max                  ? 
_reflns.limit_l_min                  ? 
_reflns.observed_criterion_F_max     ? 
_reflns.observed_criterion_F_min     ? 
_reflns.pdbx_chi_squared             ? 
_reflns.pdbx_scaling_rejects         ? 
_reflns.pdbx_diffrn_id               1 
_reflns.pdbx_ordinal                 1 
# 
_reflns_shell.d_res_high             2.10 
_reflns_shell.d_res_low              2.14 
_reflns_shell.percent_possible_all   98.5 
_reflns_shell.Rmerge_I_obs           0.577 
_reflns_shell.pdbx_Rsym_value        ? 
_reflns_shell.meanI_over_sigI_obs    2.2 
_reflns_shell.pdbx_redundancy        7.3 
_reflns_shell.percent_possible_obs   ? 
_reflns_shell.number_unique_all      1071 
_reflns_shell.number_measured_all    ? 
_reflns_shell.number_measured_obs    ? 
_reflns_shell.number_unique_obs      ? 
_reflns_shell.pdbx_chi_squared       ? 
_reflns_shell.pdbx_diffrn_id         ? 
_reflns_shell.pdbx_ordinal           1 
# 
_refine.entry_id                                 3LOI 
_refine.ls_number_reflns_obs                     21880 
_refine.ls_number_reflns_all                     ? 
_refine.pdbx_ls_sigma_I                          ? 
_refine.pdbx_ls_sigma_F                          1.34 
_refine.pdbx_data_cutoff_high_absF               ? 
_refine.pdbx_data_cutoff_low_absF                ? 
_refine.pdbx_data_cutoff_high_rms_absF           ? 
_refine.ls_d_res_low                             33.396 
_refine.ls_d_res_high                            2.100 
_refine.ls_percent_reflns_obs                    99.84 
_refine.ls_R_factor_obs                          0.2212 
_refine.ls_R_factor_all                          ? 
_refine.ls_R_factor_R_work                       0.2198 
_refine.ls_R_factor_R_free                       0.2497 
_refine.ls_R_factor_R_free_error                 ? 
_refine.ls_R_factor_R_free_error_details         ? 
_refine.ls_percent_reflns_R_free                 5.13 
_refine.ls_number_reflns_R_free                  1123 
_refine.ls_number_parameters                     ? 
_refine.ls_number_restraints                     ? 
_refine.occupancy_min                            ? 
_refine.occupancy_max                            ? 
_refine.correlation_coeff_Fo_to_Fc               ? 
_refine.correlation_coeff_Fo_to_Fc_free          ? 
_refine.B_iso_mean                               40.6 
_refine.aniso_B[1][1]                            2.5425 
_refine.aniso_B[2][2]                            2.5425 
_refine.aniso_B[3][3]                            -5.0850 
_refine.aniso_B[1][2]                            0.0000 
_refine.aniso_B[1][3]                            0.0000 
_refine.aniso_B[2][3]                            0.0000 
_refine.solvent_model_details                    'FLAT BULK SOLVENT MODEL' 
_refine.solvent_model_param_ksol                 0.333 
_refine.solvent_model_param_bsol                 76.435 
_refine.pdbx_solvent_vdw_probe_radii             1.11 
_refine.pdbx_solvent_ion_probe_radii             ? 
_refine.pdbx_solvent_shrinkage_radii             0.90 
_refine.pdbx_ls_cross_valid_method               THROUGHOUT 
_refine.details                                  ? 
_refine.pdbx_starting_model                      1YUD 
_refine.pdbx_method_to_determine_struct          'MOLECULAR REPLACEMENT' 
_refine.pdbx_isotropic_thermal_model             Isotropic 
_refine.pdbx_stereochemistry_target_values       ML 
_refine.pdbx_stereochem_target_val_spec_case     ? 
_refine.pdbx_R_Free_selection_details            RANDOM 
_refine.pdbx_overall_ESU_R                       ? 
_refine.pdbx_overall_ESU_R_Free                  ? 
_refine.overall_SU_ML                            0.32 
_refine.overall_SU_B                             ? 
_refine.ls_redundancy_reflns_obs                 ? 
_refine.B_iso_min                                ? 
_refine.B_iso_max                                ? 
_refine.overall_SU_R_Cruickshank_DPI             ? 
_refine.overall_SU_R_free                        ? 
_refine.ls_wR_factor_R_free                      ? 
_refine.ls_wR_factor_R_work                      ? 
_refine.overall_FOM_free_R_set                   ? 
_refine.overall_FOM_work_R_set                   ? 
_refine.pdbx_refine_id                           'X-RAY DIFFRACTION' 
_refine.pdbx_overall_phase_error                 ? 
_refine.pdbx_diffrn_id                           1 
_refine.pdbx_TLS_residual_ADP_flag               ? 
_refine.pdbx_overall_SU_R_free_Cruickshank_DPI   ? 
_refine.pdbx_overall_SU_R_Blow_DPI               ? 
_refine.pdbx_overall_SU_R_free_Blow_DPI          ? 
# 
_refine_hist.pdbx_refine_id                   'X-RAY DIFFRACTION' 
_refine_hist.cycle_id                         LAST 
_refine_hist.pdbx_number_atoms_protein        1294 
_refine_hist.pdbx_number_atoms_nucleic_acid   0 
_refine_hist.pdbx_number_atoms_ligand         0 
_refine_hist.number_atoms_solvent             173 
_refine_hist.number_atoms_total               1467 
_refine_hist.d_res_high                       2.100 
_refine_hist.d_res_low                        33.396 
# 
loop_
_refine_ls_restr.type 
_refine_ls_restr.dev_ideal 
_refine_ls_restr.dev_ideal_target 
_refine_ls_restr.weight 
_refine_ls_restr.number 
_refine_ls_restr.pdbx_refine_id 
_refine_ls_restr.pdbx_restraint_function 
f_bond_d           0.009  ? ? 1326 'X-RAY DIFFRACTION' ? 
f_angle_d          1.078  ? ? 1795 'X-RAY DIFFRACTION' ? 
f_dihedral_angle_d 16.661 ? ? 484  'X-RAY DIFFRACTION' ? 
f_chiral_restr     0.080  ? ? 187  'X-RAY DIFFRACTION' ? 
f_plane_restr      0.004  ? ? 235  'X-RAY DIFFRACTION' ? 
# 
loop_
_refine_ls_shell.pdbx_total_number_of_bins_used 
_refine_ls_shell.d_res_high 
_refine_ls_shell.d_res_low 
_refine_ls_shell.number_reflns_R_work 
_refine_ls_shell.R_factor_R_work 
_refine_ls_shell.percent_reflns_obs 
_refine_ls_shell.R_factor_R_free 
_refine_ls_shell.R_factor_R_free_error 
_refine_ls_shell.percent_reflns_R_free 
_refine_ls_shell.number_reflns_R_free 
_refine_ls_shell.number_reflns_all 
_refine_ls_shell.R_factor_all 
_refine_ls_shell.number_reflns_obs 
_refine_ls_shell.redundancy_reflns_obs 
_refine_ls_shell.pdbx_refine_id 
. 2.1002 2.1958  2531 0.2635 99.00  0.3173 . . 145 . . . . 'X-RAY DIFFRACTION' 
. 2.1958 2.3115  2558 0.2340 100.00 0.2514 . . 139 . . . . 'X-RAY DIFFRACTION' 
. 2.3115 2.4563  2548 0.2344 100.00 0.3054 . . 137 . . . . 'X-RAY DIFFRACTION' 
. 2.4563 2.6458  2553 0.2492 100.00 0.2811 . . 149 . . . . 'X-RAY DIFFRACTION' 
. 2.6458 2.9120  2559 0.2403 100.00 0.3191 . . 157 . . . . 'X-RAY DIFFRACTION' 
. 2.9120 3.3330  2593 0.2295 100.00 0.2583 . . 127 . . . . 'X-RAY DIFFRACTION' 
. 3.3330 4.1979  2633 0.1922 100.00 0.2251 . . 144 . . . . 'X-RAY DIFFRACTION' 
. 4.1979 33.4001 2782 0.1972 100.00 0.1839 . . 125 . . . . 'X-RAY DIFFRACTION' 
# 
_struct.entry_id                  3LOI 
_struct.title                     
'Crystal structures of Cupin superfamily BbDUF985 from Branchiostoma belcheri tsingtauense in the apo and GDP-bound forms' 
_struct.pdbx_model_details        ? 
_struct.pdbx_CASP_flag            ? 
_struct.pdbx_model_type_details   ? 
# 
_struct_keywords.entry_id        3LOI 
_struct_keywords.pdbx_keywords   'UNKNOWN FUNCTION' 
_struct_keywords.text            'Beta barrel, UNKNOWN FUNCTION' 
# 
loop_
_struct_asym.id 
_struct_asym.pdbx_blank_PDB_chainid_flag 
_struct_asym.pdbx_modified 
_struct_asym.entity_id 
_struct_asym.details 
A N N 1 ? 
B N N 2 ? 
# 
_struct_biol.id        1 
_struct_biol.details   ? 
# 
loop_
_struct_conf.conf_type_id 
_struct_conf.id 
_struct_conf.pdbx_PDB_helix_id 
_struct_conf.beg_label_comp_id 
_struct_conf.beg_label_asym_id 
_struct_conf.beg_label_seq_id 
_struct_conf.pdbx_beg_PDB_ins_code 
_struct_conf.end_label_comp_id 
_struct_conf.end_label_asym_id 
_struct_conf.end_label_seq_id 
_struct_conf.pdbx_end_PDB_ins_code 
_struct_conf.beg_auth_comp_id 
_struct_conf.beg_auth_asym_id 
_struct_conf.beg_auth_seq_id 
_struct_conf.end_auth_comp_id 
_struct_conf.end_auth_asym_id 
_struct_conf.end_auth_seq_id 
_struct_conf.pdbx_PDB_helix_class 
_struct_conf.details 
_struct_conf.pdbx_PDB_helix_length 
HELX_P HELX_P1 1 GLU A 10  ? TYR A 19  ? GLU A 10  TYR A 19  1 ? 10 
HELX_P HELX_P2 2 ASP A 141 ? PHE A 145 ? ASP A 141 PHE A 145 5 ? 5  
HELX_P HELX_P3 3 LYS A 149 ? TYR A 157 ? LYS A 149 TYR A 157 1 ? 9  
HELX_P HELX_P4 4 HIS A 160 ? CYS A 167 ? HIS A 160 CYS A 167 1 ? 8  
# 
_struct_conf_type.id          HELX_P 
_struct_conf_type.criteria    ? 
_struct_conf_type.reference   ? 
# 
_struct_mon_prot_cis.pdbx_id                1 
_struct_mon_prot_cis.label_comp_id          ALA 
_struct_mon_prot_cis.label_seq_id           137 
_struct_mon_prot_cis.label_asym_id          A 
_struct_mon_prot_cis.label_alt_id           . 
_struct_mon_prot_cis.pdbx_PDB_ins_code      ? 
_struct_mon_prot_cis.auth_comp_id           ALA 
_struct_mon_prot_cis.auth_seq_id            137 
_struct_mon_prot_cis.auth_asym_id           A 
_struct_mon_prot_cis.pdbx_label_comp_id_2   PRO 
_struct_mon_prot_cis.pdbx_label_seq_id_2    138 
_struct_mon_prot_cis.pdbx_label_asym_id_2   A 
_struct_mon_prot_cis.pdbx_PDB_ins_code_2    ? 
_struct_mon_prot_cis.pdbx_auth_comp_id_2    PRO 
_struct_mon_prot_cis.pdbx_auth_seq_id_2     138 
_struct_mon_prot_cis.pdbx_auth_asym_id_2    A 
_struct_mon_prot_cis.pdbx_PDB_model_num     1 
_struct_mon_prot_cis.pdbx_omega_angle       -1.62 
# 
loop_
_struct_sheet.id 
_struct_sheet.type 
_struct_sheet.number_strands 
_struct_sheet.details 
A ? 6 ? 
B ? 2 ? 
C ? 5 ? 
# 
loop_
_struct_sheet_order.sheet_id 
_struct_sheet_order.range_id_1 
_struct_sheet_order.range_id_2 
_struct_sheet_order.offset 
_struct_sheet_order.sense 
A 1 2 ? anti-parallel 
A 2 3 ? anti-parallel 
A 3 4 ? anti-parallel 
A 4 5 ? anti-parallel 
A 5 6 ? anti-parallel 
B 1 2 ? anti-parallel 
C 1 2 ? anti-parallel 
C 2 3 ? anti-parallel 
C 3 4 ? anti-parallel 
C 4 5 ? anti-parallel 
# 
loop_
_struct_sheet_range.sheet_id 
_struct_sheet_range.id 
_struct_sheet_range.beg_label_comp_id 
_struct_sheet_range.beg_label_asym_id 
_struct_sheet_range.beg_label_seq_id 
_struct_sheet_range.pdbx_beg_PDB_ins_code 
_struct_sheet_range.end_label_comp_id 
_struct_sheet_range.end_label_asym_id 
_struct_sheet_range.end_label_seq_id 
_struct_sheet_range.pdbx_end_PDB_ins_code 
_struct_sheet_range.beg_auth_comp_id 
_struct_sheet_range.beg_auth_asym_id 
_struct_sheet_range.beg_auth_seq_id 
_struct_sheet_range.end_auth_comp_id 
_struct_sheet_range.end_auth_asym_id 
_struct_sheet_range.end_auth_seq_id 
A 1 THR A 22  ? PRO A 23  ? THR A 22  PRO A 23  
A 2 TRP A 30  ? ARG A 36  ? TRP A 30  ARG A 36  
A 3 THR A 54  ? GLN A 61  ? THR A 54  GLN A 61  
A 4 TYR A 129 ? ALA A 137 ? TYR A 129 ALA A 137 
A 5 ASP A 74  ? GLY A 82  ? ASP A 74  GLY A 82  
A 6 GLN A 113 ? VAL A 116 ? GLN A 113 VAL A 116 
B 1 GLN A 40  ? VAL A 41  ? GLN A 40  VAL A 41  
B 2 ARG A 50  ? SER A 51  ? ARG A 50  SER A 51  
C 1 TYR A 96  ? LEU A 101 ? TYR A 96  LEU A 101 
C 2 MET A 85  ? ILE A 90  ? MET A 85  ILE A 90  
C 3 TRP A 121 ? VAL A 126 ? TRP A 121 VAL A 126 
C 4 ASP A 66  ? ARG A 70  ? ASP A 66  ARG A 70  
C 5 SER A 146 ? LEU A 147 ? SER A 146 LEU A 147 
# 
loop_
_pdbx_struct_sheet_hbond.sheet_id 
_pdbx_struct_sheet_hbond.range_id_1 
_pdbx_struct_sheet_hbond.range_id_2 
_pdbx_struct_sheet_hbond.range_1_label_atom_id 
_pdbx_struct_sheet_hbond.range_1_label_comp_id 
_pdbx_struct_sheet_hbond.range_1_label_asym_id 
_pdbx_struct_sheet_hbond.range_1_label_seq_id 
_pdbx_struct_sheet_hbond.range_1_PDB_ins_code 
_pdbx_struct_sheet_hbond.range_1_auth_atom_id 
_pdbx_struct_sheet_hbond.range_1_auth_comp_id 
_pdbx_struct_sheet_hbond.range_1_auth_asym_id 
_pdbx_struct_sheet_hbond.range_1_auth_seq_id 
_pdbx_struct_sheet_hbond.range_2_label_atom_id 
_pdbx_struct_sheet_hbond.range_2_label_comp_id 
_pdbx_struct_sheet_hbond.range_2_label_asym_id 
_pdbx_struct_sheet_hbond.range_2_label_seq_id 
_pdbx_struct_sheet_hbond.range_2_PDB_ins_code 
_pdbx_struct_sheet_hbond.range_2_auth_atom_id 
_pdbx_struct_sheet_hbond.range_2_auth_comp_id 
_pdbx_struct_sheet_hbond.range_2_auth_asym_id 
_pdbx_struct_sheet_hbond.range_2_auth_seq_id 
A 1 2 N THR A 22  ? N THR A 22  O PHE A 31  ? O PHE A 31  
A 2 3 N TRP A 30  ? N TRP A 30  O LEU A 59  ? O LEU A 59  
A 3 4 N TYR A 58  ? N TYR A 58  O ALA A 132 ? O ALA A 132 
A 4 5 O LEU A 135 ? O LEU A 135 N THR A 76  ? N THR A 76  
A 5 6 N PHE A 77  ? N PHE A 77  O VAL A 114 ? O VAL A 114 
B 1 2 N VAL A 41  ? N VAL A 41  O ARG A 50  ? O ARG A 50  
C 1 2 O SER A 97  ? O SER A 97  N MET A 89  ? N MET A 89  
C 2 3 N LYS A 86  ? N LYS A 86  O GLU A 125 ? O GLU A 125 
C 3 4 O PHE A 122 ? O PHE A 122 N HIS A 69  ? N HIS A 69  
C 4 5 N ARG A 70  ? N ARG A 70  O SER A 146 ? O SER A 146 
# 
_atom_sites.entry_id                    3LOI 
_atom_sites.fract_transf_matrix[1][1]   0.00307217 
_atom_sites.fract_transf_matrix[1][2]   -0.00995954 
_atom_sites.fract_transf_matrix[1][3]   0.00327156 
_atom_sites.fract_transf_matrix[2][1]   -0.00529757 
_atom_sites.fract_transf_matrix[2][2]   0.00146686 
_atom_sites.fract_transf_matrix[2][3]   0.00944023 
_atom_sites.fract_transf_matrix[3][1]   -0.00478057 
_atom_sites.fract_transf_matrix[3][2]   -0.00224146 
_atom_sites.fract_transf_matrix[3][3]   -0.00233442 
_atom_sites.fract_transf_vector[1]      -0.136194 
_atom_sites.fract_transf_vector[2]      -0.149407 
_atom_sites.fract_transf_vector[3]      -0.172371 
# 
loop_
_atom_type.symbol 
C 
N 
O 
S 
# 
loop_
_atom_site.group_PDB 
_atom_site.id 
_atom_site.type_symbol 
_atom_site.label_atom_id 
_atom_site.label_alt_id 
_atom_site.label_comp_id 
_atom_site.label_asym_id 
_atom_site.label_entity_id 
_atom_site.label_seq_id 
_atom_site.pdbx_PDB_ins_code 
_atom_site.Cartn_x 
_atom_site.Cartn_y 
_atom_site.Cartn_z 
_atom_site.occupancy 
_atom_site.B_iso_or_equiv 
_atom_site.pdbx_formal_charge 
_atom_site.auth_seq_id 
_atom_site.auth_comp_id 
_atom_site.auth_asym_id 
_atom_site.auth_atom_id 
_atom_site.pdbx_PDB_model_num 
ATOM   1    N N   . GLU A 1 10  ? 14.161  10.536  -17.740 1.00 54.94 ? 10  GLU A N   1 
ATOM   2    C CA  . GLU A 1 10  ? 13.198  9.505   -17.396 1.00 49.74 ? 10  GLU A CA  1 
ATOM   3    C C   . GLU A 1 10  ? 11.780  10.064  -17.359 1.00 47.53 ? 10  GLU A C   1 
ATOM   4    O O   . GLU A 1 10  ? 11.565  11.249  -17.089 1.00 45.74 ? 10  GLU A O   1 
ATOM   5    C CB  . GLU A 1 10  ? 13.549  8.852   -16.052 1.00 42.53 ? 10  GLU A CB  1 
ATOM   6    C CG  . GLU A 1 10  ? 14.839  8.045   -16.076 1.00 47.66 ? 10  GLU A CG  1 
ATOM   7    C CD  . GLU A 1 10  ? 15.203  7.466   -14.704 1.00 58.64 ? 10  GLU A CD  1 
ATOM   8    O OE1 . GLU A 1 10  ? 14.560  7.849   -13.706 1.00 63.23 ? 10  GLU A OE1 1 
ATOM   9    O OE2 . GLU A 1 10  ? 16.124  6.623   -14.618 1.00 49.11 ? 10  GLU A OE2 1 
ATOM   10   N N   . GLU A 1 11  ? 10.810  9.205   -17.647 1.00 46.45 ? 11  GLU A N   1 
ATOM   11   C CA  . GLU A 1 11  ? 9.414   9.557   -17.429 1.00 47.72 ? 11  GLU A CA  1 
ATOM   12   C C   . GLU A 1 11  ? 9.175   9.667   -15.934 1.00 35.91 ? 11  GLU A C   1 
ATOM   13   O O   . GLU A 1 11  ? 8.326   10.437  -15.491 1.00 39.01 ? 11  GLU A O   1 
ATOM   14   C CB  . GLU A 1 11  ? 8.481   8.494   -18.011 1.00 47.20 ? 11  GLU A CB  1 
ATOM   15   C CG  . GLU A 1 11  ? 8.448   8.452   -19.518 1.00 54.81 ? 11  GLU A CG  1 
ATOM   16   C CD  . GLU A 1 11  ? 7.459   7.438   -20.043 1.00 53.60 ? 11  GLU A CD  1 
ATOM   17   O OE1 . GLU A 1 11  ? 6.991   6.586   -19.250 1.00 53.44 ? 11  GLU A OE1 1 
ATOM   18   O OE2 . GLU A 1 11  ? 7.146   7.497   -21.253 1.00 68.32 ? 11  GLU A OE2 1 
ATOM   19   N N   . VAL A 1 12  ? 9.924   8.882   -15.164 1.00 35.22 ? 12  VAL A N   1 
ATOM   20   C CA  . VAL A 1 12  ? 9.766   8.860   -13.712 1.00 37.53 ? 12  VAL A CA  1 
ATOM   21   C C   . VAL A 1 12  ? 10.084  10.228  -13.114 1.00 40.27 ? 12  VAL A C   1 
ATOM   22   O O   . VAL A 1 12  ? 9.333   10.754  -12.280 1.00 32.30 ? 12  VAL A O   1 
ATOM   23   C CB  . VAL A 1 12  ? 10.646  7.777   -13.064 1.00 41.66 ? 12  VAL A CB  1 
ATOM   24   C CG1 . VAL A 1 12  ? 10.699  7.952   -11.538 1.00 39.36 ? 12  VAL A CG1 1 
ATOM   25   C CG2 . VAL A 1 12  ? 10.138  6.393   -13.437 1.00 40.58 ? 12  VAL A CG2 1 
ATOM   26   N N   . LYS A 1 13  ? 11.194  10.810  -13.561 1.00 39.18 ? 13  LYS A N   1 
ATOM   27   C CA  . LYS A 1 13  ? 11.619  12.111  -13.067 1.00 38.41 ? 13  LYS A CA  1 
ATOM   28   C C   . LYS A 1 13  ? 10.627  13.222  -13.441 1.00 35.98 ? 13  LYS A C   1 
ATOM   29   O O   . LYS A 1 13  ? 10.358  14.112  -12.633 1.00 35.25 ? 13  LYS A O   1 
ATOM   30   C CB  . LYS A 1 13  ? 13.039  12.432  -13.552 1.00 42.50 ? 13  LYS A CB  1 
ATOM   31   C CG  . LYS A 1 13  ? 13.830  13.294  -12.587 1.00 48.32 ? 13  LYS A CG  1 
ATOM   32   C CD  . LYS A 1 13  ? 15.302  12.913  -12.573 1.00 54.95 ? 13  LYS A CD  1 
ATOM   33   C CE  . LYS A 1 13  ? 15.909  12.992  -13.963 1.00 55.53 ? 13  LYS A CE  1 
ATOM   34   N NZ  . LYS A 1 13  ? 17.297  12.454  -13.980 1.00 66.23 ? 13  LYS A NZ  1 
ATOM   35   N N   . ARG A 1 14  ? 10.077  13.165  -14.655 1.00 33.55 ? 14  ARG A N   1 
ATOM   36   C CA  . ARG A 1 14  ? 9.054   14.129  -15.074 1.00 36.14 ? 14  ARG A CA  1 
ATOM   37   C C   . ARG A 1 14  ? 7.797   14.039  -14.201 1.00 33.62 ? 14  ARG A C   1 
ATOM   38   O O   . ARG A 1 14  ? 7.183   15.061  -13.866 1.00 33.74 ? 14  ARG A O   1 
ATOM   39   C CB  . ARG A 1 14  ? 8.667   13.928  -16.547 1.00 38.29 ? 14  ARG A CB  1 
ATOM   40   C CG  . ARG A 1 14  ? 9.757   14.285  -17.544 1.00 48.41 ? 14  ARG A CG  1 
ATOM   41   C CD  . ARG A 1 14  ? 9.384   13.873  -18.973 1.00 51.21 ? 14  ARG A CD  1 
ATOM   42   N NE  . ARG A 1 14  ? 8.279   14.665  -19.514 1.00 56.28 ? 14  ARG A NE  1 
ATOM   43   C CZ  . ARG A 1 14  ? 7.607   14.351  -20.620 1.00 60.60 ? 14  ARG A CZ  1 
ATOM   44   N NH1 . ARG A 1 14  ? 7.922   13.255  -21.306 1.00 60.85 ? 14  ARG A NH1 1 
ATOM   45   N NH2 . ARG A 1 14  ? 6.611   15.126  -21.040 1.00 53.15 ? 14  ARG A NH2 1 
ATOM   46   N N   . LEU A 1 15  ? 7.412   12.813  -13.846 1.00 31.06 ? 15  LEU A N   1 
ATOM   47   C CA  . LEU A 1 15  ? 6.239   12.587  -12.990 1.00 34.27 ? 15  LEU A CA  1 
ATOM   48   C C   . LEU A 1 15  ? 6.484   13.128  -11.566 1.00 31.36 ? 15  LEU A C   1 
ATOM   49   O O   . LEU A 1 15  ? 5.638   13.831  -10.999 1.00 28.44 ? 15  LEU A O   1 
ATOM   50   C CB  . LEU A 1 15  ? 5.872   11.091  -12.963 1.00 30.07 ? 15  LEU A CB  1 
ATOM   51   C CG  . LEU A 1 15  ? 5.383   10.305  -14.204 1.00 37.88 ? 15  LEU A CG  1 
ATOM   52   C CD1 . LEU A 1 15  ? 5.213   8.809   -13.988 1.00 31.33 ? 15  LEU A CD1 1 
ATOM   53   C CD2 . LEU A 1 15  ? 4.118   10.926  -14.840 1.00 32.28 ? 15  LEU A CD2 1 
ATOM   54   N N   . ILE A 1 16  ? 7.649   12.814  -11.001 1.00 30.24 ? 16  ILE A N   1 
ATOM   55   C CA  . ILE A 1 16  ? 8.021   13.336  -9.680  1.00 29.39 ? 16  ILE A CA  1 
ATOM   56   C C   . ILE A 1 16  ? 7.953   14.870  -9.633  1.00 31.16 ? 16  ILE A C   1 
ATOM   57   O O   . ILE A 1 16  ? 7.386   15.449  -8.701  1.00 29.25 ? 16  ILE A O   1 
ATOM   58   C CB  . ILE A 1 16  ? 9.410   12.834  -9.229  1.00 31.18 ? 16  ILE A CB  1 
ATOM   59   C CG1 . ILE A 1 16  ? 9.335   11.346  -8.884  1.00 30.12 ? 16  ILE A CG1 1 
ATOM   60   C CG2 . ILE A 1 16  ? 9.922   13.658  -8.017  1.00 28.30 ? 16  ILE A CG2 1 
ATOM   61   C CD1 . ILE A 1 16  ? 10.690  10.641  -8.831  1.00 29.81 ? 16  ILE A CD1 1 
ATOM   62   N N   . ALA A 1 17  ? 8.506   15.522  -10.653 1.00 31.61 ? 17  ALA A N   1 
ATOM   63   C CA  . ALA A 1 17  ? 8.462   16.982  -10.741 1.00 31.91 ? 17  ALA A CA  1 
ATOM   64   C C   . ALA A 1 17  ? 7.034   17.541  -10.879 1.00 31.68 ? 17  ALA A C   1 
ATOM   65   O O   . ALA A 1 17  ? 6.633   18.449  -10.142 1.00 29.94 ? 17  ALA A O   1 
ATOM   66   C CB  . ALA A 1 17  ? 9.333   17.465  -11.905 1.00 35.48 ? 17  ALA A CB  1 
ATOM   67   N N   . LEU A 1 18  ? 6.275   17.015  -11.837 1.00 32.43 ? 18  LEU A N   1 
ATOM   68   C CA  . LEU A 1 18  ? 4.939   17.549  -12.112 1.00 32.49 ? 18  LEU A CA  1 
ATOM   69   C C   . LEU A 1 18  ? 3.962   17.410  -10.936 1.00 34.39 ? 18  LEU A C   1 
ATOM   70   O O   . LEU A 1 18  ? 3.239   18.356  -10.608 1.00 33.65 ? 18  LEU A O   1 
ATOM   71   C CB  . LEU A 1 18  ? 4.337   16.909  -13.365 1.00 37.65 ? 18  LEU A CB  1 
ATOM   72   C CG  . LEU A 1 18  ? 3.005   17.580  -13.709 1.00 47.39 ? 18  LEU A CG  1 
ATOM   73   C CD1 . LEU A 1 18  ? 3.234   18.762  -14.647 1.00 46.09 ? 18  LEU A CD1 1 
ATOM   74   C CD2 . LEU A 1 18  ? 2.023   16.594  -14.305 1.00 39.89 ? 18  LEU A CD2 1 
ATOM   75   N N   . TYR A 1 19  ? 3.929   16.232  -10.312 1.00 29.32 ? 19  TYR A N   1 
ATOM   76   C CA  . TYR A 1 19  ? 3.020   15.993  -9.187  1.00 29.78 ? 19  TYR A CA  1 
ATOM   77   C C   . TYR A 1 19  ? 3.665   16.338  -7.821  1.00 34.79 ? 19  TYR A C   1 
ATOM   78   O O   . TYR A 1 19  ? 3.054   16.146  -6.759  1.00 28.10 ? 19  TYR A O   1 
ATOM   79   C CB  . TYR A 1 19  ? 2.488   14.546  -9.215  1.00 29.72 ? 19  TYR A CB  1 
ATOM   80   C CG  . TYR A 1 19  ? 1.508   14.252  -10.364 1.00 27.44 ? 19  TYR A CG  1 
ATOM   81   C CD1 . TYR A 1 19  ? 0.344   15.005  -10.526 1.00 29.09 ? 19  TYR A CD1 1 
ATOM   82   C CD2 . TYR A 1 19  ? 1.745   13.217  -11.271 1.00 28.10 ? 19  TYR A CD2 1 
ATOM   83   C CE1 . TYR A 1 19  ? -0.563  14.745  -11.573 1.00 27.96 ? 19  TYR A CE1 1 
ATOM   84   C CE2 . TYR A 1 19  ? 0.843   12.944  -12.317 1.00 28.10 ? 19  TYR A CE2 1 
ATOM   85   C CZ  . TYR A 1 19  ? -0.309  13.715  -12.463 1.00 31.65 ? 19  TYR A CZ  1 
ATOM   86   O OH  . TYR A 1 19  ? -1.204  13.447  -13.492 1.00 26.63 ? 19  TYR A OH  1 
ATOM   87   N N   . GLU A 1 20  ? 4.894   16.860  -7.857  1.00 29.07 ? 20  GLU A N   1 
ATOM   88   C CA  . GLU A 1 20  ? 5.590   17.314  -6.648  1.00 30.24 ? 20  GLU A CA  1 
ATOM   89   C C   . GLU A 1 20  ? 5.683   16.243  -5.569  1.00 26.40 ? 20  GLU A C   1 
ATOM   90   O O   . GLU A 1 20  ? 5.277   16.477  -4.436  1.00 27.22 ? 20  GLU A O   1 
ATOM   91   C CB  . GLU A 1 20  ? 4.918   18.570  -6.066  1.00 31.74 ? 20  GLU A CB  1 
ATOM   92   C CG  . GLU A 1 20  ? 4.663   19.665  -7.092  1.00 39.88 ? 20  GLU A CG  1 
ATOM   93   C CD  . GLU A 1 20  ? 4.279   20.998  -6.460  1.00 48.20 ? 20  GLU A CD  1 
ATOM   94   O OE1 . GLU A 1 20  ? 5.159   21.666  -5.880  1.00 61.26 ? 20  GLU A OE1 1 
ATOM   95   O OE2 . GLU A 1 20  ? 3.100   21.389  -6.558  1.00 51.62 ? 20  GLU A OE2 1 
ATOM   96   N N   . LEU A 1 21  ? 6.210   15.074  -5.922  1.00 26.85 ? 21  LEU A N   1 
ATOM   97   C CA  . LEU A 1 21  ? 6.344   13.965  -4.970  1.00 29.02 ? 21  LEU A CA  1 
ATOM   98   C C   . LEU A 1 21  ? 7.657   14.034  -4.176  1.00 32.90 ? 21  LEU A C   1 
ATOM   99   O O   . LEU A 1 21  ? 8.629   14.657  -4.619  1.00 30.57 ? 21  LEU A O   1 
ATOM   100  C CB  . LEU A 1 21  ? 6.282   12.622  -5.715  1.00 25.44 ? 21  LEU A CB  1 
ATOM   101  C CG  . LEU A 1 21  ? 5.127   12.437  -6.718  1.00 29.07 ? 21  LEU A CG  1 
ATOM   102  C CD1 . LEU A 1 21  ? 5.233   11.078  -7.415  1.00 25.25 ? 21  LEU A CD1 1 
ATOM   103  C CD2 . LEU A 1 21  ? 3.767   12.607  -6.043  1.00 22.76 ? 21  LEU A CD2 1 
ATOM   104  N N   . THR A 1 22  ? 7.683   13.368  -3.021  1.00 27.66 ? 22  THR A N   1 
ATOM   105  C CA  . THR A 1 22  ? 8.876   13.293  -2.167  1.00 30.35 ? 22  THR A CA  1 
ATOM   106  C C   . THR A 1 22  ? 9.058   11.863  -1.618  1.00 34.68 ? 22  THR A C   1 
ATOM   107  O O   . THR A 1 22  ? 8.090   11.103  -1.540  1.00 34.82 ? 22  THR A O   1 
ATOM   108  C CB  . THR A 1 22  ? 8.754   14.292  -1.000  1.00 38.86 ? 22  THR A CB  1 
ATOM   109  O OG1 . THR A 1 22  ? 10.049  14.543  -0.426  1.00 39.87 ? 22  THR A OG1 1 
ATOM   110  C CG2 . THR A 1 22  ? 7.797   13.753  0.066   1.00 34.53 ? 22  THR A CG2 1 
ATOM   111  N N   . PRO A 1 23  ? 10.296  11.477  -1.245  1.00 34.98 ? 23  PRO A N   1 
ATOM   112  C CA  . PRO A 1 23  ? 10.518  10.110  -0.729  1.00 37.02 ? 23  PRO A CA  1 
ATOM   113  C C   . PRO A 1 23  ? 9.668   9.769   0.505   1.00 41.29 ? 23  PRO A C   1 
ATOM   114  O O   . PRO A 1 23  ? 9.547   10.581  1.424   1.00 37.33 ? 23  PRO A O   1 
ATOM   115  C CB  . PRO A 1 23  ? 12.010  10.103  -0.369  1.00 43.87 ? 23  PRO A CB  1 
ATOM   116  C CG  . PRO A 1 23  ? 12.618  11.200  -1.208  1.00 36.78 ? 23  PRO A CG  1 
ATOM   117  C CD  . PRO A 1 23  ? 11.550  12.253  -1.322  1.00 37.19 ? 23  PRO A CD  1 
ATOM   118  N N   . HIS A 1 24  ? 9.097   8.580   0.519   1.00 40.08 ? 24  HIS A N   1 
ATOM   119  C CA  . HIS A 1 24  ? 8.215   8.131   1.589   1.00 47.04 ? 24  HIS A CA  1 
ATOM   120  C C   . HIS A 1 24  ? 9.012   7.647   2.800   1.00 48.77 ? 24  HIS A C   1 
ATOM   121  O O   . HIS A 1 24  ? 9.922   6.880   2.661   1.00 50.93 ? 24  HIS A O   1 
ATOM   122  C CB  . HIS A 1 24  ? 7.328   7.018   1.053   1.00 49.00 ? 24  HIS A CB  1 
ATOM   123  C CG  . HIS A 1 24  ? 6.269   6.556   1.995   1.00 51.44 ? 24  HIS A CG  1 
ATOM   124  N ND1 . HIS A 1 24  ? 6.056   5.356   2.561   1.00 55.02 ? 24  HIS A ND1 1 
ATOM   125  C CD2 . HIS A 1 24  ? 5.246   7.359   2.420   1.00 57.32 ? 24  HIS A CD2 1 
ATOM   126  C CE1 . HIS A 1 24  ? 4.927   5.460   3.326   1.00 57.59 ? 24  HIS A CE1 1 
ATOM   127  N NE2 . HIS A 1 24  ? 4.459   6.684   3.230   1.00 60.60 ? 24  HIS A NE2 1 
ATOM   128  N N   . PRO A 1 25  ? 8.677   8.131   3.981   1.00 47.39 ? 25  PRO A N   1 
ATOM   129  C CA  . PRO A 1 25  ? 9.494   7.877   5.155   1.00 53.88 ? 25  PRO A CA  1 
ATOM   130  C C   . PRO A 1 25  ? 9.638   6.414   5.397   1.00 61.71 ? 25  PRO A C   1 
ATOM   131  O O   . PRO A 1 25  ? 10.726  5.924   5.581   1.00 62.33 ? 25  PRO A O   1 
ATOM   132  C CB  . PRO A 1 25  ? 8.703   8.514   6.274   1.00 57.92 ? 25  PRO A CB  1 
ATOM   133  C CG  . PRO A 1 25  ? 7.903   9.534   5.636   1.00 57.44 ? 25  PRO A CG  1 
ATOM   134  C CD  . PRO A 1 25  ? 7.580   9.055   4.278   1.00 49.66 ? 25  PRO A CD  1 
ATOM   135  N N   . ALA A 1 26  ? 8.533   5.704   5.356   1.00 57.38 ? 26  ALA A N   1 
ATOM   136  C CA  . ALA A 1 26  ? 8.544   4.313   5.721   1.00 64.04 ? 26  ALA A CA  1 
ATOM   137  C C   . ALA A 1 26  ? 8.628   3.317   4.591   1.00 63.72 ? 26  ALA A C   1 
ATOM   138  O O   . ALA A 1 26  ? 8.166   2.212   4.762   1.00 65.17 ? 26  ALA A O   1 
ATOM   139  C CB  . ALA A 1 26  ? 7.309   4.004   6.583   1.00 64.52 ? 26  ALA A CB  1 
ATOM   140  N N   . SER A 1 27  ? 9.185   3.681   3.447   1.00 67.35 ? 27  SER A N   1 
ATOM   141  C CA  . SER A 1 27  ? 9.178   2.755   2.324   1.00 63.13 ? 27  SER A CA  1 
ATOM   142  C C   . SER A 1 27  ? 10.122  3.134   1.216   1.00 64.31 ? 27  SER A C   1 
ATOM   143  O O   . SER A 1 27  ? 10.943  4.003   1.393   1.00 69.79 ? 27  SER A O   1 
ATOM   144  C CB  . SER A 1 27  ? 7.756   2.535   1.778   1.00 20.00 ? 27  SER A CB  1 
ATOM   145  O OG  . SER A 1 27  ? 7.112   3.711   1.349   1.00 20.00 ? 27  SER A OG  1 
ATOM   146  N N   . GLY A 1 28  ? 10.003  2.481   0.070   1.00 63.01 ? 28  GLY A N   1 
ATOM   147  C CA  . GLY A 1 28  ? 10.906  2.752   -1.034  1.00 63.52 ? 28  GLY A CA  1 
ATOM   148  C C   . GLY A 1 28  ? 10.452  3.682   -2.156  1.00 60.28 ? 28  GLY A C   1 
ATOM   149  O O   . GLY A 1 28  ? 11.249  4.010   -3.007  1.00 61.62 ? 28  GLY A O   1 
ATOM   150  N N   . GLY A 1 29  ? 9.191   4.098   -2.165  1.00 52.71 ? 29  GLY A N   1 
ATOM   151  C CA  . GLY A 1 29  ? 8.617   4.900   -3.216  1.00 44.30 ? 29  GLY A CA  1 
ATOM   152  C C   . GLY A 1 29  ? 8.509   6.379   -2.930  1.00 41.92 ? 29  GLY A C   1 
ATOM   153  O O   . GLY A 1 29  ? 9.120   6.863   -2.017  1.00 39.16 ? 29  GLY A O   1 
ATOM   154  N N   . TRP A 1 30  ? 7.716   7.066   -3.739  1.00 30.77 ? 30  TRP A N   1 
ATOM   155  C CA  . TRP A 1 30  ? 7.550   8.500   -3.713  1.00 28.50 ? 30  TRP A CA  1 
ATOM   156  C C   . TRP A 1 30  ? 6.070   8.838   -3.548  1.00 31.90 ? 30  TRP A C   1 
ATOM   157  O O   . TRP A 1 30  ? 5.256   8.169   -4.108  1.00 28.82 ? 30  TRP A O   1 
ATOM   158  C CB  . TRP A 1 30  ? 8.098   9.092   -5.014  1.00 28.10 ? 30  TRP A CB  1 
ATOM   159  C CG  . TRP A 1 30  ? 9.533   8.776   -5.280  1.00 38.56 ? 30  TRP A CG  1 
ATOM   160  C CD1 . TRP A 1 30  ? 10.038  7.602   -5.675  1.00 37.56 ? 30  TRP A CD1 1 
ATOM   161  C CD2 . TRP A 1 30  ? 10.647  9.658   -5.154  1.00 34.80 ? 30  TRP A CD2 1 
ATOM   162  N NE1 . TRP A 1 30  ? 11.384  7.677   -5.806  1.00 42.78 ? 30  TRP A NE1 1 
ATOM   163  C CE2 . TRP A 1 30  ? 11.785  8.935   -5.485  1.00 39.22 ? 30  TRP A CE2 1 
ATOM   164  C CE3 . TRP A 1 30  ? 10.788  10.990  -4.782  1.00 31.87 ? 30  TRP A CE3 1 
ATOM   165  C CZ2 . TRP A 1 30  ? 13.048  9.496   -5.462  1.00 38.47 ? 30  TRP A CZ2 1 
ATOM   166  C CZ3 . TRP A 1 30  ? 12.031  11.535  -4.773  1.00 34.94 ? 30  TRP A CZ3 1 
ATOM   167  C CH2 . TRP A 1 30  ? 13.143  10.796  -5.102  1.00 35.47 ? 30  TRP A CH2 1 
ATOM   168  N N   . PHE A 1 31  ? 5.734   9.876   -2.800  1.00 25.75 ? 31  PHE A N   1 
ATOM   169  C CA  . PHE A 1 31  ? 4.357   10.188  -2.442  1.00 29.06 ? 31  PHE A CA  1 
ATOM   170  C C   . PHE A 1 31  ? 4.019   11.676  -2.222  1.00 35.71 ? 31  PHE A C   1 
ATOM   171  O O   . PHE A 1 31  ? 4.894   12.486  -2.118  1.00 29.99 ? 31  PHE A O   1 
ATOM   172  C CB  . PHE A 1 31  ? 3.961   9.385   -1.205  1.00 28.83 ? 31  PHE A CB  1 
ATOM   173  C CG  . PHE A 1 31  ? 4.130   10.121  0.079   1.00 36.53 ? 31  PHE A CG  1 
ATOM   174  C CD1 . PHE A 1 31  ? 3.049   10.543  0.789   1.00 34.13 ? 31  PHE A CD1 1 
ATOM   175  C CD2 . PHE A 1 31  ? 5.369   10.381  0.571   1.00 36.34 ? 31  PHE A CD2 1 
ATOM   176  C CE1 . PHE A 1 31  ? 3.197   11.221  1.951   1.00 42.52 ? 31  PHE A CE1 1 
ATOM   177  C CE2 . PHE A 1 31  ? 5.523   11.050  1.725   1.00 39.23 ? 31  PHE A CE2 1 
ATOM   178  C CZ  . PHE A 1 31  ? 4.445   11.469  2.427   1.00 40.31 ? 31  PHE A CZ  1 
ATOM   179  N N   . ARG A 1 32  ? 2.730   11.988  -2.150  1.00 29.68 ? 32  ARG A N   1 
ATOM   180  C CA  . ARG A 1 32  ? 2.179   13.231  -1.618  1.00 26.27 ? 32  ARG A CA  1 
ATOM   181  C C   . ARG A 1 32  ? 0.674   13.068  -1.330  1.00 31.74 ? 32  ARG A C   1 
ATOM   182  O O   . ARG A 1 32  ? -0.025  12.510  -2.118  1.00 27.39 ? 32  ARG A O   1 
ATOM   183  C CB  . ARG A 1 32  ? 2.434   14.428  -2.545  1.00 29.86 ? 32  ARG A CB  1 
ATOM   184  C CG  . ARG A 1 32  ? 1.885   15.771  -2.061  1.00 32.50 ? 32  ARG A CG  1 
ATOM   185  C CD  . ARG A 1 32  ? 2.310   17.003  -2.879  1.00 34.53 ? 32  ARG A CD  1 
ATOM   186  N NE  . ARG A 1 32  ? 1.822   16.992  -4.233  1.00 32.15 ? 32  ARG A NE  1 
ATOM   187  C CZ  . ARG A 1 32  ? 0.635   17.417  -4.617  1.00 35.24 ? 32  ARG A CZ  1 
ATOM   188  N NH1 . ARG A 1 32  ? -0.203  17.924  -3.754  1.00 33.22 ? 32  ARG A NH1 1 
ATOM   189  N NH2 . ARG A 1 32  ? 0.293   17.327  -5.873  1.00 32.46 ? 32  ARG A NH2 1 
ATOM   190  N N   . GLU A 1 33  ? 0.208   13.558  -0.190  1.00 28.79 ? 33  GLU A N   1 
ATOM   191  C CA  . GLU A 1 33  ? -1.228  13.591  0.122   1.00 30.62 ? 33  GLU A CA  1 
ATOM   192  C C   . GLU A 1 33  ? -1.892  14.768  -0.601  1.00 32.56 ? 33  GLU A C   1 
ATOM   193  O O   . GLU A 1 33  ? -1.545  15.925  -0.362  1.00 28.70 ? 33  GLU A O   1 
ATOM   194  C CB  . GLU A 1 33  ? -1.474  13.663  1.645   1.00 29.01 ? 33  GLU A CB  1 
ATOM   195  C CG  . GLU A 1 33  ? -2.959  13.759  2.058   1.00 28.19 ? 33  GLU A CG  1 
ATOM   196  C CD  . GLU A 1 33  ? -3.175  13.827  3.582   1.00 34.98 ? 33  GLU A CD  1 
ATOM   197  O OE1 . GLU A 1 33  ? -3.024  12.800  4.281   1.00 33.62 ? 33  GLU A OE1 1 
ATOM   198  O OE2 . GLU A 1 33  ? -3.523  14.910  4.091   1.00 34.21 ? 33  GLU A OE2 1 
ATOM   199  N N   . THR A 1 34  ? -2.849  14.463  -1.481  1.00 25.93 ? 34  THR A N   1 
ATOM   200  C CA  . THR A 1 34  ? -3.457  15.456  -2.368  1.00 29.30 ? 34  THR A CA  1 
ATOM   201  C C   . THR A 1 34  ? -4.847  15.914  -1.925  1.00 28.93 ? 34  THR A C   1 
ATOM   202  O O   . THR A 1 34  ? -5.324  16.953  -2.371  1.00 32.17 ? 34  THR A O   1 
ATOM   203  C CB  . THR A 1 34  ? -3.598  14.907  -3.816  1.00 31.50 ? 34  THR A CB  1 
ATOM   204  O OG1 . THR A 1 34  ? -4.384  13.705  -3.796  1.00 27.52 ? 34  THR A OG1 1 
ATOM   205  C CG2 . THR A 1 34  ? -2.226  14.608  -4.426  1.00 26.62 ? 34  THR A CG2 1 
ATOM   206  N N   . TYR A 1 35  ? -5.507  15.128  -1.076  1.00 26.72 ? 35  TYR A N   1 
ATOM   207  C CA  . TYR A 1 35  ? -6.885  15.412  -0.670  1.00 27.61 ? 35  TYR A CA  1 
ATOM   208  C C   . TYR A 1 35  ? -7.161  14.889  0.737   1.00 28.67 ? 35  TYR A C   1 
ATOM   209  O O   . TYR A 1 35  ? -6.693  13.801  1.118   1.00 25.90 ? 35  TYR A O   1 
ATOM   210  C CB  . TYR A 1 35  ? -7.902  14.797  -1.659  1.00 25.23 ? 35  TYR A CB  1 
ATOM   211  C CG  . TYR A 1 35  ? -9.351  14.898  -1.188  1.00 28.26 ? 35  TYR A CG  1 
ATOM   212  C CD1 . TYR A 1 35  ? -10.093 16.062  -1.389  1.00 28.62 ? 35  TYR A CD1 1 
ATOM   213  C CD2 . TYR A 1 35  ? -9.973  13.836  -0.533  1.00 28.23 ? 35  TYR A CD2 1 
ATOM   214  C CE1 . TYR A 1 35  ? -11.419 16.165  -0.948  1.00 28.63 ? 35  TYR A CE1 1 
ATOM   215  C CE2 . TYR A 1 35  ? -11.302 13.926  -0.092  1.00 25.60 ? 35  TYR A CE2 1 
ATOM   216  C CZ  . TYR A 1 35  ? -12.021 15.095  -0.306  1.00 28.56 ? 35  TYR A CZ  1 
ATOM   217  O OH  . TYR A 1 35  ? -13.338 15.197  0.124   1.00 24.63 ? 35  TYR A OH  1 
ATOM   218  N N   . ARG A 1 36  ? -7.919  15.675  1.497   1.00 27.65 ? 36  ARG A N   1 
ATOM   219  C CA  . ARG A 1 36  ? -8.333  15.323  2.849   1.00 29.32 ? 36  ARG A CA  1 
ATOM   220  C C   . ARG A 1 36  ? -9.678  15.988  3.129   1.00 33.63 ? 36  ARG A C   1 
ATOM   221  O O   . ARG A 1 36  ? -9.778  17.214  3.160   1.00 32.02 ? 36  ARG A O   1 
ATOM   222  C CB  . ARG A 1 36  ? -7.292  15.781  3.869   1.00 30.69 ? 36  ARG A CB  1 
ATOM   223  C CG  . ARG A 1 36  ? -7.676  15.505  5.314   1.00 30.90 ? 36  ARG A CG  1 
ATOM   224  C CD  . ARG A 1 36  ? -6.448  15.428  6.207   1.00 37.65 ? 36  ARG A CD  1 
ATOM   225  N NE  . ARG A 1 36  ? -6.653  14.539  7.346   1.00 49.95 ? 36  ARG A NE  1 
ATOM   226  C CZ  . ARG A 1 36  ? -5.911  13.467  7.602   1.00 35.32 ? 36  ARG A CZ  1 
ATOM   227  N NH1 . ARG A 1 36  ? -4.907  13.147  6.796   1.00 31.41 ? 36  ARG A NH1 1 
ATOM   228  N NH2 . ARG A 1 36  ? -6.171  12.715  8.661   1.00 37.82 ? 36  ARG A NH2 1 
ATOM   229  N N   . SER A 1 37  ? -10.710 15.173  3.320   1.00 29.39 ? 37  SER A N   1 
ATOM   230  C CA  . SER A 1 37  ? -12.085 15.679  3.449   1.00 28.69 ? 37  SER A CA  1 
ATOM   231  C C   . SER A 1 37  ? -12.363 16.529  4.697   1.00 33.00 ? 37  SER A C   1 
ATOM   232  O O   . SER A 1 37  ? -11.899 16.207  5.796   1.00 30.07 ? 37  SER A O   1 
ATOM   233  C CB  . SER A 1 37  ? -13.084 14.513  3.417   1.00 30.42 ? 37  SER A CB  1 
ATOM   234  O OG  . SER A 1 37  ? -14.410 14.984  3.613   1.00 36.30 ? 37  SER A OG  1 
ATOM   235  N N   . ASP A 1 38  ? -13.158 17.587  4.510   1.00 37.00 ? 38  ASP A N   1 
ATOM   236  C CA  . ASP A 1 38  ? -13.646 18.452  5.593   1.00 40.75 ? 38  ASP A CA  1 
ATOM   237  C C   . ASP A 1 38  ? -14.542 17.700  6.578   1.00 38.67 ? 38  ASP A C   1 
ATOM   238  O O   . ASP A 1 38  ? -14.522 17.965  7.780   1.00 41.83 ? 38  ASP A O   1 
ATOM   239  C CB  . ASP A 1 38  ? -14.482 19.609  5.016   1.00 44.69 ? 38  ASP A CB  1 
ATOM   240  C CG  . ASP A 1 38  ? -13.647 20.632  4.264   1.00 56.61 ? 38  ASP A CG  1 
ATOM   241  O OD1 . ASP A 1 38  ? -12.436 20.766  4.561   1.00 57.56 ? 38  ASP A OD1 1 
ATOM   242  O OD2 . ASP A 1 38  ? -14.214 21.313  3.376   1.00 55.48 ? 38  ASP A OD2 1 
ATOM   243  N N   . VAL A 1 39  ? -15.354 16.787  6.052   1.00 35.05 ? 39  VAL A N   1 
ATOM   244  C CA  . VAL A 1 39  ? -16.343 16.063  6.851   1.00 36.75 ? 39  VAL A CA  1 
ATOM   245  C C   . VAL A 1 39  ? -15.696 15.061  7.822   1.00 38.62 ? 39  VAL A C   1 
ATOM   246  O O   . VAL A 1 39  ? -14.923 14.193  7.412   1.00 36.18 ? 39  VAL A O   1 
ATOM   247  C CB  . VAL A 1 39  ? -17.372 15.340  5.942   1.00 35.92 ? 39  VAL A CB  1 
ATOM   248  C CG1 . VAL A 1 39  ? -18.355 14.543  6.774   1.00 34.47 ? 39  VAL A CG1 1 
ATOM   249  C CG2 . VAL A 1 39  ? -18.106 16.341  5.050   1.00 36.18 ? 39  VAL A CG2 1 
ATOM   250  N N   . GLN A 1 40  ? -16.018 15.189  9.107   1.00 36.71 ? 40  GLN A N   1 
ATOM   251  C CA  . GLN A 1 40  ? -15.439 14.334  10.145  1.00 39.13 ? 40  GLN A CA  1 
ATOM   252  C C   . GLN A 1 40  ? -16.470 13.394  10.767  1.00 43.11 ? 40  GLN A C   1 
ATOM   253  O O   . GLN A 1 40  ? -17.610 13.789  11.004  1.00 44.56 ? 40  GLN A O   1 
ATOM   254  C CB  . GLN A 1 40  ? -14.777 15.183  11.233  1.00 41.79 ? 40  GLN A CB  1 
ATOM   255  C CG  . GLN A 1 40  ? -13.662 16.060  10.700  1.00 42.97 ? 40  GLN A CG  1 
ATOM   256  C CD  . GLN A 1 40  ? -12.429 16.026  11.573  1.00 52.99 ? 40  GLN A CD  1 
ATOM   257  O OE1 . GLN A 1 40  ? -12.470 15.563  12.713  1.00 60.18 ? 40  GLN A OE1 1 
ATOM   258  N NE2 . GLN A 1 40  ? -11.318 16.521  11.043  1.00 58.66 ? 40  GLN A NE2 1 
ATOM   259  N N   . VAL A 1 41  ? -16.062 12.154  11.036  1.00 36.36 ? 41  VAL A N   1 
ATOM   260  C CA  . VAL A 1 41  ? -16.976 11.130  11.541  1.00 39.15 ? 41  VAL A CA  1 
ATOM   261  C C   . VAL A 1 41  ? -16.398 10.363  12.729  1.00 40.34 ? 41  VAL A C   1 
ATOM   262  O O   . VAL A 1 41  ? -15.181 10.311  12.924  1.00 37.12 ? 41  VAL A O   1 
ATOM   263  C CB  . VAL A 1 41  ? -17.341 10.155  10.424  1.00 41.68 ? 41  VAL A CB  1 
ATOM   264  N N   . GLU A 1 42  ? -17.279 9.767   13.525  1.00 40.65 ? 42  GLU A N   1 
ATOM   265  C CA  . GLU A 1 42  ? -16.846 8.903   14.615  1.00 44.84 ? 42  GLU A CA  1 
ATOM   266  C C   . GLU A 1 42  ? -17.151 7.447   14.291  1.00 42.27 ? 42  GLU A C   1 
ATOM   267  O O   . GLU A 1 42  ? -18.171 7.141   13.674  1.00 44.13 ? 42  GLU A O   1 
ATOM   268  C CB  . GLU A 1 42  ? -17.488 9.321   15.937  1.00 50.36 ? 42  GLU A CB  1 
ATOM   269  C CG  . GLU A 1 42  ? -16.555 10.150  16.813  1.00 56.25 ? 42  GLU A CG  1 
ATOM   270  C CD  . GLU A 1 42  ? -17.299 11.156  17.653  1.00 64.93 ? 42  GLU A CD  1 
ATOM   271  O OE1 . GLU A 1 42  ? -18.466 11.455  17.317  1.00 71.67 ? 42  GLU A OE1 1 
ATOM   272  O OE2 . GLU A 1 42  ? -16.722 11.653  18.643  1.00 68.86 ? 42  GLU A OE2 1 
ATOM   273  N N   . ALA A 1 43  ? -16.250 6.556   14.692  1.00 41.31 ? 43  ALA A N   1 
ATOM   274  C CA  . ALA A 1 43  ? -16.357 5.145   14.338  1.00 44.05 ? 43  ALA A CA  1 
ATOM   275  C C   . ALA A 1 43  ? -15.810 4.261   15.455  1.00 39.21 ? 43  ALA A C   1 
ATOM   276  O O   . ALA A 1 43  ? -14.776 4.571   16.055  1.00 36.81 ? 43  ALA A O   1 
ATOM   277  C CB  . ALA A 1 43  ? -15.615 4.874   13.035  1.00 37.58 ? 43  ALA A CB  1 
ATOM   278  N N   . GLU A 1 44  ? -16.504 3.161   15.728  1.00 40.44 ? 44  GLU A N   1 
ATOM   279  C CA  . GLU A 1 44  ? -16.089 2.252   16.796  1.00 43.18 ? 44  GLU A CA  1 
ATOM   280  C C   . GLU A 1 44  ? -14.727 1.628   16.501  1.00 39.23 ? 44  GLU A C   1 
ATOM   281  O O   . GLU A 1 44  ? -14.485 1.149   15.393  1.00 39.42 ? 44  GLU A O   1 
ATOM   282  C CB  . GLU A 1 44  ? -17.136 1.158   17.023  1.00 48.52 ? 44  GLU A CB  1 
ATOM   283  C CG  . GLU A 1 44  ? -16.646 0.060   17.955  1.00 50.65 ? 44  GLU A CG  1 
ATOM   284  C CD  . GLU A 1 44  ? -17.719 -0.424  18.907  1.00 63.13 ? 44  GLU A CD  1 
ATOM   285  O OE1 . GLU A 1 44  ? -18.836 -0.737  18.439  1.00 70.16 ? 44  GLU A OE1 1 
ATOM   286  O OE2 . GLU A 1 44  ? -17.438 -0.493  20.125  1.00 57.03 ? 44  GLU A OE2 1 
ATOM   287  N N   . GLY A 1 45  ? -13.842 1.644   17.494  1.00 38.34 ? 45  GLY A N   1 
ATOM   288  C CA  . GLY A 1 45  ? -12.502 1.105   17.337  1.00 38.12 ? 45  GLY A CA  1 
ATOM   289  C C   . GLY A 1 45  ? -11.445 2.138   16.966  1.00 37.43 ? 45  GLY A C   1 
ATOM   290  O O   . GLY A 1 45  ? -10.250 1.836   16.973  1.00 36.76 ? 45  GLY A O   1 
ATOM   291  N N   . PHE A 1 46  ? -11.882 3.350   16.633  1.00 35.91 ? 46  PHE A N   1 
ATOM   292  C CA  . PHE A 1 46  ? -10.964 4.461   16.379  1.00 36.61 ? 46  PHE A CA  1 
ATOM   293  C C   . PHE A 1 46  ? -10.911 5.403   17.593  1.00 39.50 ? 46  PHE A C   1 
ATOM   294  O O   . PHE A 1 46  ? -11.939 5.722   18.186  1.00 38.79 ? 46  PHE A O   1 
ATOM   295  C CB  . PHE A 1 46  ? -11.384 5.241   15.122  1.00 36.36 ? 46  PHE A CB  1 
ATOM   296  C CG  . PHE A 1 46  ? -11.176 4.482   13.826  1.00 36.29 ? 46  PHE A CG  1 
ATOM   297  C CD1 . PHE A 1 46  ? -10.024 4.669   13.070  1.00 31.81 ? 46  PHE A CD1 1 
ATOM   298  C CD2 . PHE A 1 46  ? -12.135 3.591   13.364  1.00 34.55 ? 46  PHE A CD2 1 
ATOM   299  C CE1 . PHE A 1 46  ? -9.830  3.978   11.882  1.00 33.42 ? 46  PHE A CE1 1 
ATOM   300  C CE2 . PHE A 1 46  ? -11.948 2.894   12.171  1.00 33.08 ? 46  PHE A CE2 1 
ATOM   301  C CZ  . PHE A 1 46  ? -10.794 3.090   11.427  1.00 29.49 ? 46  PHE A CZ  1 
ATOM   302  N N   . ASP A 1 47  ? -9.713  5.843   17.956  1.00 37.64 ? 47  ASP A N   1 
ATOM   303  C CA  . ASP A 1 47  ? -9.542  6.768   19.076  1.00 44.35 ? 47  ASP A CA  1 
ATOM   304  C C   . ASP A 1 47  ? -9.787  8.230   18.664  1.00 42.39 ? 47  ASP A C   1 
ATOM   305  O O   . ASP A 1 47  ? -8.853  8.933   18.278  1.00 39.22 ? 47  ASP A O   1 
ATOM   306  C CB  . ASP A 1 47  ? -8.134  6.614   19.661  1.00 38.23 ? 47  ASP A CB  1 
ATOM   307  C CG  . ASP A 1 47  ? -7.854  7.599   20.781  1.00 46.21 ? 47  ASP A CG  1 
ATOM   308  O OD1 . ASP A 1 47  ? -8.808  8.031   21.465  1.00 45.19 ? 47  ASP A OD1 1 
ATOM   309  O OD2 . ASP A 1 47  ? -6.672  7.942   20.976  1.00 47.91 ? 47  ASP A OD2 1 
ATOM   310  N N   . GLY A 1 48  ? -11.038 8.678   18.740  1.00 42.88 ? 48  GLY A N   1 
ATOM   311  C CA  . GLY A 1 48  ? -11.388 10.039  18.355  1.00 45.61 ? 48  GLY A CA  1 
ATOM   312  C C   . GLY A 1 48  ? -11.943 10.173  16.939  1.00 46.46 ? 48  GLY A C   1 
ATOM   313  O O   . GLY A 1 48  ? -12.015 9.192   16.195  1.00 39.03 ? 48  GLY A O   1 
ATOM   314  N N   . LYS A 1 49  ? -12.329 11.393  16.569  1.00 43.21 ? 49  LYS A N   1 
ATOM   315  C CA  . LYS A 1 49  ? -12.894 11.676  15.246  1.00 42.73 ? 49  LYS A CA  1 
ATOM   316  C C   . LYS A 1 49  ? -11.884 11.507  14.116  1.00 36.07 ? 49  LYS A C   1 
ATOM   317  O O   . LYS A 1 49  ? -10.681 11.653  14.319  1.00 33.59 ? 49  LYS A O   1 
ATOM   318  C CB  . LYS A 1 49  ? -13.458 13.095  15.193  1.00 47.00 ? 49  LYS A CB  1 
ATOM   319  C CG  . LYS A 1 49  ? -14.847 13.241  15.781  1.00 55.40 ? 49  LYS A CG  1 
ATOM   320  C CD  . LYS A 1 49  ? -15.278 14.700  15.792  1.00 60.72 ? 49  LYS A CD  1 
ATOM   321  C CE  . LYS A 1 49  ? -16.700 14.858  16.305  1.00 72.59 ? 49  LYS A CE  1 
ATOM   322  N NZ  . LYS A 1 49  ? -17.089 16.295  16.404  1.00 82.69 ? 49  LYS A NZ  1 
ATOM   323  N N   . ARG A 1 50  ? -12.393 11.215  12.922  1.00 36.08 ? 50  ARG A N   1 
ATOM   324  C CA  . ARG A 1 50  ? -11.552 11.036  11.740  1.00 33.89 ? 50  ARG A CA  1 
ATOM   325  C C   . ARG A 1 50  ? -12.193 11.697  10.518  1.00 33.87 ? 50  ARG A C   1 
ATOM   326  O O   . ARG A 1 50  ? -13.418 11.801  10.424  1.00 32.27 ? 50  ARG A O   1 
ATOM   327  C CB  . ARG A 1 50  ? -11.345 9.541   11.452  1.00 34.54 ? 50  ARG A CB  1 
ATOM   328  C CG  . ARG A 1 50  ? -10.567 8.770   12.522  1.00 31.07 ? 50  ARG A CG  1 
ATOM   329  C CD  . ARG A 1 50  ? -9.073  9.000   12.404  1.00 29.16 ? 50  ARG A CD  1 
ATOM   330  N NE  . ARG A 1 50  ? -8.309  8.213   13.378  1.00 34.54 ? 50  ARG A NE  1 
ATOM   331  C CZ  . ARG A 1 50  ? -8.203  8.518   14.672  1.00 40.61 ? 50  ARG A CZ  1 
ATOM   332  N NH1 . ARG A 1 50  ? -8.824  9.591   15.154  1.00 37.59 ? 50  ARG A NH1 1 
ATOM   333  N NH2 . ARG A 1 50  ? -7.479  7.755   15.491  1.00 38.77 ? 50  ARG A NH2 1 
ATOM   334  N N   . SER A 1 51  ? -11.360 12.141  9.583   1.00 31.76 ? 51  SER A N   1 
ATOM   335  C CA  . SER A 1 51  ? -11.840 12.539  8.270   1.00 31.63 ? 51  SER A CA  1 
ATOM   336  C C   . SER A 1 51  ? -12.485 11.330  7.571   1.00 32.31 ? 51  SER A C   1 
ATOM   337  O O   . SER A 1 51  ? -12.066 10.178  7.757   1.00 29.62 ? 51  SER A O   1 
ATOM   338  C CB  . SER A 1 51  ? -10.689 13.119  7.437   1.00 34.67 ? 51  SER A CB  1 
ATOM   339  O OG  . SER A 1 51  ? -11.039 13.261  6.070   1.00 35.51 ? 51  SER A OG  1 
ATOM   340  N N   . VAL A 1 52  ? -13.526 11.591  6.792   1.00 31.68 ? 52  VAL A N   1 
ATOM   341  C CA  . VAL A 1 52  ? -14.221 10.522  6.083   1.00 29.52 ? 52  VAL A CA  1 
ATOM   342  C C   . VAL A 1 52  ? -13.368 9.864   4.970   1.00 30.04 ? 52  VAL A C   1 
ATOM   343  O O   . VAL A 1 52  ? -13.537 8.674   4.683   1.00 26.14 ? 52  VAL A O   1 
ATOM   344  C CB  . VAL A 1 52  ? -15.595 11.002  5.547   1.00 32.83 ? 52  VAL A CB  1 
ATOM   345  C CG1 . VAL A 1 52  ? -15.441 11.831  4.265   1.00 29.31 ? 52  VAL A CG1 1 
ATOM   346  C CG2 . VAL A 1 52  ? -16.515 9.830   5.325   1.00 35.56 ? 52  VAL A CG2 1 
ATOM   347  N N   . LEU A 1 53  ? -12.441 10.617  4.370   1.00 26.66 ? 53  LEU A N   1 
ATOM   348  C CA  . LEU A 1 53  ? -11.633 10.098  3.246   1.00 26.63 ? 53  LEU A CA  1 
ATOM   349  C C   . LEU A 1 53  ? -10.331 10.886  3.001   1.00 26.55 ? 53  LEU A C   1 
ATOM   350  O O   . LEU A 1 53  ? -10.349 12.114  3.007   1.00 26.67 ? 53  LEU A O   1 
ATOM   351  C CB  . LEU A 1 53  ? -12.475 10.093  1.955   1.00 25.78 ? 53  LEU A CB  1 
ATOM   352  C CG  . LEU A 1 53  ? -11.783 9.683   0.639   1.00 27.72 ? 53  LEU A CG  1 
ATOM   353  C CD1 . LEU A 1 53  ? -11.493 8.180   0.619   1.00 25.23 ? 53  LEU A CD1 1 
ATOM   354  C CD2 . LEU A 1 53  ? -12.596 10.085  -0.614  1.00 26.18 ? 53  LEU A CD2 1 
ATOM   355  N N   . THR A 1 54  ? -9.220  10.176  2.773   1.00 26.04 ? 54  THR A N   1 
ATOM   356  C CA  . THR A 1 54  ? -7.961  10.787  2.310   1.00 25.83 ? 54  THR A CA  1 
ATOM   357  C C   . THR A 1 54  ? -7.423  10.101  1.032   1.00 30.71 ? 54  THR A C   1 
ATOM   358  O O   . THR A 1 54  ? -7.723  8.925   0.786   1.00 26.30 ? 54  THR A O   1 
ATOM   359  C CB  . THR A 1 54  ? -6.857  10.786  3.415   1.00 29.03 ? 54  THR A CB  1 
ATOM   360  O OG1 . THR A 1 54  ? -6.597  9.446   3.859   1.00 26.07 ? 54  THR A OG1 1 
ATOM   361  C CG2 . THR A 1 54  ? -7.281  11.640  4.624   1.00 28.00 ? 54  THR A CG2 1 
ATOM   362  N N   . MET A 1 55  ? -6.633  10.831  0.231   1.00 26.10 ? 55  MET A N   1 
ATOM   363  C CA  . MET A 1 55  ? -6.048  10.311  -1.026  1.00 22.93 ? 55  MET A CA  1 
ATOM   364  C C   . MET A 1 55  ? -4.585  10.762  -1.203  1.00 29.38 ? 55  MET A C   1 
ATOM   365  O O   . MET A 1 55  ? -4.251  11.916  -0.904  1.00 25.78 ? 55  MET A O   1 
ATOM   366  C CB  . MET A 1 55  ? -6.891  10.768  -2.241  1.00 25.29 ? 55  MET A CB  1 
ATOM   367  C CG  . MET A 1 55  ? -6.300  10.465  -3.638  1.00 25.84 ? 55  MET A CG  1 
ATOM   368  S SD  . MET A 1 55  ? -7.457  10.733  -5.046  1.00 25.94 ? 55  MET A SD  1 
ATOM   369  C CE  . MET A 1 55  ? -7.959  12.451  -4.777  1.00 22.74 ? 55  MET A CE  1 
ATOM   370  N N   . ILE A 1 56  ? -3.724  9.855   -1.675  1.00 26.11 ? 56  ILE A N   1 
ATOM   371  C CA  . ILE A 1 56  ? -2.360  10.200  -2.110  1.00 28.47 ? 56  ILE A CA  1 
ATOM   372  C C   . ILE A 1 56  ? -2.077  9.728   -3.552  1.00 31.22 ? 56  ILE A C   1 
ATOM   373  O O   . ILE A 1 56  ? -2.804  8.873   -4.088  1.00 24.23 ? 56  ILE A O   1 
ATOM   374  C CB  . ILE A 1 56  ? -1.272  9.538   -1.198  1.00 28.60 ? 56  ILE A CB  1 
ATOM   375  C CG1 . ILE A 1 56  ? -1.277  8.008   -1.385  1.00 27.36 ? 56  ILE A CG1 1 
ATOM   376  C CG2 . ILE A 1 56  ? -1.471  9.927   0.272   1.00 24.73 ? 56  ILE A CG2 1 
ATOM   377  C CD1 . ILE A 1 56  ? -0.194  7.256   -0.623  1.00 26.80 ? 56  ILE A CD1 1 
ATOM   378  N N   . TYR A 1 57  ? -1.036  10.295  -4.174  1.00 24.02 ? 57  TYR A N   1 
ATOM   379  C CA  . TYR A 1 57  ? -0.313  9.644   -5.280  1.00 24.93 ? 57  TYR A CA  1 
ATOM   380  C C   . TYR A 1 57  ? 0.800   8.774   -4.676  1.00 27.95 ? 57  TYR A C   1 
ATOM   381  O O   . TYR A 1 57  ? 1.397   9.156   -3.660  1.00 25.60 ? 57  TYR A O   1 
ATOM   382  C CB  . TYR A 1 57  ? 0.361   10.670  -6.216  1.00 26.10 ? 57  TYR A CB  1 
ATOM   383  C CG  . TYR A 1 57  ? -0.525  11.306  -7.276  1.00 30.13 ? 57  TYR A CG  1 
ATOM   384  C CD1 . TYR A 1 57  ? -1.058  10.550  -8.325  1.00 27.45 ? 57  TYR A CD1 1 
ATOM   385  C CD2 . TYR A 1 57  ? -0.809  12.666  -7.238  1.00 27.59 ? 57  TYR A CD2 1 
ATOM   386  C CE1 . TYR A 1 57  ? -1.868  11.134  -9.294  1.00 25.01 ? 57  TYR A CE1 1 
ATOM   387  C CE2 . TYR A 1 57  ? -1.619  13.261  -8.202  1.00 30.82 ? 57  TYR A CE2 1 
ATOM   388  C CZ  . TYR A 1 57  ? -2.145  12.488  -9.228  1.00 26.92 ? 57  TYR A CZ  1 
ATOM   389  O OH  . TYR A 1 57  ? -2.943  13.080  -10.177 1.00 27.04 ? 57  TYR A OH  1 
ATOM   390  N N   . TYR A 1 58  ? 1.097   7.632   -5.305  1.00 23.02 ? 58  TYR A N   1 
ATOM   391  C CA  . TYR A 1 58  ? 2.191   6.749   -4.869  1.00 27.10 ? 58  TYR A CA  1 
ATOM   392  C C   . TYR A 1 58  ? 2.898   6.109   -6.063  1.00 31.66 ? 58  TYR A C   1 
ATOM   393  O O   . TYR A 1 58  ? 2.258   5.410   -6.862  1.00 28.57 ? 58  TYR A O   1 
ATOM   394  C CB  . TYR A 1 58  ? 1.682   5.659   -3.910  1.00 31.64 ? 58  TYR A CB  1 
ATOM   395  C CG  . TYR A 1 58  ? 2.787   4.835   -3.257  1.00 35.65 ? 58  TYR A CG  1 
ATOM   396  C CD1 . TYR A 1 58  ? 3.602   5.384   -2.272  1.00 38.32 ? 58  TYR A CD1 1 
ATOM   397  C CD2 . TYR A 1 58  ? 2.999   3.505   -3.612  1.00 39.36 ? 58  TYR A CD2 1 
ATOM   398  C CE1 . TYR A 1 58  ? 4.617   4.640   -1.670  1.00 42.25 ? 58  TYR A CE1 1 
ATOM   399  C CE2 . TYR A 1 58  ? 4.007   2.751   -3.010  1.00 41.65 ? 58  TYR A CE2 1 
ATOM   400  C CZ  . TYR A 1 58  ? 4.815   3.327   -2.045  1.00 44.81 ? 58  TYR A CZ  1 
ATOM   401  O OH  . TYR A 1 58  ? 5.812   2.585   -1.447  1.00 44.50 ? 58  TYR A OH  1 
ATOM   402  N N   . LEU A 1 59  ? 4.208   6.345   -6.186  1.00 26.00 ? 59  LEU A N   1 
ATOM   403  C CA  . LEU A 1 59  ? 4.991   5.855   -7.331  1.00 28.65 ? 59  LEU A CA  1 
ATOM   404  C C   . LEU A 1 59  ? 6.122   4.919   -6.906  1.00 33.00 ? 59  LEU A C   1 
ATOM   405  O O   . LEU A 1 59  ? 6.896   5.253   -6.008  1.00 35.12 ? 59  LEU A O   1 
ATOM   406  C CB  . LEU A 1 59  ? 5.559   7.035   -8.136  1.00 28.44 ? 59  LEU A CB  1 
ATOM   407  C CG  . LEU A 1 59  ? 6.242   6.772   -9.490  1.00 34.52 ? 59  LEU A CG  1 
ATOM   408  C CD1 . LEU A 1 59  ? 6.420   8.082   -10.244 1.00 33.64 ? 59  LEU A CD1 1 
ATOM   409  C CD2 . LEU A 1 59  ? 7.592   6.069   -9.350  1.00 38.98 ? 59  LEU A CD2 1 
ATOM   410  N N   . MET A 1 60  ? 6.224   3.761   -7.562  1.00 29.54 ? 60  MET A N   1 
ATOM   411  C CA  . MET A 1 60  ? 7.197   2.723   -7.186  1.00 36.25 ? 60  MET A CA  1 
ATOM   412  C C   . MET A 1 60  ? 8.168   2.369   -8.314  1.00 38.03 ? 60  MET A C   1 
ATOM   413  O O   . MET A 1 60  ? 7.828   2.461   -9.491  1.00 34.47 ? 60  MET A O   1 
ATOM   414  C CB  . MET A 1 60  ? 6.488   1.425   -6.782  1.00 34.97 ? 60  MET A CB  1 
ATOM   415  C CG  . MET A 1 60  ? 5.855   1.406   -5.409  1.00 41.40 ? 60  MET A CG  1 
ATOM   416  S SD  . MET A 1 60  ? 5.220   -0.256  -5.023  1.00 40.74 ? 60  MET A SD  1 
ATOM   417  C CE  . MET A 1 60  ? 6.741   -1.165  -4.703  1.00 37.57 ? 60  MET A CE  1 
ATOM   418  N N   . GLN A 1 61  ? 9.364   1.916   -7.940  1.00 40.07 ? 61  GLN A N   1 
ATOM   419  C CA  . GLN A 1 61  ? 10.362  1.456   -8.908  1.00 41.54 ? 61  GLN A CA  1 
ATOM   420  C C   . GLN A 1 61  ? 10.864  0.050   -8.589  1.00 41.27 ? 61  GLN A C   1 
ATOM   421  O O   . GLN A 1 61  ? 10.788  -0.404  -7.447  1.00 44.90 ? 61  GLN A O   1 
ATOM   422  C CB  . GLN A 1 61  ? 11.552  2.410   -8.937  1.00 47.37 ? 61  GLN A CB  1 
ATOM   423  C CG  . GLN A 1 61  ? 11.251  3.795   -9.457  1.00 48.28 ? 61  GLN A CG  1 
ATOM   424  C CD  . GLN A 1 61  ? 12.483  4.686   -9.416  1.00 54.17 ? 61  GLN A CD  1 
ATOM   425  O OE1 . GLN A 1 61  ? 12.892  5.155   -8.348  1.00 52.91 ? 61  GLN A OE1 1 
ATOM   426  N NE2 . GLN A 1 61  ? 13.084  4.918   -10.580 1.00 47.62 ? 61  GLN A NE2 1 
ATOM   427  N N   . ALA A 1 62  ? 11.417  -0.611  -9.588  1.00 42.25 ? 62  ALA A N   1 
ATOM   428  C CA  . ALA A 1 62  ? 12.000  -1.932  -9.420  1.00 50.60 ? 62  ALA A CA  1 
ATOM   429  C C   . ALA A 1 62  ? 13.141  -1.983  -8.422  1.00 52.70 ? 62  ALA A C   1 
ATOM   430  O O   . ALA A 1 62  ? 13.914  -1.071  -8.314  1.00 50.01 ? 62  ALA A O   1 
ATOM   431  C CB  . ALA A 1 62  ? 12.452  -2.485  -10.725 1.00 49.47 ? 62  ALA A CB  1 
ATOM   432  N N   . GLY A 1 63  ? 13.201  -3.071  -7.678  1.00 55.20 ? 63  GLY A N   1 
ATOM   433  C CA  . GLY A 1 63  ? 14.259  -3.293  -6.724  1.00 58.36 ? 63  GLY A CA  1 
ATOM   434  C C   . GLY A 1 63  ? 13.982  -2.997  -5.274  1.00 60.21 ? 63  GLY A C   1 
ATOM   435  O O   . GLY A 1 63  ? 14.635  -3.514  -4.412  1.00 63.60 ? 63  GLY A O   1 
ATOM   436  N N   . GLN A 1 64  ? 13.021  -2.152  -4.985  1.00 61.59 ? 64  GLN A N   1 
ATOM   437  C CA  . GLN A 1 64  ? 12.737  -1.835  -3.600  1.00 59.03 ? 64  GLN A CA  1 
ATOM   438  C C   . GLN A 1 64  ? 11.314  -2.120  -3.282  1.00 55.83 ? 64  GLN A C   1 
ATOM   439  O O   . GLN A 1 64  ? 10.443  -1.487  -3.824  1.00 58.08 ? 64  GLN A O   1 
ATOM   440  C CB  . GLN A 1 64  ? 13.011  -0.360  -3.325  1.00 20.00 ? 64  GLN A CB  1 
ATOM   441  C CG  . GLN A 1 64  ? 12.406  0.144   -2.010  1.00 20.00 ? 64  GLN A CG  1 
ATOM   442  C CD  . GLN A 1 64  ? 13.190  -0.285  -0.765  1.00 20.00 ? 64  GLN A CD  1 
ATOM   443  O OE1 . GLN A 1 64  ? 14.408  -0.152  -0.706  1.00 20.00 ? 64  GLN A OE1 1 
ATOM   444  N NE2 . GLN A 1 64  ? 12.480  -0.789  0.232   1.00 20.00 ? 64  GLN A NE2 1 
ATOM   445  N N   . PRO A 1 65  ? 11.068  -3.063  -2.396  1.00 59.30 ? 65  PRO A N   1 
ATOM   446  C CA  . PRO A 1 65  ? 9.699   -3.397  -2.029  1.00 51.39 ? 65  PRO A CA  1 
ATOM   447  C C   . PRO A 1 65  ? 9.143   -2.401  -1.043  1.00 52.28 ? 65  PRO A C   1 
ATOM   448  O O   . PRO A 1 65  ? 9.891   -1.793  -0.336  1.00 56.41 ? 65  PRO A O   1 
ATOM   449  C CB  . PRO A 1 65  ? 9.866   -4.735  -1.359  1.00 52.26 ? 65  PRO A CB  1 
ATOM   450  C CG  . PRO A 1 65  ? 11.003  -5.321  -2.017  1.00 59.76 ? 65  PRO A CG  1 
ATOM   451  C CD  . PRO A 1 65  ? 11.940  -4.234  -2.324  1.00 56.44 ? 65  PRO A CD  1 
ATOM   452  N N   . ASP A 1 66  ? 7.846   -2.228  -0.994  1.00 42.61 ? 66  ASP A N   1 
ATOM   453  C CA  . ASP A 1 66  ? 7.249   -1.532  0.140   1.00 45.93 ? 66  ASP A CA  1 
ATOM   454  C C   . ASP A 1 66  ? 6.991   -2.575  1.240   1.00 45.50 ? 66  ASP A C   1 
ATOM   455  O O   . ASP A 1 66  ? 6.153   -3.463  1.066   1.00 45.19 ? 66  ASP A O   1 
ATOM   456  C CB  . ASP A 1 66  ? 5.948   -0.838  -0.298  1.00 47.79 ? 66  ASP A CB  1 
ATOM   457  C CG  . ASP A 1 66  ? 5.330   0.028   0.799   1.00 51.44 ? 66  ASP A CG  1 
ATOM   458  O OD1 . ASP A 1 66  ? 5.889   0.069   1.915   1.00 54.81 ? 66  ASP A OD1 1 
ATOM   459  O OD2 . ASP A 1 66  ? 4.275   0.662   0.545   1.00 42.53 ? 66  ASP A OD2 1 
ATOM   460  N N   . PRO A 1 67  ? 7.727   -2.487  2.366   1.00 43.44 ? 67  PRO A N   1 
ATOM   461  C CA  . PRO A 1 67  ? 7.728   -3.535  3.405   1.00 41.87 ? 67  PRO A CA  1 
ATOM   462  C C   . PRO A 1 67  ? 6.359   -3.761  4.072   1.00 35.26 ? 67  PRO A C   1 
ATOM   463  O O   . PRO A 1 67  ? 5.521   -2.862  4.054   1.00 33.98 ? 67  PRO A O   1 
ATOM   464  C CB  . PRO A 1 67  ? 8.740   -2.999  4.432   1.00 40.92 ? 67  PRO A CB  1 
ATOM   465  C CG  . PRO A 1 67  ? 8.717   -1.514  4.223   1.00 42.49 ? 67  PRO A CG  1 
ATOM   466  C CD  . PRO A 1 67  ? 8.622   -1.375  2.728   1.00 43.44 ? 67  PRO A CD  1 
ATOM   467  N N   . PHE A 1 68  ? 6.152   -4.939  4.665   1.00 36.92 ? 68  PHE A N   1 
ATOM   468  C CA  . PHE A 1 68  ? 4.882   -5.276  5.323   1.00 34.13 ? 68  PHE A CA  1 
ATOM   469  C C   . PHE A 1 68  ? 4.408   -4.223  6.328   1.00 36.02 ? 68  PHE A C   1 
ATOM   470  O O   . PHE A 1 68  ? 5.172   -3.794  7.205   1.00 34.74 ? 68  PHE A O   1 
ATOM   471  C CB  . PHE A 1 68  ? 4.954   -6.656  5.999   1.00 35.00 ? 68  PHE A CB  1 
ATOM   472  C CG  . PHE A 1 68  ? 4.679   -7.812  5.065   1.00 31.77 ? 68  PHE A CG  1 
ATOM   473  C CD1 . PHE A 1 68  ? 5.711   -8.626  4.619   1.00 32.37 ? 68  PHE A CD1 1 
ATOM   474  C CD2 . PHE A 1 68  ? 3.387   -8.081  4.635   1.00 34.13 ? 68  PHE A CD2 1 
ATOM   475  C CE1 . PHE A 1 68  ? 5.464   -9.690  3.760   1.00 35.49 ? 68  PHE A CE1 1 
ATOM   476  C CE2 . PHE A 1 68  ? 3.127   -9.145  3.774   1.00 34.58 ? 68  PHE A CE2 1 
ATOM   477  C CZ  . PHE A 1 68  ? 4.167   -9.951  3.335   1.00 34.66 ? 68  PHE A CZ  1 
ATOM   478  N N   . HIS A 1 69  ? 3.143   -3.820  6.192   1.00 32.97 ? 69  HIS A N   1 
ATOM   479  C CA  . HIS A 1 69  ? 2.510   -2.852  7.094   1.00 32.40 ? 69  HIS A CA  1 
ATOM   480  C C   . HIS A 1 69  ? 0.992   -3.105  7.217   1.00 33.54 ? 69  HIS A C   1 
ATOM   481  O O   . HIS A 1 69  ? 0.449   -3.943  6.504   1.00 34.33 ? 69  HIS A O   1 
ATOM   482  C CB  . HIS A 1 69  ? 2.810   -1.411  6.645   1.00 34.98 ? 69  HIS A CB  1 
ATOM   483  C CG  . HIS A 1 69  ? 2.427   -1.117  5.225   1.00 34.95 ? 69  HIS A CG  1 
ATOM   484  N ND1 . HIS A 1 69  ? 2.832   -1.668  4.055   1.00 38.40 ? 69  HIS A ND1 1 
ATOM   485  C CD2 . HIS A 1 69  ? 1.516   -0.136  4.889   1.00 34.21 ? 69  HIS A CD2 1 
ATOM   486  C CE1 . HIS A 1 69  ? 2.162   -1.017  3.045   1.00 37.53 ? 69  HIS A CE1 1 
ATOM   487  N NE2 . HIS A 1 69  ? 1.375   -0.098  3.574   1.00 37.27 ? 69  HIS A NE2 1 
ATOM   488  N N   . ARG A 1 70  ? 0.314   -2.374  8.105   1.00 33.28 ? 70  ARG A N   1 
ATOM   489  C CA  . ARG A 1 70  ? -1.079  -2.673  8.466   1.00 33.12 ? 70  ARG A CA  1 
ATOM   490  C C   . ARG A 1 70  ? -1.814  -1.430  8.993   1.00 33.61 ? 70  ARG A C   1 
ATOM   491  O O   . ARG A 1 70  ? -1.209  -0.604  9.675   1.00 33.31 ? 70  ARG A O   1 
ATOM   492  C CB  . ARG A 1 70  ? -1.085  -3.786  9.528   1.00 37.03 ? 70  ARG A CB  1 
ATOM   493  C CG  . ARG A 1 70  ? -2.417  -4.062  10.215  1.00 42.86 ? 70  ARG A CG  1 
ATOM   494  C CD  . ARG A 1 70  ? -2.181  -4.755  11.567  1.00 44.23 ? 70  ARG A CD  1 
ATOM   495  N NE  . ARG A 1 70  ? -3.399  -5.306  12.163  1.00 51.82 ? 70  ARG A NE  1 
ATOM   496  C CZ  . ARG A 1 70  ? -4.263  -4.614  12.913  1.00 56.67 ? 70  ARG A CZ  1 
ATOM   497  N NH1 . ARG A 1 70  ? -4.074  -3.318  13.160  1.00 49.31 ? 70  ARG A NH1 1 
ATOM   498  N NH2 . ARG A 1 70  ? -5.335  -5.222  13.413  1.00 52.60 ? 70  ARG A NH2 1 
ATOM   499  N N   . VAL A 1 71  ? -3.106  -1.295  8.670   1.00 29.04 ? 71  VAL A N   1 
ATOM   500  C CA  . VAL A 1 71  ? -3.943  -0.200  9.190   1.00 30.12 ? 71  VAL A CA  1 
ATOM   501  C C   . VAL A 1 71  ? -5.324  -0.683  9.657   1.00 31.91 ? 71  VAL A C   1 
ATOM   502  O O   . VAL A 1 71  ? -5.638  -1.866  9.551   1.00 35.87 ? 71  VAL A O   1 
ATOM   503  C CB  . VAL A 1 71  ? -4.156  0.923   8.138   1.00 32.58 ? 71  VAL A CB  1 
ATOM   504  C CG1 . VAL A 1 71  ? -2.864  1.709   7.893   1.00 27.69 ? 71  VAL A CG1 1 
ATOM   505  C CG2 . VAL A 1 71  ? -4.713  0.343   6.832   1.00 29.48 ? 71  VAL A CG2 1 
ATOM   506  N N   . LYS A 1 72  ? -6.153  0.242   10.145  1.00 28.32 ? 72  LYS A N   1 
ATOM   507  C CA  . LYS A 1 72  ? -7.503  -0.082  10.631  1.00 30.53 ? 72  LYS A CA  1 
ATOM   508  C C   . LYS A 1 72  ? -8.641  0.120   9.609   1.00 32.38 ? 72  LYS A C   1 
ATOM   509  O O   . LYS A 1 72  ? -9.809  -0.142  9.924   1.00 32.30 ? 72  LYS A O   1 
ATOM   510  C CB  . LYS A 1 72  ? -7.827  0.728   11.894  1.00 32.07 ? 72  LYS A CB  1 
ATOM   511  C CG  . LYS A 1 72  ? -7.000  0.365   13.129  1.00 34.17 ? 72  LYS A CG  1 
ATOM   512  C CD  . LYS A 1 72  ? -7.461  1.182   14.339  1.00 36.36 ? 72  LYS A CD  1 
ATOM   513  C CE  . LYS A 1 72  ? -6.675  0.828   15.599  1.00 38.88 ? 72  LYS A CE  1 
ATOM   514  N NZ  . LYS A 1 72  ? -7.171  1.565   16.799  1.00 41.47 ? 72  LYS A NZ  1 
ATOM   515  N N   . SER A 1 73  ? -8.311  0.586   8.402   1.00 28.65 ? 73  SER A N   1 
ATOM   516  C CA  . SER A 1 73  ? -9.320  0.815   7.352   1.00 28.26 ? 73  SER A CA  1 
ATOM   517  C C   . SER A 1 73  ? -9.066  -0.052  6.114   1.00 27.63 ? 73  SER A C   1 
ATOM   518  O O   . SER A 1 73  ? -7.929  -0.474  5.881   1.00 29.64 ? 73  SER A O   1 
ATOM   519  C CB  . SER A 1 73  ? -9.311  2.290   6.909   1.00 29.43 ? 73  SER A CB  1 
ATOM   520  O OG  . SER A 1 73  ? -9.589  3.184   7.984   1.00 31.86 ? 73  SER A OG  1 
ATOM   521  N N   . ASP A 1 74  ? -10.109 -0.314  5.319   1.00 26.40 ? 74  ASP A N   1 
ATOM   522  C CA  . ASP A 1 74  ? -9.910  -0.841  3.966   1.00 27.72 ? 74  ASP A CA  1 
ATOM   523  C C   . ASP A 1 74  ? -9.038  0.176   3.199   1.00 27.62 ? 74  ASP A C   1 
ATOM   524  O O   . ASP A 1 74  ? -9.217  1.391   3.348   1.00 28.76 ? 74  ASP A O   1 
ATOM   525  C CB  . ASP A 1 74  ? -11.244 -1.020  3.203   1.00 26.76 ? 74  ASP A CB  1 
ATOM   526  C CG  . ASP A 1 74  ? -12.167 -2.103  3.806   1.00 31.07 ? 74  ASP A CG  1 
ATOM   527  O OD1 . ASP A 1 74  ? -11.756 -2.877  4.701   1.00 26.88 ? 74  ASP A OD1 1 
ATOM   528  O OD2 . ASP A 1 74  ? -13.332 -2.176  3.363   1.00 28.20 ? 74  ASP A OD2 1 
ATOM   529  N N   . GLU A 1 75  ? -8.100  -0.314  2.388   1.00 23.77 ? 75  GLU A N   1 
ATOM   530  C CA  . GLU A 1 75  ? -7.264  0.556   1.554   1.00 28.11 ? 75  GLU A CA  1 
ATOM   531  C C   . GLU A 1 75  ? -7.462  0.252   0.058   1.00 28.61 ? 75  GLU A C   1 
ATOM   532  O O   . GLU A 1 75  ? -7.329  -0.898  -0.372  1.00 27.70 ? 75  GLU A O   1 
ATOM   533  C CB  . GLU A 1 75  ? -5.782  0.455   1.971   1.00 30.72 ? 75  GLU A CB  1 
ATOM   534  C CG  . GLU A 1 75  ? -4.892  1.545   1.389   1.00 34.31 ? 75  GLU A CG  1 
ATOM   535  C CD  . GLU A 1 75  ? -3.587  1.754   2.166   1.00 34.87 ? 75  GLU A CD  1 
ATOM   536  O OE1 . GLU A 1 75  ? -2.520  1.648   1.534   1.00 35.12 ? 75  GLU A OE1 1 
ATOM   537  O OE2 . GLU A 1 75  ? -3.622  2.023   3.390   1.00 30.36 ? 75  GLU A OE2 1 
ATOM   538  N N   . THR A 1 76  ? -7.789  1.284   -0.721  1.00 25.91 ? 76  THR A N   1 
ATOM   539  C CA  . THR A 1 76  ? -8.158  1.131   -2.136  1.00 27.30 ? 76  THR A CA  1 
ATOM   540  C C   . THR A 1 76  ? -7.077  1.646   -3.111  1.00 28.17 ? 76  THR A C   1 
ATOM   541  O O   . THR A 1 76  ? -6.810  2.860   -3.166  1.00 26.82 ? 76  THR A O   1 
ATOM   542  C CB  . THR A 1 76  ? -9.524  1.836   -2.432  1.00 28.49 ? 76  THR A CB  1 
ATOM   543  O OG1 . THR A 1 76  ? -10.563 1.244   -1.636  1.00 26.99 ? 76  THR A OG1 1 
ATOM   544  C CG2 . THR A 1 76  ? -9.902  1.731   -3.911  1.00 25.15 ? 76  THR A CG2 1 
ATOM   545  N N   . PHE A 1 77  ? -6.461  0.717   -3.853  1.00 23.94 ? 77  PHE A N   1 
ATOM   546  C CA  . PHE A 1 77  ? -5.459  1.007   -4.896  1.00 24.19 ? 77  PHE A CA  1 
ATOM   547  C C   . PHE A 1 77  ? -6.094  1.157   -6.296  1.00 27.48 ? 77  PHE A C   1 
ATOM   548  O O   . PHE A 1 77  ? -6.890  0.300   -6.710  1.00 23.99 ? 77  PHE A O   1 
ATOM   549  C CB  . PHE A 1 77  ? -4.414  -0.127  -4.970  1.00 24.20 ? 77  PHE A CB  1 
ATOM   550  C CG  . PHE A 1 77  ? -3.387  -0.119  -3.849  1.00 26.15 ? 77  PHE A CG  1 
ATOM   551  C CD1 . PHE A 1 77  ? -2.086  0.331   -4.079  1.00 28.73 ? 77  PHE A CD1 1 
ATOM   552  C CD2 . PHE A 1 77  ? -3.711  -0.589  -2.588  1.00 27.51 ? 77  PHE A CD2 1 
ATOM   553  C CE1 . PHE A 1 77  ? -1.131  0.324   -3.063  1.00 32.15 ? 77  PHE A CE1 1 
ATOM   554  C CE2 . PHE A 1 77  ? -2.760  -0.596  -1.558  1.00 31.63 ? 77  PHE A CE2 1 
ATOM   555  C CZ  . PHE A 1 77  ? -1.473  -0.138  -1.795  1.00 32.42 ? 77  PHE A CZ  1 
ATOM   556  N N   . VAL A 1 78  ? -5.708  2.212   -7.025  1.00 24.13 ? 78  VAL A N   1 
ATOM   557  C CA  . VAL A 1 78  ? -6.193  2.491   -8.388  1.00 22.79 ? 78  VAL A CA  1 
ATOM   558  C C   . VAL A 1 78  ? -5.035  2.800   -9.375  1.00 30.52 ? 78  VAL A C   1 
ATOM   559  O O   . VAL A 1 78  ? -4.207  3.696   -9.117  1.00 24.16 ? 78  VAL A O   1 
ATOM   560  C CB  . VAL A 1 78  ? -7.168  3.696   -8.398  1.00 24.87 ? 78  VAL A CB  1 
ATOM   561  C CG1 . VAL A 1 78  ? -7.827  3.852   -9.777  1.00 24.73 ? 78  VAL A CG1 1 
ATOM   562  C CG2 . VAL A 1 78  ? -8.221  3.554   -7.304  1.00 24.86 ? 78  VAL A CG2 1 
ATOM   563  N N   . HIS A 1 79  ? -4.986  2.079   -10.499 1.00 25.26 ? 79  HIS A N   1 
ATOM   564  C CA  . HIS A 1 79  ? -3.841  2.127   -11.431 1.00 26.62 ? 79  HIS A CA  1 
ATOM   565  C C   . HIS A 1 79  ? -3.928  3.299   -12.428 1.00 29.39 ? 79  HIS A C   1 
ATOM   566  O O   . HIS A 1 79  ? -4.933  3.437   -13.133 1.00 27.83 ? 79  HIS A O   1 
ATOM   567  C CB  . HIS A 1 79  ? -3.727  0.778   -12.176 1.00 29.19 ? 79  HIS A CB  1 
ATOM   568  C CG  . HIS A 1 79  ? -2.484  0.624   -13.009 1.00 28.58 ? 79  HIS A CG  1 
ATOM   569  N ND1 . HIS A 1 79  ? -2.375  1.132   -14.288 1.00 27.09 ? 79  HIS A ND1 1 
ATOM   570  C CD2 . HIS A 1 79  ? -1.307  -0.002  -12.748 1.00 27.14 ? 79  HIS A CD2 1 
ATOM   571  C CE1 . HIS A 1 79  ? -1.176  0.840   -14.773 1.00 31.18 ? 79  HIS A CE1 1 
ATOM   572  N NE2 . HIS A 1 79  ? -0.510  0.155   -13.860 1.00 29.65 ? 79  HIS A NE2 1 
ATOM   573  N N   . ASN A 1 80  ? -2.886  4.141   -12.474 1.00 27.83 ? 80  ASN A N   1 
ATOM   574  C CA  . ASN A 1 80  ? -2.827  5.293   -13.403 1.00 26.35 ? 80  ASN A CA  1 
ATOM   575  C C   . ASN A 1 80  ? -1.913  5.058   -14.625 1.00 29.77 ? 80  ASN A C   1 
ATOM   576  O O   . ASN A 1 80  ? -2.350  5.219   -15.772 1.00 26.32 ? 80  ASN A O   1 
ATOM   577  C CB  . ASN A 1 80  ? -2.366  6.595   -12.698 1.00 24.51 ? 80  ASN A CB  1 
ATOM   578  C CG  . ASN A 1 80  ? -3.354  7.106   -11.626 1.00 29.69 ? 80  ASN A CG  1 
ATOM   579  O OD1 . ASN A 1 80  ? -4.560  7.273   -11.871 1.00 28.10 ? 80  ASN A OD1 1 
ATOM   580  N ND2 . ASN A 1 80  ? -2.825  7.381   -10.432 1.00 20.49 ? 80  ASN A ND2 1 
ATOM   581  N N   . LEU A 1 81  ? -0.644  4.710   -14.375 1.00 30.11 ? 81  LEU A N   1 
ATOM   582  C CA  . LEU A 1 81  ? 0.368   4.544   -15.439 1.00 33.59 ? 81  LEU A CA  1 
ATOM   583  C C   . LEU A 1 81  ? 1.396   3.435   -15.156 1.00 32.17 ? 81  LEU A C   1 
ATOM   584  O O   . LEU A 1 81  ? 1.626   3.066   -14.002 1.00 30.15 ? 81  LEU A O   1 
ATOM   585  C CB  . LEU A 1 81  ? 1.144   5.854   -15.680 1.00 30.86 ? 81  LEU A CB  1 
ATOM   586  C CG  . LEU A 1 81  ? 0.505   7.092   -16.318 1.00 35.89 ? 81  LEU A CG  1 
ATOM   587  C CD1 . LEU A 1 81  ? 1.455   8.289   -16.211 1.00 39.09 ? 81  LEU A CD1 1 
ATOM   588  C CD2 . LEU A 1 81  ? 0.136   6.840   -17.770 1.00 35.98 ? 81  LEU A CD2 1 
ATOM   589  N N   . GLY A 1 82  ? 2.027   2.927   -16.215 1.00 35.74 ? 82  GLY A N   1 
ATOM   590  C CA  . GLY A 1 82  ? 3.173   2.036   -16.072 1.00 35.78 ? 82  GLY A CA  1 
ATOM   591  C C   . GLY A 1 82  ? 2.871   0.545   -16.069 1.00 36.79 ? 82  GLY A C   1 
ATOM   592  O O   . GLY A 1 82  ? 1.819   0.117   -16.545 1.00 33.59 ? 82  GLY A O   1 
ATOM   593  N N   . GLY A 1 83  ? 3.805   -0.248  -15.542 1.00 34.46 ? 83  GLY A N   1 
ATOM   594  C CA  . GLY A 1 83  ? 3.650   -1.694  -15.464 1.00 35.55 ? 83  GLY A CA  1 
ATOM   595  C C   . GLY A 1 83  ? 2.769   -2.175  -14.315 1.00 34.72 ? 83  GLY A C   1 
ATOM   596  O O   . GLY A 1 83  ? 2.169   -1.368  -13.606 1.00 30.94 ? 83  GLY A O   1 
ATOM   597  N N   . SER A 1 84  ? 2.698   -3.496  -14.142 1.00 32.17 ? 84  SER A N   1 
ATOM   598  C CA  . SER A 1 84  ? 1.920   -4.140  -13.075 1.00 32.57 ? 84  SER A CA  1 
ATOM   599  C C   . SER A 1 84  ? 2.552   -4.043  -11.675 1.00 34.01 ? 84  SER A C   1 
ATOM   600  O O   . SER A 1 84  ? 3.762   -3.872  -11.545 1.00 34.59 ? 84  SER A O   1 
ATOM   601  C CB  . SER A 1 84  ? 1.688   -5.618  -13.414 1.00 33.90 ? 84  SER A CB  1 
ATOM   602  O OG  . SER A 1 84  ? 0.786   -5.759  -14.500 1.00 39.14 ? 84  SER A OG  1 
ATOM   603  N N   . MET A 1 85  ? 1.731   -4.161  -10.641 1.00 33.16 ? 85  MET A N   1 
ATOM   604  C CA  . MET A 1 85  ? 2.145   -4.127  -9.255  1.00 30.73 ? 85  MET A CA  1 
ATOM   605  C C   . MET A 1 85  ? 1.580   -5.328  -8.519  1.00 34.48 ? 85  MET A C   1 
ATOM   606  O O   . MET A 1 85  ? 0.412   -5.599  -8.555  1.00 30.26 ? 85  MET A O   1 
ATOM   607  C CB  . MET A 1 85  ? 1.747   -2.815  -8.550  1.00 31.13 ? 85  MET A CB  1 
ATOM   608  C CG  . MET A 1 85  ? 2.031   -2.757  -7.057  1.00 31.82 ? 85  MET A CG  1 
ATOM   609  S SD  . MET A 1 85  ? 1.221   -1.512  -6.031  1.00 36.80 ? 85  MET A SD  1 
ATOM   610  C CE  . MET A 1 85  ? 1.766   -0.080  -6.802  1.00 29.49 ? 85  MET A CE  1 
ATOM   611  N N   . LYS A 1 86  ? 2.478   -6.046  -7.851  1.00 31.88 ? 86  LYS A N   1 
ATOM   612  C CA  . LYS A 1 86  ? 2.117   -7.231  -7.087  1.00 35.26 ? 86  LYS A CA  1 
ATOM   613  C C   . LYS A 1 86  ? 1.882   -6.877  -5.624  1.00 33.61 ? 86  LYS A C   1 
ATOM   614  O O   . LYS A 1 86  ? 2.755   -6.328  -4.953  1.00 34.32 ? 86  LYS A O   1 
ATOM   615  C CB  . LYS A 1 86  ? 3.210   -8.295  -7.200  1.00 41.28 ? 86  LYS A CB  1 
ATOM   616  C CG  . LYS A 1 86  ? 3.054   -9.451  -6.224  1.00 53.06 ? 86  LYS A CG  1 
ATOM   617  C CD  . LYS A 1 86  ? 4.221   -10.420 -6.325  1.00 62.20 ? 86  LYS A CD  1 
ATOM   618  C CE  . LYS A 1 86  ? 3.953   -11.501 -7.359  1.00 66.81 ? 86  LYS A CE  1 
ATOM   619  N NZ  . LYS A 1 86  ? 3.470   -10.930 -8.647  1.00 70.64 ? 86  LYS A NZ  1 
ATOM   620  N N   . ILE A 1 87  ? 0.687   -7.196  -5.142  1.00 30.59 ? 87  ILE A N   1 
ATOM   621  C CA  . ILE A 1 87  ? 0.293   -6.909  -3.777  1.00 30.66 ? 87  ILE A CA  1 
ATOM   622  C C   . ILE A 1 87  ? 0.165   -8.175  -2.914  1.00 35.56 ? 87  ILE A C   1 
ATOM   623  O O   . ILE A 1 87  ? -0.756  -8.925  -3.090  1.00 32.25 ? 87  ILE A O   1 
ATOM   624  C CB  . ILE A 1 87  ? -1.012  -6.056  -3.731  1.00 31.83 ? 87  ILE A CB  1 
ATOM   625  C CG1 . ILE A 1 87  ? -0.834  -4.757  -4.504  1.00 32.32 ? 87  ILE A CG1 1 
ATOM   626  C CG2 . ILE A 1 87  ? -1.400  -5.743  -2.324  1.00 30.23 ? 87  ILE A CG2 1 
ATOM   627  C CD1 . ILE A 1 87  ? -2.037  -3.920  -4.638  1.00 28.51 ? 87  ILE A CD1 1 
ATOM   628  N N   . HIS A 1 88  ? 1.105   -8.377  -1.995  1.00 32.67 ? 88  HIS A N   1 
ATOM   629  C CA  . HIS A 1 88  ? 1.120   -9.536  -1.091  1.00 35.76 ? 88  HIS A CA  1 
ATOM   630  C C   . HIS A 1 88  ? 0.225   -9.316  0.126   1.00 35.69 ? 88  HIS A C   1 
ATOM   631  O O   . HIS A 1 88  ? 0.261   -8.239  0.732   1.00 32.17 ? 88  HIS A O   1 
ATOM   632  C CB  . HIS A 1 88  ? 2.547   -9.820  -0.587  1.00 32.71 ? 88  HIS A CB  1 
ATOM   633  C CG  . HIS A 1 88  ? 3.533   -10.142 -1.667  1.00 38.38 ? 88  HIS A CG  1 
ATOM   634  N ND1 . HIS A 1 88  ? 3.691   -11.250 -2.430  1.00 43.17 ? 88  HIS A ND1 1 
ATOM   635  C CD2 . HIS A 1 88  ? 4.536   -9.272  -2.049  1.00 38.47 ? 88  HIS A CD2 1 
ATOM   636  C CE1 . HIS A 1 88  ? 4.766   -11.025 -3.257  1.00 40.02 ? 88  HIS A CE1 1 
ATOM   637  N NE2 . HIS A 1 88  ? 5.257   -9.825  -3.007  1.00 45.56 ? 88  HIS A NE2 1 
ATOM   638  N N   . MET A 1 89  ? -0.546  -10.338 0.504   1.00 32.06 ? 89  MET A N   1 
ATOM   639  C CA  . MET A 1 89  ? -1.414  -10.266 1.687   1.00 31.95 ? 89  MET A CA  1 
ATOM   640  C C   . MET A 1 89  ? -1.292  -11.489 2.619   1.00 38.45 ? 89  MET A C   1 
ATOM   641  O O   . MET A 1 89  ? -1.359  -12.640 2.172   1.00 38.14 ? 89  MET A O   1 
ATOM   642  C CB  . MET A 1 89  ? -2.888  -10.119 1.280   1.00 31.71 ? 89  MET A CB  1 
ATOM   643  C CG  . MET A 1 89  ? -3.218  -8.936  0.354   1.00 34.53 ? 89  MET A CG  1 
ATOM   644  S SD  . MET A 1 89  ? -5.003  -8.813  0.012   1.00 34.32 ? 89  MET A SD  1 
ATOM   645  C CE  . MET A 1 89  ? -5.002  -8.065  -1.614  1.00 31.33 ? 89  MET A CE  1 
ATOM   646  N N   . ILE A 1 90  ? -1.136  -11.229 3.916   1.00 34.09 ? 90  ILE A N   1 
ATOM   647  C CA  . ILE A 1 90  ? -1.235  -12.268 4.943   1.00 35.66 ? 90  ILE A CA  1 
ATOM   648  C C   . ILE A 1 90  ? -2.414  -11.982 5.880   1.00 38.64 ? 90  ILE A C   1 
ATOM   649  O O   . ILE A 1 90  ? -2.379  -11.033 6.666   1.00 36.41 ? 90  ILE A O   1 
ATOM   650  C CB  . ILE A 1 90  ? 0.058   -12.382 5.772   1.00 36.10 ? 90  ILE A CB  1 
ATOM   651  C CG1 . ILE A 1 90  ? 1.240   -12.797 4.881   1.00 32.49 ? 90  ILE A CG1 1 
ATOM   652  C CG2 . ILE A 1 90  ? -0.142  -13.363 6.929   1.00 38.91 ? 90  ILE A CG2 1 
ATOM   653  C CD1 . ILE A 1 90  ? 2.582   -12.821 5.605   1.00 35.82 ? 90  ILE A CD1 1 
ATOM   654  N N   . HIS A 1 91  ? -3.454  -12.810 5.794   1.00 37.05 ? 91  HIS A N   1 
ATOM   655  C CA  . HIS A 1 91  ? -4.698  -12.594 6.539   1.00 41.09 ? 91  HIS A CA  1 
ATOM   656  C C   . HIS A 1 91  ? -4.613  -13.104 7.984   1.00 45.78 ? 91  HIS A C   1 
ATOM   657  O O   . HIS A 1 91  ? -3.740  -13.907 8.311   1.00 45.30 ? 91  HIS A O   1 
ATOM   658  C CB  . HIS A 1 91  ? -5.871  -13.260 5.801   1.00 44.14 ? 91  HIS A CB  1 
ATOM   659  C CG  . HIS A 1 91  ? -5.986  -12.852 4.362   1.00 40.39 ? 91  HIS A CG  1 
ATOM   660  N ND1 . HIS A 1 91  ? -6.859  -11.876 3.934   1.00 40.04 ? 91  HIS A ND1 1 
ATOM   661  C CD2 . HIS A 1 91  ? -5.331  -13.282 3.258   1.00 41.53 ? 91  HIS A CD2 1 
ATOM   662  C CE1 . HIS A 1 91  ? -6.737  -11.722 2.626   1.00 39.88 ? 91  HIS A CE1 1 
ATOM   663  N NE2 . HIS A 1 91  ? -5.814  -12.563 2.190   1.00 38.55 ? 91  HIS A NE2 1 
ATOM   664  N N   . PRO A 1 92  ? -5.527  -12.637 8.854   1.00 48.56 ? 92  PRO A N   1 
ATOM   665  C CA  . PRO A 1 92  ? -5.538  -12.978 10.285  1.00 51.43 ? 92  PRO A CA  1 
ATOM   666  C C   . PRO A 1 92  ? -5.531  -14.484 10.589  1.00 56.06 ? 92  PRO A C   1 
ATOM   667  O O   . PRO A 1 92  ? -4.984  -14.888 11.617  1.00 56.19 ? 92  PRO A O   1 
ATOM   668  C CB  . PRO A 1 92  ? -6.843  -12.347 10.782  1.00 52.68 ? 92  PRO A CB  1 
ATOM   669  C CG  . PRO A 1 92  ? -7.067  -11.200 9.863   1.00 53.31 ? 92  PRO A CG  1 
ATOM   670  C CD  . PRO A 1 92  ? -6.587  -11.670 8.516   1.00 49.61 ? 92  PRO A CD  1 
ATOM   671  N N   . ASP A 1 93  ? -6.126  -15.297 9.718   1.00 54.40 ? 93  ASP A N   1 
ATOM   672  C CA  . ASP A 1 93  ? -6.153  -16.741 9.942   1.00 52.51 ? 93  ASP A CA  1 
ATOM   673  C C   . ASP A 1 93  ? -4.887  -17.443 9.438   1.00 54.00 ? 93  ASP A C   1 
ATOM   674  O O   . ASP A 1 93  ? -4.805  -18.674 9.452   1.00 51.45 ? 93  ASP A O   1 
ATOM   675  C CB  . ASP A 1 93  ? -7.407  -17.375 9.321   1.00 52.04 ? 93  ASP A CB  1 
ATOM   676  C CG  . ASP A 1 93  ? -7.351  -17.429 7.801   1.00 58.01 ? 93  ASP A CG  1 
ATOM   677  O OD1 . ASP A 1 93  ? -8.281  -18.002 7.194   1.00 61.54 ? 93  ASP A OD1 1 
ATOM   678  O OD2 . ASP A 1 93  ? -6.383  -16.902 7.209   1.00 52.28 ? 93  ASP A OD2 1 
ATOM   679  N N   . GLY A 1 94  ? -3.909  -16.661 8.988   1.00 47.80 ? 94  GLY A N   1 
ATOM   680  C CA  . GLY A 1 94  ? -2.635  -17.212 8.556   1.00 42.93 ? 94  GLY A CA  1 
ATOM   681  C C   . GLY A 1 94  ? -2.527  -17.568 7.080   1.00 44.86 ? 94  GLY A C   1 
ATOM   682  O O   . GLY A 1 94  ? -1.465  -17.994 6.624   1.00 44.75 ? 94  GLY A O   1 
ATOM   683  N N   . SER A 1 95  ? -3.611  -17.401 6.325   1.00 42.23 ? 95  SER A N   1 
ATOM   684  C CA  . SER A 1 95  ? -3.574  -17.669 4.884   1.00 45.05 ? 95  SER A CA  1 
ATOM   685  C C   . SER A 1 95  ? -2.908  -16.525 4.112   1.00 41.84 ? 95  SER A C   1 
ATOM   686  O O   . SER A 1 95  ? -2.921  -15.379 4.564   1.00 41.50 ? 95  SER A O   1 
ATOM   687  C CB  . SER A 1 95  ? -4.978  -17.941 4.336   1.00 47.54 ? 95  SER A CB  1 
ATOM   688  O OG  . SER A 1 95  ? -5.855  -16.860 4.598   1.00 47.44 ? 95  SER A OG  1 
ATOM   689  N N   . TYR A 1 96  ? -2.320  -16.852 2.961   1.00 40.18 ? 96  TYR A N   1 
ATOM   690  C CA  . TYR A 1 96  ? -1.647  -15.877 2.097   1.00 41.00 ? 96  TYR A CA  1 
ATOM   691  C C   . TYR A 1 96  ? -2.340  -15.777 0.739   1.00 44.89 ? 96  TYR A C   1 
ATOM   692  O O   . TYR A 1 96  ? -2.775  -16.793 0.190   1.00 42.03 ? 96  TYR A O   1 
ATOM   693  C CB  . TYR A 1 96  ? -0.168  -16.258 1.893   1.00 42.01 ? 96  TYR A CB  1 
ATOM   694  C CG  . TYR A 1 96  ? 0.505   -15.555 0.715   1.00 42.65 ? 96  TYR A CG  1 
ATOM   695  C CD1 . TYR A 1 96  ? 1.277   -14.407 0.903   1.00 40.44 ? 96  TYR A CD1 1 
ATOM   696  C CD2 . TYR A 1 96  ? 0.362   -16.038 -0.583  1.00 40.71 ? 96  TYR A CD2 1 
ATOM   697  C CE1 . TYR A 1 96  ? 1.882   -13.762 -0.171  1.00 37.50 ? 96  TYR A CE1 1 
ATOM   698  C CE2 . TYR A 1 96  ? 0.958   -15.402 -1.660  1.00 41.23 ? 96  TYR A CE2 1 
ATOM   699  C CZ  . TYR A 1 96  ? 1.716   -14.265 -1.448  1.00 40.49 ? 96  TYR A CZ  1 
ATOM   700  O OH  . TYR A 1 96  ? 2.305   -13.641 -2.521  1.00 41.12 ? 96  TYR A OH  1 
ATOM   701  N N   . SER A 1 97  ? -2.446  -14.555 0.207   1.00 41.33 ? 97  SER A N   1 
ATOM   702  C CA  . SER A 1 97  ? -2.932  -14.338 -1.163  1.00 40.41 ? 97  SER A CA  1 
ATOM   703  C C   . SER A 1 97  ? -2.166  -13.217 -1.876  1.00 39.82 ? 97  SER A C   1 
ATOM   704  O O   . SER A 1 97  ? -1.394  -12.483 -1.253  1.00 34.72 ? 97  SER A O   1 
ATOM   705  C CB  . SER A 1 97  ? -4.449  -14.083 -1.207  1.00 40.28 ? 97  SER A CB  1 
ATOM   706  O OG  . SER A 1 97  ? -4.804  -12.851 -0.601  1.00 40.43 ? 97  SER A OG  1 
ATOM   707  N N   . CYS A 1 98  ? -2.380  -13.099 -3.186  1.00 38.15 ? 98  CYS A N   1 
ATOM   708  C CA  . CYS A 1 98  ? -1.660  -12.124 -4.004  1.00 41.41 ? 98  CYS A CA  1 
ATOM   709  C C   . CYS A 1 98  ? -2.562  -11.564 -5.110  1.00 44.33 ? 98  CYS A C   1 
ATOM   710  O O   . CYS A 1 98  ? -3.102  -12.324 -5.915  1.00 45.55 ? 98  CYS A O   1 
ATOM   711  C CB  . CYS A 1 98  ? -0.422  -12.783 -4.622  1.00 42.13 ? 98  CYS A CB  1 
ATOM   712  S SG  . CYS A 1 98  ? 0.620   -11.697 -5.624  1.00 54.58 ? 98  CYS A SG  1 
ATOM   713  N N   . SER A 1 99  ? -2.729  -10.242 -5.139  1.00 36.79 ? 99  SER A N   1 
ATOM   714  C CA  . SER A 1 99  ? -3.526  -9.576  -6.176  1.00 36.38 ? 99  SER A CA  1 
ATOM   715  C C   . SER A 1 99  ? -2.648  -8.763  -7.134  1.00 34.94 ? 99  SER A C   1 
ATOM   716  O O   . SER A 1 99  ? -1.688  -8.119  -6.702  1.00 31.48 ? 99  SER A O   1 
ATOM   717  C CB  . SER A 1 99  ? -4.566  -8.638  -5.546  1.00 39.33 ? 99  SER A CB  1 
ATOM   718  O OG  . SER A 1 99  ? -5.592  -9.344  -4.868  1.00 37.61 ? 99  SER A OG  1 
ATOM   719  N N   . ILE A 1 100 ? -3.000  -8.767  -8.420  1.00 28.97 ? 100 ILE A N   1 
ATOM   720  C CA  . ILE A 1 100 ? -2.259  -8.011  -9.434  1.00 31.59 ? 100 ILE A CA  1 
ATOM   721  C C   . ILE A 1 100 ? -2.984  -6.732  -9.905  1.00 34.79 ? 100 ILE A C   1 
ATOM   722  O O   . ILE A 1 100 ? -4.060  -6.797  -10.518 1.00 31.41 ? 100 ILE A O   1 
ATOM   723  C CB  . ILE A 1 100 ? -1.928  -8.889  -10.677 1.00 36.40 ? 100 ILE A CB  1 
ATOM   724  C CG1 . ILE A 1 100 ? -1.362  -10.251 -10.256 1.00 38.23 ? 100 ILE A CG1 1 
ATOM   725  C CG2 . ILE A 1 100 ? -0.954  -8.170  -11.598 1.00 32.90 ? 100 ILE A CG2 1 
ATOM   726  C CD1 . ILE A 1 100 ? -0.034  -10.159 -9.525  1.00 41.98 ? 100 ILE A CD1 1 
ATOM   727  N N   . LEU A 1 101 ? -2.377  -5.578  -9.628  1.00 27.14 ? 101 LEU A N   1 
ATOM   728  C CA  . LEU A 1 101 ? -2.908  -4.284  -10.059 1.00 25.28 ? 101 LEU A CA  1 
ATOM   729  C C   . LEU A 1 101 ? -2.279  -3.887  -11.398 1.00 28.12 ? 101 LEU A C   1 
ATOM   730  O O   . LEU A 1 101 ? -1.056  -3.871  -11.519 1.00 30.69 ? 101 LEU A O   1 
ATOM   731  C CB  . LEU A 1 101 ? -2.613  -3.212  -9.003  1.00 27.36 ? 101 LEU A CB  1 
ATOM   732  C CG  . LEU A 1 101 ? -3.082  -1.779  -9.277  1.00 28.17 ? 101 LEU A CG  1 
ATOM   733  C CD1 . LEU A 1 101 ? -4.580  -1.615  -8.983  1.00 25.66 ? 101 LEU A CD1 1 
ATOM   734  C CD2 . LEU A 1 101 ? -2.262  -0.783  -8.453  1.00 24.16 ? 101 LEU A CD2 1 
ATOM   735  N N   . GLY A 1 102 ? -3.107  -3.583  -12.399 1.00 30.02 ? 102 GLY A N   1 
ATOM   736  C CA  . GLY A 1 102 ? -2.622  -3.231  -13.731 1.00 28.02 ? 102 GLY A CA  1 
ATOM   737  C C   . GLY A 1 102 ? -3.673  -3.245  -14.845 1.00 34.29 ? 102 GLY A C   1 
ATOM   738  O O   . GLY A 1 102 ? -4.875  -3.245  -14.581 1.00 28.51 ? 102 GLY A O   1 
ATOM   739  N N   . ASN A 1 103 ? -3.207  -3.271  -16.094 1.00 29.21 ? 103 ASN A N   1 
ATOM   740  C CA  . ASN A 1 103 ? -4.058  -3.103  -17.275 1.00 31.37 ? 103 ASN A CA  1 
ATOM   741  C C   . ASN A 1 103 ? -4.282  -4.422  -18.022 1.00 36.25 ? 103 ASN A C   1 
ATOM   742  O O   . ASN A 1 103 ? -3.351  -4.959  -18.629 1.00 34.53 ? 103 ASN A O   1 
ATOM   743  C CB  . ASN A 1 103 ? -3.425  -2.060  -18.207 1.00 32.29 ? 103 ASN A CB  1 
ATOM   744  C CG  . ASN A 1 103 ? -4.166  -1.906  -19.536 1.00 37.97 ? 103 ASN A CG  1 
ATOM   745  O OD1 . ASN A 1 103 ? -5.283  -2.398  -19.714 1.00 37.71 ? 103 ASN A OD1 1 
ATOM   746  N ND2 . ASN A 1 103 ? -3.536  -1.206  -20.475 1.00 36.36 ? 103 ASN A ND2 1 
ATOM   747  N N   . PRO A 1 104 ? -5.520  -4.948  -17.979 1.00 33.81 ? 104 PRO A N   1 
ATOM   748  C CA  . PRO A 1 104 ? -5.848  -6.266  -18.555 1.00 36.99 ? 104 PRO A CA  1 
ATOM   749  C C   . PRO A 1 104 ? -5.700  -6.358  -20.089 1.00 41.96 ? 104 PRO A C   1 
ATOM   750  O O   . PRO A 1 104 ? -5.620  -7.465  -20.625 1.00 41.54 ? 104 PRO A O   1 
ATOM   751  C CB  . PRO A 1 104 ? -7.304  -6.503  -18.124 1.00 33.68 ? 104 PRO A CB  1 
ATOM   752  C CG  . PRO A 1 104 ? -7.847  -5.136  -17.798 1.00 34.59 ? 104 PRO A CG  1 
ATOM   753  C CD  . PRO A 1 104 ? -6.682  -4.298  -17.341 1.00 30.60 ? 104 PRO A CD  1 
ATOM   754  N N   . LEU A 1 105 ? -5.653  -5.223  -20.780 1.00 38.00 ? 105 LEU A N   1 
ATOM   755  C CA  . LEU A 1 105 ? -5.382  -5.229  -22.218 1.00 44.94 ? 105 LEU A CA  1 
ATOM   756  C C   . LEU A 1 105 ? -3.922  -5.609  -22.528 1.00 51.78 ? 105 LEU A C   1 
ATOM   757  O O   . LEU A 1 105 ? -3.606  -6.024  -23.643 1.00 51.39 ? 105 LEU A O   1 
ATOM   758  C CB  . LEU A 1 105 ? -5.723  -3.873  -22.848 1.00 38.82 ? 105 LEU A CB  1 
ATOM   759  C CG  . LEU A 1 105 ? -7.171  -3.384  -22.720 1.00 45.39 ? 105 LEU A CG  1 
ATOM   760  C CD1 . LEU A 1 105 ? -7.369  -2.060  -23.447 1.00 45.03 ? 105 LEU A CD1 1 
ATOM   761  C CD2 . LEU A 1 105 ? -8.162  -4.423  -23.232 1.00 47.05 ? 105 LEU A CD2 1 
ATOM   762  N N   . GLU A 1 106 ? -3.040  -5.458  -21.541 1.00 48.28 ? 106 GLU A N   1 
ATOM   763  C CA  . GLU A 1 106 ? -1.629  -5.822  -21.694 1.00 47.74 ? 106 GLU A CA  1 
ATOM   764  C C   . GLU A 1 106 ? -1.291  -7.063  -20.872 1.00 47.93 ? 106 GLU A C   1 
ATOM   765  O O   . GLU A 1 106 ? -0.422  -7.846  -21.245 1.00 53.21 ? 106 GLU A O   1 
ATOM   766  C CB  . GLU A 1 106 ? -0.721  -4.668  -21.257 1.00 50.02 ? 106 GLU A CB  1 
ATOM   767  C CG  . GLU A 1 106 ? -0.893  -3.385  -22.053 1.00 56.63 ? 106 GLU A CG  1 
ATOM   768  C CD  . GLU A 1 106 ? -0.465  -3.533  -23.500 1.00 68.68 ? 106 GLU A CD  1 
ATOM   769  O OE1 . GLU A 1 106 ? 0.543   -4.231  -23.754 1.00 70.80 ? 106 GLU A OE1 1 
ATOM   770  O OE2 . GLU A 1 106 ? -1.135  -2.949  -24.381 1.00 70.54 ? 106 GLU A OE2 1 
ATOM   771  N N   . HIS A 1 107 ? -1.988  -7.230  -19.753 1.00 43.73 ? 107 HIS A N   1 
ATOM   772  C CA  . HIS A 1 107 ? -1.706  -8.287  -18.789 1.00 44.00 ? 107 HIS A CA  1 
ATOM   773  C C   . HIS A 1 107 ? -3.044  -8.882  -18.347 1.00 44.55 ? 107 HIS A C   1 
ATOM   774  O O   . HIS A 1 107 ? -3.697  -8.350  -17.451 1.00 41.95 ? 107 HIS A O   1 
ATOM   775  C CB  . HIS A 1 107 ? -0.957  -7.676  -17.600 1.00 49.45 ? 107 HIS A CB  1 
ATOM   776  C CG  . HIS A 1 107 ? -0.146  -8.653  -16.812 1.00 57.58 ? 107 HIS A CG  1 
ATOM   777  N ND1 . HIS A 1 107 ? 0.358   -8.360  -15.559 1.00 58.83 ? 107 HIS A ND1 1 
ATOM   778  C CD2 . HIS A 1 107 ? 0.252   -9.921  -17.084 1.00 64.58 ? 107 HIS A CD2 1 
ATOM   779  C CE1 . HIS A 1 107 ? 1.033   -9.397  -15.100 1.00 58.84 ? 107 HIS A CE1 1 
ATOM   780  N NE2 . HIS A 1 107 ? 0.984   -10.359 -16.008 1.00 65.68 ? 107 HIS A NE2 1 
ATOM   781  N N   . PRO A 1 108 ? -3.466  -9.985  -18.989 1.00 49.02 ? 108 PRO A N   1 
ATOM   782  C CA  . PRO A 1 108 ? -4.837  -10.519 -18.878 1.00 47.58 ? 108 PRO A CA  1 
ATOM   783  C C   . PRO A 1 108 ? -5.368  -10.757 -17.457 1.00 43.48 ? 108 PRO A C   1 
ATOM   784  O O   . PRO A 1 108 ? -6.576  -10.666 -17.251 1.00 44.48 ? 108 PRO A O   1 
ATOM   785  C CB  . PRO A 1 108 ? -4.764  -11.843 -19.656 1.00 48.79 ? 108 PRO A CB  1 
ATOM   786  C CG  . PRO A 1 108 ? -3.659  -11.632 -20.641 1.00 49.74 ? 108 PRO A CG  1 
ATOM   787  C CD  . PRO A 1 108 ? -2.642  -10.767 -19.931 1.00 48.79 ? 108 PRO A CD  1 
ATOM   788  N N   . GLU A 1 109 ? -4.504  -11.053 -16.495 1.00 46.93 ? 109 GLU A N   1 
ATOM   789  C CA  . GLU A 1 109 ? -4.983  -11.308 -15.137 1.00 46.71 ? 109 GLU A CA  1 
ATOM   790  C C   . GLU A 1 109 ? -4.902  -10.089 -14.198 1.00 43.48 ? 109 GLU A C   1 
ATOM   791  O O   . GLU A 1 109 ? -5.199  -10.198 -13.006 1.00 40.60 ? 109 GLU A O   1 
ATOM   792  C CB  . GLU A 1 109 ? -4.269  -12.512 -14.526 1.00 50.44 ? 109 GLU A CB  1 
ATOM   793  C CG  . GLU A 1 109 ? -2.851  -12.239 -14.074 1.00 55.85 ? 109 GLU A CG  1 
ATOM   794  C CD  . GLU A 1 109 ? -1.938  -11.787 -15.199 1.00 60.89 ? 109 GLU A CD  1 
ATOM   795  O OE1 . GLU A 1 109 ? -2.263  -12.008 -16.389 1.00 60.30 ? 109 GLU A OE1 1 
ATOM   796  O OE2 . GLU A 1 109 ? -0.879  -11.213 -14.882 1.00 59.74 ? 109 GLU A OE2 1 
ATOM   797  N N   . ALA A 1 110 ? -4.511  -8.936  -14.736 1.00 38.65 ? 110 ALA A N   1 
ATOM   798  C CA  . ALA A 1 110 ? -4.452  -7.700  -13.945 1.00 39.19 ? 110 ALA A CA  1 
ATOM   799  C C   . ALA A 1 110 ? -5.781  -6.933  -13.963 1.00 35.14 ? 110 ALA A C   1 
ATOM   800  O O   . ALA A 1 110 ? -6.564  -7.077  -14.906 1.00 33.87 ? 110 ALA A O   1 
ATOM   801  C CB  . ALA A 1 110 ? -3.314  -6.808  -14.440 1.00 33.96 ? 110 ALA A CB  1 
ATOM   802  N N   . ARG A 1 111 ? -6.010  -6.114  -12.929 1.00 32.16 ? 111 ARG A N   1 
ATOM   803  C CA  . ARG A 1 111 ? -7.206  -5.269  -12.809 1.00 29.94 ? 111 ARG A CA  1 
ATOM   804  C C   . ARG A 1 111 ? -6.871  -3.835  -12.331 1.00 30.30 ? 111 ARG A C   1 
ATOM   805  O O   . ARG A 1 111 ? -5.962  -3.646  -11.519 1.00 26.60 ? 111 ARG A O   1 
ATOM   806  C CB  . ARG A 1 111 ? -8.212  -5.906  -11.840 1.00 33.66 ? 111 ARG A CB  1 
ATOM   807  C CG  . ARG A 1 111 ? -8.654  -7.329  -12.205 1.00 37.19 ? 111 ARG A CG  1 
ATOM   808  C CD  . ARG A 1 111 ? -9.489  -7.379  -13.496 1.00 39.36 ? 111 ARG A CD  1 
ATOM   809  N NE  . ARG A 1 111 ? -10.027 -8.722  -13.733 1.00 47.80 ? 111 ARG A NE  1 
ATOM   810  C CZ  . ARG A 1 111 ? -9.464  -9.641  -14.520 1.00 48.40 ? 111 ARG A CZ  1 
ATOM   811  N NH1 . ARG A 1 111 ? -8.344  -9.375  -15.185 1.00 42.48 ? 111 ARG A NH1 1 
ATOM   812  N NH2 . ARG A 1 111 ? -10.032 -10.835 -14.653 1.00 49.71 ? 111 ARG A NH2 1 
ATOM   813  N N   . HIS A 1 112 ? -7.617  -2.840  -12.817 1.00 27.38 ? 112 HIS A N   1 
ATOM   814  C CA  . HIS A 1 112 ? -7.355  -1.427  -12.489 1.00 25.80 ? 112 HIS A CA  1 
ATOM   815  C C   . HIS A 1 112 ? -7.676  -1.015  -11.042 1.00 29.97 ? 112 HIS A C   1 
ATOM   816  O O   . HIS A 1 112 ? -7.238  0.050   -10.599 1.00 30.02 ? 112 HIS A O   1 
ATOM   817  C CB  . HIS A 1 112 ? -8.097  -0.483  -13.448 1.00 25.39 ? 112 HIS A CB  1 
ATOM   818  C CG  . HIS A 1 112 ? -7.472  -0.372  -14.808 1.00 30.91 ? 112 HIS A CG  1 
ATOM   819  N ND1 . HIS A 1 112 ? -6.466  0.528   -15.102 1.00 32.46 ? 112 HIS A ND1 1 
ATOM   820  C CD2 . HIS A 1 112 ? -7.730  -1.036  -15.964 1.00 28.94 ? 112 HIS A CD2 1 
ATOM   821  C CE1 . HIS A 1 112 ? -6.125  0.407   -16.375 1.00 29.53 ? 112 HIS A CE1 1 
ATOM   822  N NE2 . HIS A 1 112 ? -6.877  -0.537  -16.919 1.00 32.08 ? 112 HIS A NE2 1 
ATOM   823  N N   . GLN A 1 113 ? -8.444  -1.834  -10.320 1.00 25.19 ? 113 GLN A N   1 
ATOM   824  C CA  . GLN A 1 113 ? -8.802  -1.561  -8.921  1.00 25.87 ? 113 GLN A CA  1 
ATOM   825  C C   . GLN A 1 113 ? -8.492  -2.764  -8.025  1.00 28.77 ? 113 GLN A C   1 
ATOM   826  O O   . GLN A 1 113 ? -8.825  -3.894  -8.384  1.00 27.43 ? 113 GLN A O   1 
ATOM   827  C CB  . GLN A 1 113 ? -10.308 -1.245  -8.786  1.00 26.16 ? 113 GLN A CB  1 
ATOM   828  C CG  . GLN A 1 113 ? -10.822 -0.040  -9.592  1.00 25.33 ? 113 GLN A CG  1 
ATOM   829  C CD  . GLN A 1 113 ? -12.357 0.066   -9.593  1.00 27.45 ? 113 GLN A CD  1 
ATOM   830  O OE1 . GLN A 1 113 ? -13.054 -0.732  -8.948  1.00 25.19 ? 113 GLN A OE1 1 
ATOM   831  N NE2 . GLN A 1 113 ? -12.885 1.052   -10.323 1.00 22.61 ? 113 GLN A NE2 1 
ATOM   832  N N   . VAL A 1 114 ? -7.881  -2.523  -6.860  1.00 23.63 ? 114 VAL A N   1 
ATOM   833  C CA  . VAL A 1 114 ? -7.653  -3.572  -5.848  1.00 23.67 ? 114 VAL A CA  1 
ATOM   834  C C   . VAL A 1 114 ? -7.943  -3.055  -4.428  1.00 30.46 ? 114 VAL A C   1 
ATOM   835  O O   . VAL A 1 114 ? -7.378  -2.032  -4.004  1.00 27.96 ? 114 VAL A O   1 
ATOM   836  C CB  . VAL A 1 114 ? -6.191  -4.114  -5.871  1.00 28.45 ? 114 VAL A CB  1 
ATOM   837  C CG1 . VAL A 1 114 ? -5.928  -4.991  -4.654  1.00 25.70 ? 114 VAL A CG1 1 
ATOM   838  C CG2 . VAL A 1 114 ? -5.897  -4.886  -7.161  1.00 26.77 ? 114 VAL A CG2 1 
ATOM   839  N N   . VAL A 1 115 ? -8.803  -3.755  -3.684  1.00 24.61 ? 115 VAL A N   1 
ATOM   840  C CA  . VAL A 1 115 ? -9.117  -3.342  -2.306  1.00 27.55 ? 115 VAL A CA  1 
ATOM   841  C C   . VAL A 1 115 ? -8.485  -4.283  -1.277  1.00 32.86 ? 115 VAL A C   1 
ATOM   842  O O   . VAL A 1 115 ? -8.796  -5.473  -1.245  1.00 28.61 ? 115 VAL A O   1 
ATOM   843  C CB  . VAL A 1 115 ? -10.646 -3.280  -2.033  1.00 31.43 ? 115 VAL A CB  1 
ATOM   844  C CG1 . VAL A 1 115 ? -10.916 -2.864  -0.587  1.00 31.01 ? 115 VAL A CG1 1 
ATOM   845  C CG2 . VAL A 1 115 ? -11.337 -2.323  -2.989  1.00 27.52 ? 115 VAL A CG2 1 
ATOM   846  N N   . VAL A 1 116 ? -7.597  -3.774  -0.433  1.00 28.52 ? 116 VAL A N   1 
ATOM   847  C CA  . VAL A 1 116 ? -7.084  -4.621  0.644   1.00 27.88 ? 116 VAL A CA  1 
ATOM   848  C C   . VAL A 1 116 ? -7.839  -4.427  1.974   1.00 30.01 ? 116 VAL A C   1 
ATOM   849  O O   . VAL A 1 116 ? -7.969  -3.310  2.474   1.00 31.01 ? 116 VAL A O   1 
ATOM   850  C CB  . VAL A 1 116 ? -5.522  -4.575  0.784   1.00 33.61 ? 116 VAL A CB  1 
ATOM   851  C CG1 . VAL A 1 116 ? -5.026  -5.372  1.994   1.00 27.23 ? 116 VAL A CG1 1 
ATOM   852  C CG2 . VAL A 1 116 ? -4.840  -4.959  -0.505  1.00 31.33 ? 116 VAL A CG2 1 
ATOM   853  N N   . PRO A 1 117 ? -8.372  -5.527  2.530   1.00 30.22 ? 117 PRO A N   1 
ATOM   854  C CA  . PRO A 1 117 ? -9.224  -5.479  3.728   1.00 31.60 ? 117 PRO A CA  1 
ATOM   855  C C   . PRO A 1 117 ? -8.503  -4.968  4.976   1.00 30.48 ? 117 PRO A C   1 
ATOM   856  O O   . PRO A 1 117 ? -7.321  -5.257  5.178   1.00 29.64 ? 117 PRO A O   1 
ATOM   857  C CB  . PRO A 1 117 ? -9.657  -6.949  3.923   1.00 31.22 ? 117 PRO A CB  1 
ATOM   858  C CG  . PRO A 1 117 ? -9.459  -7.595  2.585   1.00 33.15 ? 117 PRO A CG  1 
ATOM   859  C CD  . PRO A 1 117 ? -8.261  -6.892  1.984   1.00 31.16 ? 117 PRO A CD  1 
ATOM   860  N N   . ARG A 1 118 ? -9.225  -4.215  5.805   1.00 31.01 ? 118 ARG A N   1 
ATOM   861  C CA  . ARG A 1 118 ? -8.684  -3.700  7.065   1.00 32.02 ? 118 ARG A CA  1 
ATOM   862  C C   . ARG A 1 118 ? -8.037  -4.806  7.907   1.00 33.39 ? 118 ARG A C   1 
ATOM   863  O O   . ARG A 1 118 ? -8.517  -5.940  7.929   1.00 28.78 ? 118 ARG A O   1 
ATOM   864  C CB  . ARG A 1 118 ? -9.788  -3.009  7.876   1.00 31.78 ? 118 ARG A CB  1 
ATOM   865  C CG  . ARG A 1 118 ? -10.973 -3.919  8.206   1.00 33.08 ? 118 ARG A CG  1 
ATOM   866  C CD  . ARG A 1 118 ? -12.179 -3.109  8.701   1.00 40.33 ? 118 ARG A CD  1 
ATOM   867  N NE  . ARG A 1 118 ? -13.348 -3.954  8.947   1.00 47.88 ? 118 ARG A NE  1 
ATOM   868  C CZ  . ARG A 1 118 ? -14.355 -4.112  8.090   1.00 51.16 ? 118 ARG A CZ  1 
ATOM   869  N NH1 . ARG A 1 118 ? -14.349 -3.478  6.923   1.00 50.03 ? 118 ARG A NH1 1 
ATOM   870  N NH2 . ARG A 1 118 ? -15.375 -4.907  8.400   1.00 50.66 ? 118 ARG A NH2 1 
ATOM   871  N N   . ARG A 1 119 ? -6.938  -4.459  8.577   1.00 33.15 ? 119 ARG A N   1 
ATOM   872  C CA  . ARG A 1 119 ? -6.247  -5.344  9.523   1.00 34.13 ? 119 ARG A CA  1 
ATOM   873  C C   . ARG A 1 119 ? -5.392  -6.459  8.893   1.00 36.83 ? 119 ARG A C   1 
ATOM   874  O O   . ARG A 1 119 ? -4.778  -7.252  9.604   1.00 41.39 ? 119 ARG A O   1 
ATOM   875  C CB  . ARG A 1 119 ? -7.233  -5.907  10.559  1.00 42.11 ? 119 ARG A CB  1 
ATOM   876  C CG  . ARG A 1 119 ? -7.984  -4.824  11.339  1.00 41.42 ? 119 ARG A CG  1 
ATOM   877  C CD  . ARG A 1 119 ? -8.788  -5.403  12.504  1.00 49.60 ? 119 ARG A CD  1 
ATOM   878  N NE  . ARG A 1 119 ? -9.753  -6.407  12.059  1.00 54.55 ? 119 ARG A NE  1 
ATOM   879  C CZ  . ARG A 1 119 ? -11.048 -6.174  11.838  1.00 58.92 ? 119 ARG A CZ  1 
ATOM   880  N NH1 . ARG A 1 119 ? -11.563 -4.960  12.025  1.00 53.51 ? 119 ARG A NH1 1 
ATOM   881  N NH2 . ARG A 1 119 ? -11.835 -7.165  11.429  1.00 55.80 ? 119 ARG A NH2 1 
ATOM   882  N N   . VAL A 1 120 ? -5.347  -6.511  7.566   1.00 33.76 ? 120 VAL A N   1 
ATOM   883  C CA  . VAL A 1 120 ? -4.452  -7.428  6.855   1.00 33.68 ? 120 VAL A CA  1 
ATOM   884  C C   . VAL A 1 120 ? -3.021  -6.857  6.753   1.00 35.85 ? 120 VAL A C   1 
ATOM   885  O O   . VAL A 1 120 ? -2.850  -5.656  6.523   1.00 31.10 ? 120 VAL A O   1 
ATOM   886  C CB  . VAL A 1 120 ? -4.999  -7.721  5.436   1.00 34.91 ? 120 VAL A CB  1 
ATOM   887  C CG1 . VAL A 1 120 ? -3.946  -8.368  4.554   1.00 34.65 ? 120 VAL A CG1 1 
ATOM   888  C CG2 . VAL A 1 120 ? -6.279  -8.586  5.518   1.00 37.01 ? 120 VAL A CG2 1 
ATOM   889  N N   . TRP A 1 121 ? -2.003  -7.706  6.940   1.00 35.85 ? 121 TRP A N   1 
ATOM   890  C CA  . TRP A 1 121 ? -0.604  -7.304  6.697   1.00 33.36 ? 121 TRP A CA  1 
ATOM   891  C C   . TRP A 1 121 ? -0.318  -7.331  5.189   1.00 30.58 ? 121 TRP A C   1 
ATOM   892  O O   . TRP A 1 121 ? -0.525  -8.358  4.544   1.00 33.07 ? 121 TRP A O   1 
ATOM   893  C CB  . TRP A 1 121 ? 0.388   -8.237  7.424   1.00 34.20 ? 121 TRP A CB  1 
ATOM   894  C CG  . TRP A 1 121 ? 0.461   -8.079  8.942   1.00 35.24 ? 121 TRP A CG  1 
ATOM   895  C CD1 . TRP A 1 121 ? -0.077  -8.915  9.877   1.00 39.33 ? 121 TRP A CD1 1 
ATOM   896  C CD2 . TRP A 1 121 ? 1.132   -7.033  9.679   1.00 33.96 ? 121 TRP A CD2 1 
ATOM   897  N NE1 . TRP A 1 121 ? 0.205   -8.453  11.151  1.00 37.05 ? 121 TRP A NE1 1 
ATOM   898  C CE2 . TRP A 1 121 ? 0.940   -7.301  11.055  1.00 34.13 ? 121 TRP A CE2 1 
ATOM   899  C CE3 . TRP A 1 121 ? 1.864   -5.896  9.309   1.00 35.69 ? 121 TRP A CE3 1 
ATOM   900  C CZ2 . TRP A 1 121 ? 1.454   -6.474  12.058  1.00 36.14 ? 121 TRP A CZ2 1 
ATOM   901  C CZ3 . TRP A 1 121 ? 2.376   -5.074  10.308  1.00 33.40 ? 121 TRP A CZ3 1 
ATOM   902  C CH2 . TRP A 1 121 ? 2.163   -5.369  11.668  1.00 38.34 ? 121 TRP A CH2 1 
ATOM   903  N N   . PHE A 1 122 ? 0.152   -6.222  4.615   1.00 29.24 ? 122 PHE A N   1 
ATOM   904  C CA  . PHE A 1 122 ? 0.407   -6.194  3.164   1.00 28.32 ? 122 PHE A CA  1 
ATOM   905  C C   . PHE A 1 122 ? 1.715   -5.513  2.735   1.00 33.15 ? 122 PHE A C   1 
ATOM   906  O O   . PHE A 1 122 ? 2.258   -4.672  3.459   1.00 31.06 ? 122 PHE A O   1 
ATOM   907  C CB  . PHE A 1 122 ? -0.798  -5.622  2.382   1.00 30.96 ? 122 PHE A CB  1 
ATOM   908  C CG  . PHE A 1 122 ? -1.099  -4.161  2.672   1.00 33.17 ? 122 PHE A CG  1 
ATOM   909  C CD1 . PHE A 1 122 ? -1.697  -3.782  3.869   1.00 30.07 ? 122 PHE A CD1 1 
ATOM   910  C CD2 . PHE A 1 122 ? -0.817  -3.176  1.727   1.00 32.60 ? 122 PHE A CD2 1 
ATOM   911  C CE1 . PHE A 1 122 ? -1.986  -2.446  4.135   1.00 31.29 ? 122 PHE A CE1 1 
ATOM   912  C CE2 . PHE A 1 122 ? -1.101  -1.832  1.980   1.00 32.41 ? 122 PHE A CE2 1 
ATOM   913  C CZ  . PHE A 1 122 ? -1.686  -1.466  3.192   1.00 33.23 ? 122 PHE A CZ  1 
ATOM   914  N N   . ALA A 1 123 ? 2.204   -5.893  1.553   1.00 30.74 ? 123 ALA A N   1 
ATOM   915  C CA  . ALA A 1 123 ? 3.431   -5.347  0.961   1.00 32.75 ? 123 ALA A CA  1 
ATOM   916  C C   . ALA A 1 123 ? 3.327   -5.384  -0.566  1.00 35.03 ? 123 ALA A C   1 
ATOM   917  O O   . ALA A 1 123 ? 2.485   -6.097  -1.111  1.00 35.35 ? 123 ALA A O   1 
ATOM   918  C CB  . ALA A 1 123 ? 4.649   -6.144  1.424   1.00 33.83 ? 123 ALA A CB  1 
ATOM   919  N N   . GLN A 1 124 ? 4.186   -4.654  -1.255  1.00 31.64 ? 124 GLN A N   1 
ATOM   920  C CA  . GLN A 1 124 ? 4.130   -4.629  -2.698  1.00 35.87 ? 124 GLN A CA  1 
ATOM   921  C C   . GLN A 1 124 ? 5.475   -4.617  -3.474  1.00 39.50 ? 124 GLN A C   1 
ATOM   922  O O   . GLN A 1 124 ? 6.494   -4.232  -2.963  1.00 35.36 ? 124 GLN A O   1 
ATOM   923  C CB  . GLN A 1 124 ? 3.138   -3.544  -3.160  1.00 37.32 ? 124 GLN A CB  1 
ATOM   924  C CG  . GLN A 1 124 ? 3.350   -2.169  -2.603  1.00 50.00 ? 124 GLN A CG  1 
ATOM   925  C CD  . GLN A 1 124 ? 2.548   -1.750  -1.352  1.00 47.61 ? 124 GLN A CD  1 
ATOM   926  O OE1 . GLN A 1 124 ? 2.160   -2.523  -0.501  1.00 49.05 ? 124 GLN A OE1 1 
ATOM   927  N NE2 . GLN A 1 124 ? 2.386   -0.481  -1.235  1.00 34.24 ? 124 GLN A NE2 1 
ATOM   928  N N   . GLU A 1 125 ? 5.445   -5.066  -4.712  1.00 35.35 ? 125 GLU A N   1 
ATOM   929  C CA  . GLU A 1 125 ? 6.616   -4.979  -5.598  1.00 41.19 ? 125 GLU A CA  1 
ATOM   930  C C   . GLU A 1 125 ? 6.241   -4.827  -7.082  1.00 39.47 ? 125 GLU A C   1 
ATOM   931  O O   . GLU A 1 125 ? 5.159   -5.248  -7.503  1.00 34.85 ? 125 GLU A O   1 
ATOM   932  C CB  . GLU A 1 125 ? 7.564   -6.168  -5.390  1.00 44.32 ? 125 GLU A CB  1 
ATOM   933  C CG  . GLU A 1 125 ? 6.968   -7.520  -5.701  1.00 47.56 ? 125 GLU A CG  1 
ATOM   934  C CD  . GLU A 1 125 ? 7.786   -8.669  -5.114  1.00 58.47 ? 125 GLU A CD  1 
ATOM   935  O OE1 . GLU A 1 125 ? 8.601   -8.420  -4.198  1.00 56.43 ? 125 GLU A OE1 1 
ATOM   936  O OE2 . GLU A 1 125 ? 7.609   -9.821  -5.568  1.00 62.93 ? 125 GLU A OE2 1 
ATOM   937  N N   . VAL A 1 126 ? 7.130   -4.203  -7.856  1.00 35.87 ? 126 VAL A N   1 
ATOM   938  C CA  . VAL A 1 126 ? 6.917   -3.962  -9.288  1.00 36.52 ? 126 VAL A CA  1 
ATOM   939  C C   . VAL A 1 126 ? 8.125   -4.400  -10.121 1.00 45.20 ? 126 VAL A C   1 
ATOM   940  O O   . VAL A 1 126 ? 9.231   -4.535  -9.601  1.00 47.16 ? 126 VAL A O   1 
ATOM   941  C CB  . VAL A 1 126 ? 6.641   -2.465  -9.592  1.00 38.95 ? 126 VAL A CB  1 
ATOM   942  C CG1 . VAL A 1 126 ? 5.489   -1.939  -8.746  1.00 31.78 ? 126 VAL A CG1 1 
ATOM   943  C CG2 . VAL A 1 126 ? 7.907   -1.617  -9.377  1.00 37.81 ? 126 VAL A CG2 1 
ATOM   944  N N   . ASP A 1 127 ? 7.918   -4.639  -11.400 1.00 51.28 ? 127 ASP A N   1 
ATOM   945  C CA  . ASP A 1 127 ? 9.008   -5.028  -12.279 1.00 55.88 ? 127 ASP A CA  1 
ATOM   946  C C   . ASP A 1 127 ? 9.619   -3.877  -13.052 1.00 55.17 ? 127 ASP A C   1 
ATOM   947  O O   . ASP A 1 127 ? 10.784  -3.925  -13.363 1.00 61.04 ? 127 ASP A O   1 
ATOM   948  C CB  . ASP A 1 127 ? 8.578   -6.099  -13.265 1.00 63.61 ? 127 ASP A CB  1 
ATOM   949  C CG  . ASP A 1 127 ? 8.824   -7.516  -12.751 1.00 72.90 ? 127 ASP A CG  1 
ATOM   950  O OD1 . ASP A 1 127 ? 9.363   -7.694  -11.651 1.00 71.54 ? 127 ASP A OD1 1 
ATOM   951  O OD2 . ASP A 1 127 ? 8.457   -8.466  -13.458 1.00 77.59 ? 127 ASP A OD2 1 
ATOM   952  N N   . GLY A 1 128 ? 8.832   -2.867  -13.365 1.00 48.98 ? 128 GLY A N   1 
ATOM   953  C CA  . GLY A 1 128 ? 9.309   -1.683  -14.055 1.00 49.16 ? 128 GLY A CA  1 
ATOM   954  C C   . GLY A 1 128 ? 9.158   -0.439  -13.204 1.00 51.05 ? 128 GLY A C   1 
ATOM   955  O O   . GLY A 1 128 ? 9.938   -0.227  -12.298 1.00 59.42 ? 128 GLY A O   1 
ATOM   956  N N   . TYR A 1 129 ? 8.159   0.377   -13.494 1.00 41.11 ? 129 TYR A N   1 
ATOM   957  C CA  . TYR A 1 129 ? 7.664   1.412   -12.587 1.00 42.22 ? 129 TYR A CA  1 
ATOM   958  C C   . TYR A 1 129 ? 6.134   1.444   -12.628 1.00 37.36 ? 129 TYR A C   1 
ATOM   959  O O   . TYR A 1 129 ? 5.563   1.020   -13.598 1.00 37.60 ? 129 TYR A O   1 
ATOM   960  C CB  . TYR A 1 129 ? 8.250   2.798   -12.890 1.00 38.77 ? 129 TYR A CB  1 
ATOM   961  C CG  . TYR A 1 129 ? 7.471   3.631   -13.869 1.00 40.75 ? 129 TYR A CG  1 
ATOM   962  C CD1 . TYR A 1 129 ? 6.379   4.369   -13.478 1.00 40.89 ? 129 TYR A CD1 1 
ATOM   963  C CD2 . TYR A 1 129 ? 7.827   3.671   -15.178 1.00 39.41 ? 129 TYR A CD2 1 
ATOM   964  C CE1 . TYR A 1 129 ? 5.688   5.113   -14.368 1.00 38.18 ? 129 TYR A CE1 1 
ATOM   965  C CE2 . TYR A 1 129 ? 7.140   4.410   -16.069 1.00 39.81 ? 129 TYR A CE2 1 
ATOM   966  C CZ  . TYR A 1 129 ? 6.071   5.125   -15.667 1.00 42.01 ? 129 TYR A CZ  1 
ATOM   967  O OH  . TYR A 1 129 ? 5.387   5.853   -16.573 1.00 47.26 ? 129 TYR A OH  1 
ATOM   968  N N   . CYS A 1 130 ? 5.490   1.933   -11.577 1.00 33.41 ? 130 CYS A N   1 
ATOM   969  C CA  . CYS A 1 130 ? 4.034   2.110   -11.549 1.00 31.02 ? 130 CYS A CA  1 
ATOM   970  C C   . CYS A 1 130 ? 3.584   3.385   -10.847 1.00 30.52 ? 130 CYS A C   1 
ATOM   971  O O   . CYS A 1 130 ? 4.022   3.636   -9.769  1.00 29.83 ? 130 CYS A O   1 
ATOM   972  C CB  . CYS A 1 130 ? 3.343   0.907   -10.883 1.00 29.69 ? 130 CYS A CB  1 
ATOM   973  S SG  . CYS A 1 130 ? 1.573   0.962   -10.689 1.00 29.49 ? 130 CYS A SG  1 
ATOM   974  N N   . LEU A 1 131 ? 2.692   4.156   -11.453 1.00 25.78 ? 131 LEU A N   1 
ATOM   975  C CA  . LEU A 1 131 ? 2.014   5.258   -10.751 1.00 26.89 ? 131 LEU A CA  1 
ATOM   976  C C   . LEU A 1 131 ? 0.581   4.874   -10.371 1.00 27.99 ? 131 LEU A C   1 
ATOM   977  O O   . LEU A 1 131 ? -0.225  4.535   -11.254 1.00 23.63 ? 131 LEU A O   1 
ATOM   978  C CB  . LEU A 1 131 ? 1.969   6.539   -11.600 1.00 25.58 ? 131 LEU A CB  1 
ATOM   979  C CG  . LEU A 1 131 ? 1.226   7.708   -10.934 1.00 26.04 ? 131 LEU A CG  1 
ATOM   980  C CD1 . LEU A 1 131 ? 2.045   8.248   -9.746  1.00 22.87 ? 131 LEU A CD1 1 
ATOM   981  C CD2 . LEU A 1 131 ? 0.899   8.843   -11.915 1.00 27.45 ? 131 LEU A CD2 1 
ATOM   982  N N   . ALA A 1 132 ? 0.270   4.948   -9.075  1.00 26.43 ? 132 ALA A N   1 
ATOM   983  C CA  . ALA A 1 132 ? -1.076  4.649   -8.561  1.00 26.92 ? 132 ALA A CA  1 
ATOM   984  C C   . ALA A 1 132 ? -1.653  5.777   -7.692  1.00 30.16 ? 132 ALA A C   1 
ATOM   985  O O   . ALA A 1 132 ? -0.911  6.630   -7.171  1.00 26.13 ? 132 ALA A O   1 
ATOM   986  C CB  . ALA A 1 132 ? -1.057  3.345   -7.761  1.00 25.61 ? 132 ALA A CB  1 
ATOM   987  N N   . SER A 1 133 ? -2.977  5.774   -7.540  1.00 23.45 ? 133 SER A N   1 
ATOM   988  C CA  . SER A 1 133 ? -3.665  6.629   -6.579  1.00 21.05 ? 133 SER A CA  1 
ATOM   989  C C   . SER A 1 133 ? -4.240  5.721   -5.480  1.00 27.33 ? 133 SER A C   1 
ATOM   990  O O   . SER A 1 133 ? -4.916  4.723   -5.787  1.00 26.14 ? 133 SER A O   1 
ATOM   991  C CB  . SER A 1 133 ? -4.792  7.426   -7.266  1.00 25.69 ? 133 SER A CB  1 
ATOM   992  O OG  . SER A 1 133 ? -4.299  8.261   -8.315  1.00 25.03 ? 133 SER A OG  1 
ATOM   993  N N   . VAL A 1 134 ? -3.981  6.061   -4.214  1.00 24.24 ? 134 VAL A N   1 
ATOM   994  C CA  . VAL A 1 134 ? -4.356  5.204   -3.075  1.00 24.46 ? 134 VAL A CA  1 
ATOM   995  C C   . VAL A 1 134 ? -5.247  5.947   -2.066  1.00 29.56 ? 134 VAL A C   1 
ATOM   996  O O   . VAL A 1 134 ? -4.886  7.034   -1.588  1.00 27.03 ? 134 VAL A O   1 
ATOM   997  C CB  . VAL A 1 134 ? -3.098  4.643   -2.349  1.00 28.83 ? 134 VAL A CB  1 
ATOM   998  C CG1 . VAL A 1 134 ? -3.480  3.615   -1.288  1.00 25.45 ? 134 VAL A CG1 1 
ATOM   999  C CG2 . VAL A 1 134 ? -2.110  4.030   -3.358  1.00 25.48 ? 134 VAL A CG2 1 
ATOM   1000 N N   . LEU A 1 135 ? -6.412  5.373   -1.753  1.00 25.21 ? 135 LEU A N   1 
ATOM   1001 C CA  . LEU A 1 135 ? -7.383  6.016   -0.862  1.00 27.76 ? 135 LEU A CA  1 
ATOM   1002 C C   . LEU A 1 135 ? -7.702  5.182   0.385   1.00 32.64 ? 135 LEU A C   1 
ATOM   1003 O O   . LEU A 1 135 ? -7.644  3.950   0.349   1.00 28.26 ? 135 LEU A O   1 
ATOM   1004 C CB  . LEU A 1 135 ? -8.681  6.340   -1.615  1.00 25.59 ? 135 LEU A CB  1 
ATOM   1005 C CG  . LEU A 1 135 ? -8.571  7.247   -2.849  1.00 29.28 ? 135 LEU A CG  1 
ATOM   1006 C CD1 . LEU A 1 135 ? -8.407  6.424   -4.121  1.00 27.64 ? 135 LEU A CD1 1 
ATOM   1007 C CD2 . LEU A 1 135 ? -9.781  8.153   -2.961  1.00 29.31 ? 135 LEU A CD2 1 
ATOM   1008 N N   . VAL A 1 136 ? -8.053  5.852   1.483   1.00 27.96 ? 136 VAL A N   1 
ATOM   1009 C CA  . VAL A 1 136 ? -8.430  5.142   2.709   1.00 24.13 ? 136 VAL A CA  1 
ATOM   1010 C C   . VAL A 1 136 ? -9.605  5.804   3.445   1.00 29.23 ? 136 VAL A C   1 
ATOM   1011 O O   . VAL A 1 136 ? -9.676  7.033   3.551   1.00 25.44 ? 136 VAL A O   1 
ATOM   1012 C CB  . VAL A 1 136 ? -7.199  4.885   3.637   1.00 35.90 ? 136 VAL A CB  1 
ATOM   1013 C CG1 . VAL A 1 136 ? -6.593  6.198   4.110   1.00 38.06 ? 136 VAL A CG1 1 
ATOM   1014 C CG2 . VAL A 1 136 ? -7.549  3.992   4.806   1.00 33.33 ? 136 VAL A CG2 1 
ATOM   1015 N N   . ALA A 1 137 ? -10.541 4.979   3.919   1.00 25.17 ? 137 ALA A N   1 
ATOM   1016 C CA  . ALA A 1 137 ? -11.745 5.481   4.581   1.00 25.01 ? 137 ALA A CA  1 
ATOM   1017 C C   . ALA A 1 137 ? -12.207 4.529   5.681   1.00 28.40 ? 137 ALA A C   1 
ATOM   1018 O O   . ALA A 1 137 ? -12.477 3.350   5.409   1.00 27.96 ? 137 ALA A O   1 
ATOM   1019 C CB  . ALA A 1 137 ? -12.863 5.684   3.555   1.00 25.38 ? 137 ALA A CB  1 
ATOM   1020 N N   . PRO A 1 138 ? -12.297 5.023   6.927   1.00 28.23 ? 138 PRO A N   1 
ATOM   1021 C CA  . PRO A 1 138 ? -11.976 6.378   7.401   1.00 27.22 ? 138 PRO A CA  1 
ATOM   1022 C C   . PRO A 1 138 ? -10.550 6.829   7.074   1.00 25.62 ? 138 PRO A C   1 
ATOM   1023 O O   . PRO A 1 138 ? -9.661  5.986   6.920   1.00 25.97 ? 138 PRO A O   1 
ATOM   1024 C CB  . PRO A 1 138 ? -12.159 6.263   8.919   1.00 29.36 ? 138 PRO A CB  1 
ATOM   1025 C CG  . PRO A 1 138 ? -13.203 5.189   9.083   1.00 29.92 ? 138 PRO A CG  1 
ATOM   1026 C CD  . PRO A 1 138 ? -12.887 4.192   7.995   1.00 29.68 ? 138 PRO A CD  1 
ATOM   1027 N N   . GLY A 1 139 ? -10.344 8.145   6.977   1.00 26.21 ? 139 GLY A N   1 
ATOM   1028 C CA  . GLY A 1 139 ? -9.081  8.718   6.530   1.00 28.16 ? 139 GLY A CA  1 
ATOM   1029 C C   . GLY A 1 139 ? -7.859  8.483   7.410   1.00 29.42 ? 139 GLY A C   1 
ATOM   1030 O O   . GLY A 1 139 ? -7.979  8.303   8.623   1.00 29.43 ? 139 GLY A O   1 
ATOM   1031 N N   . PHE A 1 140 ? -6.678  8.517   6.790   1.00 28.99 ? 140 PHE A N   1 
ATOM   1032 C CA  . PHE A 1 140 ? -5.418  8.149   7.442   1.00 32.20 ? 140 PHE A CA  1 
ATOM   1033 C C   . PHE A 1 140 ? -5.042  9.000   8.663   1.00 35.03 ? 140 PHE A C   1 
ATOM   1034 O O   . PHE A 1 140 ? -5.163  10.227  8.642   1.00 31.00 ? 140 PHE A O   1 
ATOM   1035 C CB  . PHE A 1 140 ? -4.261  8.159   6.432   1.00 34.43 ? 140 PHE A CB  1 
ATOM   1036 C CG  . PHE A 1 140 ? -2.948  7.680   7.008   1.00 36.07 ? 140 PHE A CG  1 
ATOM   1037 C CD1 . PHE A 1 140 ? -2.619  6.334   6.989   1.00 35.33 ? 140 PHE A CD1 1 
ATOM   1038 C CD2 . PHE A 1 140 ? -2.048  8.579   7.571   1.00 36.86 ? 140 PHE A CD2 1 
ATOM   1039 C CE1 . PHE A 1 140 ? -1.413  5.887   7.520   1.00 38.92 ? 140 PHE A CE1 1 
ATOM   1040 C CE2 . PHE A 1 140 ? -0.845  8.141   8.105   1.00 39.38 ? 140 PHE A CE2 1 
ATOM   1041 C CZ  . PHE A 1 140 ? -0.526  6.791   8.081   1.00 37.07 ? 140 PHE A CZ  1 
ATOM   1042 N N   . ASP A 1 141 ? -4.584  8.323   9.717   1.00 34.59 ? 141 ASP A N   1 
ATOM   1043 C CA  . ASP A 1 141 ? -4.094  8.957   10.947  1.00 34.46 ? 141 ASP A CA  1 
ATOM   1044 C C   . ASP A 1 141 ? -3.005  8.049   11.516  1.00 37.95 ? 141 ASP A C   1 
ATOM   1045 O O   . ASP A 1 141 ? -3.194  6.836   11.607  1.00 35.42 ? 141 ASP A O   1 
ATOM   1046 C CB  . ASP A 1 141 ? -5.237  9.123   11.963  1.00 34.08 ? 141 ASP A CB  1 
ATOM   1047 C CG  . ASP A 1 141 ? -4.837  9.961   13.187  1.00 41.22 ? 141 ASP A CG  1 
ATOM   1048 O OD1 . ASP A 1 141 ? -5.527  10.963  13.466  1.00 40.66 ? 141 ASP A OD1 1 
ATOM   1049 O OD2 . ASP A 1 141 ? -3.847  9.624   13.870  1.00 38.77 ? 141 ASP A OD2 1 
ATOM   1050 N N   . PHE A 1 142 ? -1.876  8.636   11.905  1.00 38.81 ? 142 PHE A N   1 
ATOM   1051 C CA  . PHE A 1 142 ? -0.686  7.875   12.312  1.00 41.76 ? 142 PHE A CA  1 
ATOM   1052 C C   . PHE A 1 142 ? -0.943  6.929   13.486  1.00 41.56 ? 142 PHE A C   1 
ATOM   1053 O O   . PHE A 1 142 ? -0.242  5.933   13.655  1.00 45.19 ? 142 PHE A O   1 
ATOM   1054 C CB  . PHE A 1 142 ? 0.471   8.834   12.627  1.00 49.17 ? 142 PHE A CB  1 
ATOM   1055 C CG  . PHE A 1 142 ? 1.795   8.152   12.838  1.00 59.90 ? 142 PHE A CG  1 
ATOM   1056 C CD1 . PHE A 1 142 ? 2.452   7.532   11.781  1.00 58.72 ? 142 PHE A CD1 1 
ATOM   1057 C CD2 . PHE A 1 142 ? 2.401   8.151   14.094  1.00 64.76 ? 142 PHE A CD2 1 
ATOM   1058 C CE1 . PHE A 1 142 ? 3.684   6.909   11.980  1.00 63.39 ? 142 PHE A CE1 1 
ATOM   1059 C CE2 . PHE A 1 142 ? 3.630   7.534   14.298  1.00 61.58 ? 142 PHE A CE2 1 
ATOM   1060 C CZ  . PHE A 1 142 ? 4.271   6.911   13.240  1.00 63.54 ? 142 PHE A CZ  1 
ATOM   1061 N N   . LYS A 1 143 ? -1.957  7.231   14.286  1.00 40.42 ? 143 LYS A N   1 
ATOM   1062 C CA  . LYS A 1 143 ? -2.304  6.393   15.429  1.00 41.13 ? 143 LYS A CA  1 
ATOM   1063 C C   . LYS A 1 143 ? -2.940  5.060   15.025  1.00 46.35 ? 143 LYS A C   1 
ATOM   1064 O O   . LYS A 1 143 ? -3.054  4.149   15.849  1.00 40.89 ? 143 LYS A O   1 
ATOM   1065 C CB  . LYS A 1 143 ? -3.237  7.153   16.370  1.00 43.46 ? 143 LYS A CB  1 
ATOM   1066 C CG  . LYS A 1 143 ? -2.543  8.281   17.130  1.00 49.95 ? 143 LYS A CG  1 
ATOM   1067 C CD  . LYS A 1 143 ? -3.503  9.420   17.452  1.00 55.03 ? 143 LYS A CD  1 
ATOM   1068 C CE  . LYS A 1 143 ? -4.760  8.925   18.154  1.00 54.45 ? 143 LYS A CE  1 
ATOM   1069 N NZ  . LYS A 1 143 ? -5.667  10.056  18.523  1.00 60.72 ? 143 LYS A NZ  1 
ATOM   1070 N N   . ASP A 1 144 ? -3.348  4.950   13.759  1.00 38.58 ? 144 ASP A N   1 
ATOM   1071 C CA  . ASP A 1 144 ? -3.997  3.737   13.258  1.00 37.31 ? 144 ASP A CA  1 
ATOM   1072 C C   . ASP A 1 144 ? -3.027  2.857   12.434  1.00 37.49 ? 144 ASP A C   1 
ATOM   1073 O O   . ASP A 1 144 ? -3.434  1.849   11.853  1.00 37.97 ? 144 ASP A O   1 
ATOM   1074 C CB  . ASP A 1 144 ? -5.235  4.099   12.408  1.00 34.58 ? 144 ASP A CB  1 
ATOM   1075 C CG  . ASP A 1 144 ? -6.210  5.043   13.133  1.00 37.88 ? 144 ASP A CG  1 
ATOM   1076 O OD1 . ASP A 1 144 ? -6.361  4.929   14.368  1.00 35.43 ? 144 ASP A OD1 1 
ATOM   1077 O OD2 . ASP A 1 144 ? -6.844  5.896   12.460  1.00 31.31 ? 144 ASP A OD2 1 
ATOM   1078 N N   . PHE A 1 145 ? -1.752  3.240   12.402  1.00 32.65 ? 145 PHE A N   1 
ATOM   1079 C CA  . PHE A 1 145 ? -0.756  2.629   11.512  1.00 35.76 ? 145 PHE A CA  1 
ATOM   1080 C C   . PHE A 1 145 ? 0.262   1.742   12.252  1.00 39.42 ? 145 PHE A C   1 
ATOM   1081 O O   . PHE A 1 145 ? 0.703   2.089   13.351  1.00 34.07 ? 145 PHE A O   1 
ATOM   1082 C CB  . PHE A 1 145 ? -0.022  3.743   10.742  1.00 35.81 ? 145 PHE A CB  1 
ATOM   1083 C CG  . PHE A 1 145 ? 1.150   3.263   9.915   1.00 38.15 ? 145 PHE A CG  1 
ATOM   1084 C CD1 . PHE A 1 145 ? 0.964   2.797   8.622   1.00 37.70 ? 145 PHE A CD1 1 
ATOM   1085 C CD2 . PHE A 1 145 ? 2.442   3.301   10.425  1.00 41.76 ? 145 PHE A CD2 1 
ATOM   1086 C CE1 . PHE A 1 145 ? 2.040   2.364   7.857   1.00 38.47 ? 145 PHE A CE1 1 
ATOM   1087 C CE2 . PHE A 1 145 ? 3.521   2.867   9.665   1.00 38.18 ? 145 PHE A CE2 1 
ATOM   1088 C CZ  . PHE A 1 145 ? 3.318   2.398   8.380   1.00 38.57 ? 145 PHE A CZ  1 
ATOM   1089 N N   . SER A 1 146 ? 0.636   0.614   11.643  1.00 33.27 ? 146 SER A N   1 
ATOM   1090 C CA  . SER A 1 146 ? 1.691   -0.262  12.186  1.00 38.93 ? 146 SER A CA  1 
ATOM   1091 C C   . SER A 1 146 ? 2.707   -0.700  11.130  1.00 38.61 ? 146 SER A C   1 
ATOM   1092 O O   . SER A 1 146 ? 2.331   -1.205  10.067  1.00 36.62 ? 146 SER A O   1 
ATOM   1093 C CB  . SER A 1 146 ? 1.092   -1.525  12.826  1.00 37.91 ? 146 SER A CB  1 
ATOM   1094 O OG  . SER A 1 146 ? 0.445   -1.241  14.054  1.00 40.80 ? 146 SER A OG  1 
ATOM   1095 N N   . LEU A 1 147 ? 3.994   -0.525  11.429  1.00 33.23 ? 147 LEU A N   1 
ATOM   1096 C CA  . LEU A 1 147 ? 5.060   -1.048  10.575  1.00 36.77 ? 147 LEU A CA  1 
ATOM   1097 C C   . LEU A 1 147 ? 5.539   -2.404  11.098  1.00 39.47 ? 147 LEU A C   1 
ATOM   1098 O O   . LEU A 1 147 ? 5.888   -2.529  12.271  1.00 38.18 ? 147 LEU A O   1 
ATOM   1099 C CB  . LEU A 1 147 ? 6.233   -0.064  10.505  1.00 37.00 ? 147 LEU A CB  1 
ATOM   1100 C CG  . LEU A 1 147 ? 7.477   -0.547  9.748   1.00 40.63 ? 147 LEU A CG  1 
ATOM   1101 C CD1 . LEU A 1 147 ? 7.189   -0.780  8.266   1.00 40.33 ? 147 LEU A CD1 1 
ATOM   1102 C CD2 . LEU A 1 147 ? 8.638   0.434   9.929   1.00 45.60 ? 147 LEU A CD2 1 
ATOM   1103 N N   . GLY A 1 148 ? 5.558   -3.412  10.228  1.00 35.06 ? 148 GLY A N   1 
ATOM   1104 C CA  . GLY A 1 148 ? 5.847   -4.775  10.653  1.00 39.84 ? 148 GLY A CA  1 
ATOM   1105 C C   . GLY A 1 148 ? 7.292   -5.046  11.052  1.00 43.75 ? 148 GLY A C   1 
ATOM   1106 O O   . GLY A 1 148 ? 8.225   -4.601  10.383  1.00 40.92 ? 148 GLY A O   1 
ATOM   1107 N N   . LYS A 1 149 ? 7.475   -5.782  12.146  1.00 42.94 ? 149 LYS A N   1 
ATOM   1108 C CA  . LYS A 1 149 ? 8.814   -6.187  12.593  1.00 47.60 ? 149 LYS A CA  1 
ATOM   1109 C C   . LYS A 1 149 ? 9.163   -7.614  12.161  1.00 45.70 ? 149 LYS A C   1 
ATOM   1110 O O   . LYS A 1 149 ? 8.413   -8.561  12.422  1.00 40.18 ? 149 LYS A O   1 
ATOM   1111 C CB  . LYS A 1 149 ? 8.945   -6.063  14.114  1.00 50.22 ? 149 LYS A CB  1 
ATOM   1112 C CG  . LYS A 1 149 ? 8.834   -4.644  14.629  1.00 53.48 ? 149 LYS A CG  1 
ATOM   1113 C CD  . LYS A 1 149 ? 8.517   -4.612  16.116  1.00 62.57 ? 149 LYS A CD  1 
ATOM   1114 C CE  . LYS A 1 149 ? 8.679   -3.205  16.664  1.00 67.30 ? 149 LYS A CE  1 
ATOM   1115 N NZ  . LYS A 1 149 ? 10.059  -2.701  16.395  1.00 69.09 ? 149 LYS A NZ  1 
ATOM   1116 N N   . ARG A 1 150 ? 10.316  -7.751  11.516  1.00 40.85 ? 150 ARG A N   1 
ATOM   1117 C CA  . ARG A 1 150 ? 10.773  -9.012  10.935  1.00 45.90 ? 150 ARG A CA  1 
ATOM   1118 C C   . ARG A 1 150 ? 10.644  -10.235 11.852  1.00 46.05 ? 150 ARG A C   1 
ATOM   1119 O O   . ARG A 1 150 ? 10.082  -11.260 11.457  1.00 38.77 ? 150 ARG A O   1 
ATOM   1120 C CB  . ARG A 1 150 ? 12.229  -8.850  10.496  1.00 44.55 ? 150 ARG A CB  1 
ATOM   1121 C CG  . ARG A 1 150 ? 12.764  -9.920  9.563   1.00 50.25 ? 150 ARG A CG  1 
ATOM   1122 C CD  . ARG A 1 150 ? 14.048  -9.395  8.933   1.00 57.60 ? 150 ARG A CD  1 
ATOM   1123 N NE  . ARG A 1 150 ? 14.543  -10.214 7.835   1.00 58.34 ? 150 ARG A NE  1 
ATOM   1124 C CZ  . ARG A 1 150 ? 15.198  -9.725  6.785   1.00 62.82 ? 150 ARG A CZ  1 
ATOM   1125 N NH1 . ARG A 1 150 ? 15.415  -8.420  6.679   1.00 62.30 ? 150 ARG A NH1 1 
ATOM   1126 N NH2 . ARG A 1 150 ? 15.622  -10.537 5.826   1.00 69.41 ? 150 ARG A NH2 1 
ATOM   1127 N N   . GLU A 1 151 ? 11.180  -10.133 13.066  1.00 45.38 ? 151 GLU A N   1 
ATOM   1128 C CA  . GLU A 1 151 ? 11.233  -11.277 13.975  1.00 48.52 ? 151 GLU A CA  1 
ATOM   1129 C C   . GLU A 1 151 ? 9.859   -11.619 14.551  1.00 47.01 ? 151 GLU A C   1 
ATOM   1130 O O   . GLU A 1 151 ? 9.537   -12.793 14.762  1.00 43.14 ? 151 GLU A O   1 
ATOM   1131 C CB  . GLU A 1 151 ? 12.244  -11.034 15.105  1.00 49.12 ? 151 GLU A CB  1 
ATOM   1132 C CG  . GLU A 1 151 ? 11.973  -9.786  15.944  1.00 61.07 ? 151 GLU A CG  1 
ATOM   1133 C CD  . GLU A 1 151 ? 12.474  -8.487  15.299  1.00 69.37 ? 151 GLU A CD  1 
ATOM   1134 O OE1 . GLU A 1 151 ? 13.056  -8.536  14.186  1.00 59.96 ? 151 GLU A OE1 1 
ATOM   1135 O OE2 . GLU A 1 151 ? 12.284  -7.411  15.917  1.00 70.38 ? 151 GLU A OE2 1 
ATOM   1136 N N   . GLU A 1 152 ? 9.053   -10.592 14.803  1.00 44.57 ? 152 GLU A N   1 
ATOM   1137 C CA  . GLU A 1 152 ? 7.699   -10.795 15.311  1.00 47.11 ? 152 GLU A CA  1 
ATOM   1138 C C   . GLU A 1 152 ? 6.793   -11.446 14.263  1.00 42.11 ? 152 GLU A C   1 
ATOM   1139 O O   . GLU A 1 152 ? 5.971   -12.301 14.592  1.00 43.25 ? 152 GLU A O   1 
ATOM   1140 C CB  . GLU A 1 152 ? 7.104   -9.475  15.815  1.00 50.60 ? 152 GLU A CB  1 
ATOM   1141 C CG  . GLU A 1 152 ? 7.815   -8.912  17.045  1.00 59.63 ? 152 GLU A CG  1 
ATOM   1142 C CD  . GLU A 1 152 ? 7.319   -7.529  17.455  1.00 63.81 ? 152 GLU A CD  1 
ATOM   1143 O OE1 . GLU A 1 152 ? 6.462   -6.954  16.748  1.00 60.17 ? 152 GLU A OE1 1 
ATOM   1144 O OE2 . GLU A 1 152 ? 7.795   -7.015  18.493  1.00 60.96 ? 152 GLU A OE2 1 
ATOM   1145 N N   . LEU A 1 153 ? 6.958   -11.050 13.001  1.00 39.16 ? 153 LEU A N   1 
ATOM   1146 C CA  . LEU A 1 153 ? 6.166   -11.609 11.904  1.00 41.26 ? 153 LEU A CA  1 
ATOM   1147 C C   . LEU A 1 153 ? 6.512   -13.079 11.634  1.00 42.40 ? 153 LEU A C   1 
ATOM   1148 O O   . LEU A 1 153 ? 5.627   -13.905 11.377  1.00 38.60 ? 153 LEU A O   1 
ATOM   1149 C CB  . LEU A 1 153 ? 6.339   -10.778 10.622  1.00 38.49 ? 153 LEU A CB  1 
ATOM   1150 C CG  . LEU A 1 153 ? 5.595   -9.439  10.559  1.00 40.29 ? 153 LEU A CG  1 
ATOM   1151 C CD1 . LEU A 1 153 ? 5.970   -8.645  9.309   1.00 39.33 ? 153 LEU A CD1 1 
ATOM   1152 C CD2 . LEU A 1 153 ? 4.087   -9.663  10.619  1.00 41.06 ? 153 LEU A CD2 1 
ATOM   1153 N N   . ILE A 1 154 ? 7.800   -13.401 11.684  1.00 38.37 ? 154 ILE A N   1 
ATOM   1154 C CA  . ILE A 1 154 ? 8.251   -14.775 11.475  1.00 41.32 ? 154 ILE A CA  1 
ATOM   1155 C C   . ILE A 1 154 ? 7.806   -15.694 12.625  1.00 40.25 ? 154 ILE A C   1 
ATOM   1156 O O   . ILE A 1 154 ? 7.429   -16.847 12.407  1.00 37.98 ? 154 ILE A O   1 
ATOM   1157 C CB  . ILE A 1 154 ? 9.792   -14.835 11.273  1.00 44.41 ? 154 ILE A CB  1 
ATOM   1158 C CG1 . ILE A 1 154 ? 10.158  -14.384 9.854   1.00 42.75 ? 154 ILE A CG1 1 
ATOM   1159 C CG2 . ILE A 1 154 ? 10.327  -16.237 11.536  1.00 43.03 ? 154 ILE A CG2 1 
ATOM   1160 C CD1 . ILE A 1 154 ? 11.637  -14.149 9.654   1.00 45.57 ? 154 ILE A CD1 1 
ATOM   1161 N N   . LYS A 1 155 ? 7.843   -15.172 13.849  1.00 40.53 ? 155 LYS A N   1 
ATOM   1162 C CA  . LYS A 1 155 ? 7.326   -15.902 15.006  1.00 43.93 ? 155 LYS A CA  1 
ATOM   1163 C C   . LYS A 1 155 ? 5.850   -16.288 14.823  1.00 43.30 ? 155 LYS A C   1 
ATOM   1164 O O   . LYS A 1 155 ? 5.459   -17.422 15.112  1.00 42.06 ? 155 LYS A O   1 
ATOM   1165 C CB  . LYS A 1 155 ? 7.513   -15.076 16.286  1.00 44.99 ? 155 LYS A CB  1 
ATOM   1166 C CG  . LYS A 1 155 ? 6.934   -15.695 17.561  1.00 47.97 ? 155 LYS A CG  1 
ATOM   1167 C CD  . LYS A 1 155 ? 7.034   -14.699 18.718  1.00 51.51 ? 155 LYS A CD  1 
ATOM   1168 C CE  . LYS A 1 155 ? 6.149   -15.082 19.900  1.00 51.33 ? 155 LYS A CE  1 
ATOM   1169 N NZ  . LYS A 1 155 ? 6.899   -15.791 20.982  1.00 54.23 ? 155 LYS A NZ  1 
ATOM   1170 N N   . GLU A 1 156 ? 5.033   -15.353 14.339  1.00 41.10 ? 156 GLU A N   1 
ATOM   1171 C CA  . GLU A 1 156 ? 3.604   -15.622 14.154  1.00 42.14 ? 156 GLU A CA  1 
ATOM   1172 C C   . GLU A 1 156 ? 3.290   -16.471 12.918  1.00 41.66 ? 156 GLU A C   1 
ATOM   1173 O O   . GLU A 1 156 ? 2.406   -17.330 12.965  1.00 41.96 ? 156 GLU A O   1 
ATOM   1174 C CB  . GLU A 1 156 ? 2.787   -14.321 14.133  1.00 41.31 ? 156 GLU A CB  1 
ATOM   1175 C CG  . GLU A 1 156 ? 1.313   -14.499 13.734  1.00 50.02 ? 156 GLU A CG  1 
ATOM   1176 C CD  . GLU A 1 156 ? 0.474   -15.218 14.794  1.00 57.22 ? 156 GLU A CD  1 
ATOM   1177 O OE1 . GLU A 1 156 ? 0.970   -15.388 15.929  1.00 54.30 ? 156 GLU A OE1 1 
ATOM   1178 O OE2 . GLU A 1 156 ? -0.681  -15.612 14.489  1.00 54.39 ? 156 GLU A OE2 1 
ATOM   1179 N N   . TYR A 1 157 ? 4.011   -16.238 11.821  1.00 39.05 ? 157 TYR A N   1 
ATOM   1180 C CA  . TYR A 1 157 ? 3.734   -16.932 10.557  1.00 39.55 ? 157 TYR A CA  1 
ATOM   1181 C C   . TYR A 1 157 ? 4.960   -17.654 9.988   1.00 43.39 ? 157 TYR A C   1 
ATOM   1182 O O   . TYR A 1 157 ? 5.453   -17.294 8.913   1.00 42.09 ? 157 TYR A O   1 
ATOM   1183 C CB  . TYR A 1 157 ? 3.193   -15.951 9.503   1.00 40.38 ? 157 TYR A CB  1 
ATOM   1184 C CG  . TYR A 1 157 ? 2.042   -15.075 9.967   1.00 42.08 ? 157 TYR A CG  1 
ATOM   1185 C CD1 . TYR A 1 157 ? 0.750   -15.588 10.090  1.00 42.76 ? 157 TYR A CD1 1 
ATOM   1186 C CD2 . TYR A 1 157 ? 2.243   -13.732 10.260  1.00 40.22 ? 157 TYR A CD2 1 
ATOM   1187 C CE1 . TYR A 1 157 ? -0.305  -14.783 10.509  1.00 43.44 ? 157 TYR A CE1 1 
ATOM   1188 C CE2 . TYR A 1 157 ? 1.198   -12.921 10.677  1.00 39.66 ? 157 TYR A CE2 1 
ATOM   1189 C CZ  . TYR A 1 157 ? -0.071  -13.448 10.802  1.00 45.65 ? 157 TYR A CZ  1 
ATOM   1190 O OH  . TYR A 1 157 ? -1.101  -12.625 11.217  1.00 46.20 ? 157 TYR A OH  1 
ATOM   1191 N N   . PRO A 1 158 ? 5.447   -18.686 10.694  1.00 43.69 ? 158 PRO A N   1 
ATOM   1192 C CA  . PRO A 1 158 ? 6.637   -19.434 10.264  1.00 42.78 ? 158 PRO A CA  1 
ATOM   1193 C C   . PRO A 1 158 ? 6.528   -20.022 8.851   1.00 41.19 ? 158 PRO A C   1 
ATOM   1194 O O   . PRO A 1 158 ? 7.553   -20.193 8.192   1.00 43.66 ? 158 PRO A O   1 
ATOM   1195 C CB  . PRO A 1 158 ? 6.729   -20.561 11.306  1.00 46.09 ? 158 PRO A CB  1 
ATOM   1196 C CG  . PRO A 1 158 ? 5.350   -20.634 11.906  1.00 43.22 ? 158 PRO A CG  1 
ATOM   1197 C CD  . PRO A 1 158 ? 4.938   -19.202 11.975  1.00 41.74 ? 158 PRO A CD  1 
ATOM   1198 N N   . GLN A 1 159 ? 5.315   -20.320 8.393   1.00 39.87 ? 159 GLN A N   1 
ATOM   1199 C CA  . GLN A 1 159 ? 5.118   -20.892 7.057   1.00 39.97 ? 159 GLN A CA  1 
ATOM   1200 C C   . GLN A 1 159 ? 5.324   -19.886 5.912   1.00 41.55 ? 159 GLN A C   1 
ATOM   1201 O O   . GLN A 1 159 ? 5.308   -20.257 4.734   1.00 38.56 ? 159 GLN A O   1 
ATOM   1202 C CB  . GLN A 1 159 ? 3.733   -21.545 6.940   1.00 42.80 ? 159 GLN A CB  1 
ATOM   1203 C CG  . GLN A 1 159 ? 2.552   -20.571 6.907   1.00 43.14 ? 159 GLN A CG  1 
ATOM   1204 C CD  . GLN A 1 159 ? 2.060   -20.174 8.294   1.00 41.94 ? 159 GLN A CD  1 
ATOM   1205 O OE1 . GLN A 1 159 ? 2.829   -20.131 9.256   1.00 40.95 ? 159 GLN A OE1 1 
ATOM   1206 N NE2 . GLN A 1 159 ? 0.769   -19.879 8.397   1.00 41.22 ? 159 GLN A NE2 1 
ATOM   1207 N N   . HIS A 1 160 ? 5.525   -18.620 6.256   1.00 41.66 ? 160 HIS A N   1 
ATOM   1208 C CA  . HIS A 1 160 ? 5.713   -17.584 5.243   1.00 41.03 ? 160 HIS A CA  1 
ATOM   1209 C C   . HIS A 1 160 ? 7.066   -16.886 5.367   1.00 43.17 ? 160 HIS A C   1 
ATOM   1210 O O   . HIS A 1 160 ? 7.214   -15.721 4.991   1.00 41.39 ? 160 HIS A O   1 
ATOM   1211 C CB  . HIS A 1 160 ? 4.562   -16.572 5.299   1.00 38.83 ? 160 HIS A CB  1 
ATOM   1212 C CG  . HIS A 1 160 ? 3.226   -17.170 4.970   1.00 38.74 ? 160 HIS A CG  1 
ATOM   1213 N ND1 . HIS A 1 160 ? 2.840   -17.977 3.955   1.00 39.96 ? 160 HIS A ND1 1 
ATOM   1214 C CD2 . HIS A 1 160 ? 2.105   -16.971 5.750   1.00 38.01 ? 160 HIS A CD2 1 
ATOM   1215 C CE1 . HIS A 1 160 ? 1.500   -18.241 4.133   1.00 38.68 ? 160 HIS A CE1 1 
ATOM   1216 N NE2 . HIS A 1 160 ? 1.083   -17.622 5.223   1.00 41.25 ? 160 HIS A NE2 1 
ATOM   1217 N N   . ARG A 1 161 ? 8.058   -17.614 5.879   1.00 41.43 ? 161 ARG A N   1 
ATOM   1218 C CA  . ARG A 1 161 ? 9.392   -17.056 6.106   1.00 45.49 ? 161 ARG A CA  1 
ATOM   1219 C C   . ARG A 1 161 ? 10.030  -16.405 4.873   1.00 45.27 ? 161 ARG A C   1 
ATOM   1220 O O   . ARG A 1 161 ? 10.597  -15.312 4.971   1.00 43.77 ? 161 ARG A O   1 
ATOM   1221 C CB  . ARG A 1 161 ? 10.340  -18.114 6.681   1.00 46.09 ? 161 ARG A CB  1 
ATOM   1222 C CG  . ARG A 1 161 ? 11.719  -17.562 7.012   1.00 52.61 ? 161 ARG A CG  1 
ATOM   1223 C CD  . ARG A 1 161 ? 12.627  -18.616 7.630   1.00 55.83 ? 161 ARG A CD  1 
ATOM   1224 N NE  . ARG A 1 161 ? 13.855  -18.014 8.144   1.00 68.97 ? 161 ARG A NE  1 
ATOM   1225 C CZ  . ARG A 1 161 ? 14.969  -17.851 7.432   1.00 75.40 ? 161 ARG A CZ  1 
ATOM   1226 N NH1 . ARG A 1 161 ? 15.020  -18.253 6.166   1.00 74.59 ? 161 ARG A NH1 1 
ATOM   1227 N NH2 . ARG A 1 161 ? 16.034  -17.289 7.987   1.00 72.87 ? 161 ARG A NH2 1 
ATOM   1228 N N   . ASP A 1 162 ? 9.946   -17.070 3.724   1.00 46.02 ? 162 ASP A N   1 
ATOM   1229 C CA  . ASP A 1 162 ? 10.597  -16.575 2.507   1.00 46.57 ? 162 ASP A CA  1 
ATOM   1230 C C   . ASP A 1 162 ? 10.125  -15.178 2.097   1.00 46.15 ? 162 ASP A C   1 
ATOM   1231 O O   . ASP A 1 162 ? 10.934  -14.254 1.978   1.00 43.83 ? 162 ASP A O   1 
ATOM   1232 C CB  . ASP A 1 162 ? 10.408  -17.554 1.347   1.00 50.18 ? 162 ASP A CB  1 
ATOM   1233 C CG  . ASP A 1 162 ? 11.187  -18.839 1.540   1.00 58.75 ? 162 ASP A CG  1 
ATOM   1234 O OD1 . ASP A 1 162 ? 12.049  -18.889 2.451   1.00 59.30 ? 162 ASP A OD1 1 
ATOM   1235 O OD2 . ASP A 1 162 ? 10.938  -19.801 0.780   1.00 58.45 ? 162 ASP A OD2 1 
ATOM   1236 N N   . VAL A 1 163 ? 8.818   -15.026 1.878   1.00 42.18 ? 163 VAL A N   1 
ATOM   1237 C CA  . VAL A 1 163 ? 8.280   -13.735 1.447   1.00 42.57 ? 163 VAL A CA  1 
ATOM   1238 C C   . VAL A 1 163 ? 8.469   -12.646 2.508   1.00 41.61 ? 163 VAL A C   1 
ATOM   1239 O O   . VAL A 1 163 ? 8.687   -11.481 2.168   1.00 42.79 ? 163 VAL A O   1 
ATOM   1240 C CB  . VAL A 1 163 ? 6.796   -13.814 1.002   1.00 41.78 ? 163 VAL A CB  1 
ATOM   1241 C CG1 . VAL A 1 163 ? 5.874   -14.045 2.190   1.00 37.08 ? 163 VAL A CG1 1 
ATOM   1242 C CG2 . VAL A 1 163 ? 6.396   -12.534 0.264   1.00 42.93 ? 163 VAL A CG2 1 
ATOM   1243 N N   . ILE A 1 164 ? 8.400   -13.024 3.783   1.00 37.34 ? 164 ILE A N   1 
ATOM   1244 C CA  . ILE A 1 164 ? 8.615   -12.065 4.873   1.00 39.65 ? 164 ILE A CA  1 
ATOM   1245 C C   . ILE A 1 164 ? 10.054  -11.527 4.869   1.00 45.13 ? 164 ILE A C   1 
ATOM   1246 O O   . ILE A 1 164 ? 10.280  -10.327 5.074   1.00 38.09 ? 164 ILE A O   1 
ATOM   1247 C CB  . ILE A 1 164 ? 8.287   -12.669 6.269   1.00 40.88 ? 164 ILE A CB  1 
ATOM   1248 C CG1 . ILE A 1 164 ? 6.792   -13.001 6.386   1.00 40.84 ? 164 ILE A CG1 1 
ATOM   1249 C CG2 . ILE A 1 164 ? 8.699   -11.708 7.381   1.00 40.57 ? 164 ILE A CG2 1 
ATOM   1250 C CD1 . ILE A 1 164 ? 6.386   -13.608 7.726   1.00 37.25 ? 164 ILE A CD1 1 
ATOM   1251 N N   . MET A 1 165 ? 11.021  -12.415 4.636   1.00 41.70 ? 165 MET A N   1 
ATOM   1252 C CA  . MET A 1 165 ? 12.428  -12.012 4.578   1.00 46.76 ? 165 MET A CA  1 
ATOM   1253 C C   . MET A 1 165 ? 12.637  -10.978 3.473   1.00 46.58 ? 165 MET A C   1 
ATOM   1254 O O   . MET A 1 165 ? 13.271  -9.945  3.686   1.00 45.64 ? 165 MET A O   1 
ATOM   1255 C CB  . MET A 1 165 ? 13.344  -13.221 4.342   1.00 46.72 ? 165 MET A CB  1 
ATOM   1256 C CG  . MET A 1 165 ? 13.471  -14.165 5.532   1.00 51.01 ? 165 MET A CG  1 
ATOM   1257 S SD  . MET A 1 165 ? 14.321  -13.425 6.942   1.00 62.51 ? 165 MET A SD  1 
ATOM   1258 C CE  . MET A 1 165 ? 16.026  -13.556 6.404   1.00 64.41 ? 165 MET A CE  1 
ATOM   1259 N N   . ARG A 1 166 ? 12.083  -11.259 2.299   1.00 46.15 ? 166 ARG A N   1 
ATOM   1260 C CA  . ARG A 1 166 ? 12.225  -10.377 1.146   1.00 46.68 ? 166 ARG A CA  1 
ATOM   1261 C C   . ARG A 1 166 ? 11.602  -8.982  1.327   1.00 47.54 ? 166 ARG A C   1 
ATOM   1262 O O   . ARG A 1 166 ? 12.141  -7.994  0.824   1.00 46.60 ? 166 ARG A O   1 
ATOM   1263 C CB  . ARG A 1 166 ? 11.662  -11.051 -0.108  1.00 50.66 ? 166 ARG A CB  1 
ATOM   1264 C CG  . ARG A 1 166 ? 11.905  -10.268 -1.387  1.00 60.84 ? 166 ARG A CG  1 
ATOM   1265 C CD  . ARG A 1 166 ? 11.546  -11.094 -2.604  1.00 62.14 ? 166 ARG A CD  1 
ATOM   1266 N NE  . ARG A 1 166 ? 10.111  -11.328 -2.684  1.00 62.37 ? 166 ARG A NE  1 
ATOM   1267 C CZ  . ARG A 1 166 ? 9.572   -12.457 -3.125  1.00 69.38 ? 166 ARG A CZ  1 
ATOM   1268 N NH1 . ARG A 1 166 ? 10.358  -13.454 -3.508  1.00 76.94 ? 166 ARG A NH1 1 
ATOM   1269 N NH2 . ARG A 1 166 ? 8.252   -12.597 -3.171  1.00 65.00 ? 166 ARG A NH2 1 
ATOM   1270 N N   . CYS A 1 167 ? 10.483  -8.898  2.045   1.00 44.56 ? 167 CYS A N   1 
ATOM   1271 C CA  . CYS A 1 167 ? 9.762   -7.627  2.189   1.00 43.28 ? 167 CYS A CA  1 
ATOM   1272 C C   . CYS A 1 167 ? 9.801   -7.009  3.596   1.00 44.50 ? 167 CYS A C   1 
ATOM   1273 O O   . CYS A 1 167 ? 8.804   -6.435  4.053   1.00 39.86 ? 167 CYS A O   1 
ATOM   1274 C CB  . CYS A 1 167 ? 8.306   -7.779  1.732   1.00 42.52 ? 167 CYS A CB  1 
ATOM   1275 S SG  . CYS A 1 167 ? 8.098   -8.445  0.062   1.00 43.66 ? 167 CYS A SG  1 
ATOM   1276 N N   . THR A 1 168 ? 10.942  -7.127  4.274   1.00 42.16 ? 168 THR A N   1 
ATOM   1277 C CA  . THR A 1 168 ? 11.182  -6.426  5.540   1.00 43.39 ? 168 THR A CA  1 
ATOM   1278 C C   . THR A 1 168 ? 12.655  -6.009  5.674   1.00 51.98 ? 168 THR A C   1 
ATOM   1279 O O   . THR A 1 168 ? 13.528  -6.542  4.981   1.00 46.66 ? 168 THR A O   1 
ATOM   1280 C CB  . THR A 1 168 ? 10.809  -7.279  6.785   1.00 49.36 ? 168 THR A CB  1 
ATOM   1281 O OG1 . THR A 1 168 ? 11.677  -8.419  6.877   1.00 47.04 ? 168 THR A OG1 1 
ATOM   1282 C CG2 . THR A 1 168 ? 9.347   -7.741  6.733   1.00 43.69 ? 168 THR A CG2 1 
ATOM   1283 N N   . SER A 1 169 ? 12.922  -5.055  6.564   1.00 50.07 ? 169 SER A N   1 
ATOM   1284 C CA  . SER A 1 169 ? 14.295  -4.663  6.895   1.00 61.06 ? 169 SER A CA  1 
ATOM   1285 C C   . SER A 1 169 ? 14.856  -5.493  8.051   1.00 62.35 ? 169 SER A C   1 
ATOM   1286 O O   . SER A 1 169 ? 14.104  -6.007  8.880   1.00 57.77 ? 169 SER A O   1 
ATOM   1287 C CB  . SER A 1 169 ? 14.359  -3.178  7.258   1.00 60.75 ? 169 SER A CB  1 
ATOM   1288 O OG  . SER A 1 169 ? 14.227  -2.370  6.103   1.00 65.41 ? 169 SER A OG  1 
ATOM   1289 N N   . SER A 1 170 ? 16.179  -5.614  8.106   1.00 67.68 ? 170 SER A N   1 
ATOM   1290 C CA  . SER A 1 170 ? 16.829  -6.380  9.168   1.00 71.02 ? 170 SER A CA  1 
ATOM   1291 C C   . SER A 1 170 ? 16.533  -5.795  10.550  1.00 73.06 ? 170 SER A C   1 
ATOM   1292 O O   . SER A 1 170 ? 17.027  -4.723  10.905  1.00 76.21 ? 170 SER A O   1 
ATOM   1293 C CB  . SER A 1 170 ? 18.342  -6.448  8.941   1.00 73.80 ? 170 SER A CB  1 
ATOM   1294 O OG  . SER A 1 170 ? 18.932  -5.165  9.078   1.00 77.51 ? 170 SER A OG  1 
HETATM 1295 O O   . HOH B 2 .   ? -10.178 11.332  21.906  1.00 61.17 ? 173 HOH A O   1 
HETATM 1296 O O   . HOH B 2 .   ? 5.867   12.072  -23.359 1.00 60.94 ? 174 HOH A O   1 
HETATM 1297 O O   . HOH B 2 .   ? -3.486  -13.417 -10.484 1.00 60.63 ? 175 HOH A O   1 
HETATM 1298 O O   . HOH B 2 .   ? 6.011   21.219  -15.965 1.00 62.60 ? 176 HOH A O   1 
HETATM 1299 O O   . HOH B 2 .   ? -16.073 16.666  2.174   1.00 28.74 ? 177 HOH A O   1 
HETATM 1300 O O   . HOH B 2 .   ? 5.430   -15.198 -3.472  1.00 64.68 ? 178 HOH A O   1 
HETATM 1301 O O   . HOH B 2 .   ? 3.124   0.952   -20.388 1.00 59.03 ? 179 HOH A O   1 
HETATM 1302 O O   . HOH B 2 .   ? -3.740  7.107   -17.530 1.00 27.31 ? 180 HOH A O   1 
HETATM 1303 O O   . HOH B 2 .   ? -4.447  -3.337  6.756   1.00 29.25 ? 181 HOH A O   1 
HETATM 1304 O O   . HOH B 2 .   ? -8.435  11.147  9.537   1.00 28.44 ? 182 HOH A O   1 
HETATM 1305 O O   . HOH B 2 .   ? -3.598  16.023  -9.765  1.00 30.30 ? 183 HOH A O   1 
HETATM 1306 O O   . HOH B 2 .   ? -10.719 2.462   1.014   1.00 26.63 ? 184 HOH A O   1 
HETATM 1307 O O   . HOH B 2 .   ? -6.493  5.864   9.762   1.00 29.95 ? 185 HOH A O   1 
HETATM 1308 O O   . HOH B 2 .   ? -7.059  12.276  11.628  1.00 34.72 ? 186 HOH A O   1 
HETATM 1309 O O   . HOH B 2 .   ? -13.088 2.245   2.701   1.00 29.43 ? 187 HOH A O   1 
HETATM 1310 O O   . HOH B 2 .   ? 8.894   17.378  -5.541  1.00 33.96 ? 188 HOH A O   1 
HETATM 1311 O O   . HOH B 2 .   ? -6.946  3.239   9.281   1.00 30.43 ? 189 HOH A O   1 
HETATM 1312 O O   . HOH B 2 .   ? -8.475  14.868  9.346   1.00 37.14 ? 190 HOH A O   1 
HETATM 1313 O O   . HOH B 2 .   ? -7.189  4.422   16.894  1.00 36.32 ? 191 HOH A O   1 
HETATM 1314 O O   . HOH B 2 .   ? -7.995  18.570  0.692   1.00 34.00 ? 192 HOH A O   1 
HETATM 1315 O O   . HOH B 2 .   ? -6.024  -2.332  4.774   1.00 28.19 ? 193 HOH A O   1 
HETATM 1316 O O   . HOH B 2 .   ? -12.826 0.726   6.494   1.00 28.05 ? 194 HOH A O   1 
HETATM 1317 O O   . HOH B 2 .   ? -2.528  -0.766  13.077  1.00 42.80 ? 195 HOH A O   1 
HETATM 1318 O O   . HOH B 2 .   ? -0.241  -3.878  -16.426 1.00 40.76 ? 196 HOH A O   1 
HETATM 1319 O O   . HOH B 2 .   ? 2.014   14.828  1.690   1.00 34.57 ? 197 HOH A O   1 
HETATM 1320 O O   . HOH B 2 .   ? 5.195   -6.517  14.009  1.00 41.06 ? 198 HOH A O   1 
HETATM 1321 O O   . HOH B 2 .   ? 10.512  15.333  2.190   1.00 34.44 ? 199 HOH A O   1 
HETATM 1322 O O   . HOH B 2 .   ? -2.226  10.368  3.850   1.00 36.49 ? 200 HOH A O   1 
HETATM 1323 O O   . HOH B 2 .   ? -9.033  -6.746  -7.972  1.00 33.02 ? 201 HOH A O   1 
HETATM 1324 O O   . HOH B 2 .   ? -12.540 0.338   9.104   1.00 33.88 ? 202 HOH A O   1 
HETATM 1325 O O   . HOH B 2 .   ? -0.005  1.780   1.705   1.00 41.20 ? 203 HOH A O   1 
HETATM 1326 O O   . HOH B 2 .   ? 8.041   -4.362  7.760   1.00 38.80 ? 204 HOH A O   1 
HETATM 1327 O O   . HOH B 2 .   ? -9.859  -6.289  -4.884  1.00 33.98 ? 205 HOH A O   1 
HETATM 1328 O O   . HOH B 2 .   ? -3.538  17.401  3.108   1.00 40.25 ? 206 HOH A O   1 
HETATM 1329 O O   . HOH B 2 .   ? -13.414 18.901  1.670   1.00 38.51 ? 207 HOH A O   1 
HETATM 1330 O O   . HOH B 2 .   ? -3.002  6.417   -20.206 1.00 43.12 ? 208 HOH A O   1 
HETATM 1331 O O   . HOH B 2 .   ? -0.591  -0.405  -19.901 1.00 49.24 ? 209 HOH A O   1 
HETATM 1332 O O   . HOH B 2 .   ? -14.384 7.830   16.755  1.00 43.75 ? 210 HOH A O   1 
HETATM 1333 O O   . HOH B 2 .   ? 2.118   2.973   0.756   1.00 54.35 ? 211 HOH A O   1 
HETATM 1334 O O   . HOH B 2 .   ? -2.858  17.784  -6.475  1.00 34.41 ? 212 HOH A O   1 
HETATM 1335 O O   . HOH B 2 .   ? 5.296   0.412   4.500   1.00 46.06 ? 213 HOH A O   1 
HETATM 1336 O O   . HOH B 2 .   ? -6.162  12.401  15.848  1.00 47.18 ? 214 HOH A O   1 
HETATM 1337 O O   . HOH B 2 .   ? -9.581  14.264  11.846  1.00 44.98 ? 215 HOH A O   1 
HETATM 1338 O O   . HOH B 2 .   ? -2.118  6.345   3.086   1.00 46.80 ? 216 HOH A O   1 
HETATM 1339 O O   . HOH B 2 .   ? 2.005   4.560   14.622  1.00 50.27 ? 217 HOH A O   1 
HETATM 1340 O O   . HOH B 2 .   ? -6.478  -8.487  -9.484  1.00 43.38 ? 218 HOH A O   1 
HETATM 1341 O O   . HOH B 2 .   ? 10.712  -3.452  7.719   1.00 44.44 ? 219 HOH A O   1 
HETATM 1342 O O   . HOH B 2 .   ? 6.102   -2.808  -13.170 1.00 45.52 ? 220 HOH A O   1 
HETATM 1343 O O   . HOH B 2 .   ? -14.383 5.837   18.142  1.00 44.48 ? 221 HOH A O   1 
HETATM 1344 O O   . HOH B 2 .   ? -10.762 -1.894  12.278  1.00 42.79 ? 222 HOH A O   1 
HETATM 1345 O O   . HOH B 2 .   ? -16.039 -3.016  19.586  1.00 48.63 ? 223 HOH A O   1 
HETATM 1346 O O   . HOH B 2 .   ? 7.090   -17.517 1.940   1.00 45.71 ? 224 HOH A O   1 
HETATM 1347 O O   . HOH B 2 .   ? -10.915 19.735  1.106   1.00 43.97 ? 225 HOH A O   1 
HETATM 1348 O O   . HOH B 2 .   ? 11.477  15.113  -4.760  0.50 37.68 ? 226 HOH A O   1 
HETATM 1349 O O   . HOH B 2 .   ? -13.520 7.559   20.137  1.00 51.81 ? 227 HOH A O   1 
HETATM 1350 O O   . HOH B 2 .   ? 1.428   3.381   -19.105 1.00 46.27 ? 228 HOH A O   1 
HETATM 1351 O O   . HOH B 2 .   ? -0.389  -18.882 11.505  1.00 53.95 ? 229 HOH A O   1 
HETATM 1352 O O   . HOH B 2 .   ? 8.604   -19.707 3.419   1.00 49.54 ? 230 HOH A O   1 
HETATM 1353 O O   . HOH B 2 .   ? -3.359  18.866  -3.615  1.00 39.05 ? 231 HOH A O   1 
HETATM 1354 O O   . HOH B 2 .   ? 4.611   14.879  0.765   1.00 42.76 ? 232 HOH A O   1 
HETATM 1355 O O   . HOH B 2 .   ? -14.008 3.654   19.725  1.00 44.26 ? 233 HOH A O   1 
HETATM 1356 O O   . HOH B 2 .   ? 4.255   -3.775  14.661  1.00 51.20 ? 234 HOH A O   1 
HETATM 1357 O O   . HOH B 2 .   ? -7.409  18.979  -2.187  1.00 47.12 ? 235 HOH A O   1 
HETATM 1358 O O   . HOH B 2 .   ? -0.247  18.838  -0.783  1.00 51.38 ? 236 HOH A O   1 
HETATM 1359 O O   . HOH B 2 .   ? -2.053  11.530  14.922  1.00 48.51 ? 237 HOH A O   1 
HETATM 1360 O O   . HOH B 2 .   ? -5.149  -10.856 -9.363  1.00 48.40 ? 238 HOH A O   1 
HETATM 1361 O O   . HOH B 2 .   ? 4.436   -5.298  -16.112 1.00 49.14 ? 239 HOH A O   1 
HETATM 1362 O O   . HOH B 2 .   ? 12.210  -5.441  10.659  1.00 48.61 ? 240 HOH A O   1 
HETATM 1363 O O   . HOH B 2 .   ? -17.906 17.408  10.029  1.00 50.71 ? 241 HOH A O   1 
HETATM 1364 O O   . HOH B 2 .   ? 8.848   18.702  -2.822  0.50 49.38 ? 242 HOH A O   1 
HETATM 1365 O O   . HOH B 2 .   ? 9.737   -3.485  -6.240  1.00 51.28 ? 243 HOH A O   1 
HETATM 1366 O O   . HOH B 2 .   ? 8.660   -21.378 5.695   1.00 52.35 ? 244 HOH A O   1 
HETATM 1367 O O   . HOH B 2 .   ? -1.271  3.757   4.313   1.00 44.98 ? 245 HOH A O   1 
HETATM 1368 O O   . HOH B 2 .   ? 6.999   16.797  -18.526 1.00 55.77 ? 246 HOH A O   1 
HETATM 1369 O O   . HOH B 2 .   ? -8.702  -13.265 -15.859 1.00 57.49 ? 247 HOH A O   1 
HETATM 1370 O O   . HOH B 2 .   ? 6.934   -19.436 16.311  1.00 43.28 ? 248 HOH A O   1 
HETATM 1371 O O   . HOH B 2 .   ? -13.499 19.987  9.613   1.00 48.92 ? 249 HOH A O   1 
HETATM 1372 O O   . HOH B 2 .   ? 2.920   -4.140  -19.032 1.00 58.19 ? 250 HOH A O   1 
HETATM 1373 O O   . HOH B 2 .   ? 9.435   -15.426 -1.704  1.00 59.88 ? 251 HOH A O   1 
HETATM 1374 O O   . HOH B 2 .   ? 1.413   18.749  -8.712  1.00 45.55 ? 252 HOH A O   1 
HETATM 1375 O O   . HOH B 2 .   ? -2.044  -6.852  13.739  1.00 59.00 ? 253 HOH A O   1 
HETATM 1376 O O   . HOH B 2 .   ? 9.971   1.327   -4.478  1.00 54.41 ? 254 HOH A O   1 
HETATM 1377 O O   . HOH B 2 .   ? -2.765  -13.809 12.628  1.00 53.83 ? 255 HOH A O   1 
HETATM 1378 O O   . HOH B 2 .   ? 9.822   12.693  3.415   1.00 44.68 ? 256 HOH A O   1 
HETATM 1379 O O   . HOH B 2 .   ? 10.792  18.260  -15.379 1.00 54.71 ? 257 HOH A O   1 
HETATM 1380 O O   . HOH B 2 .   ? -8.869  12.817  16.388  1.00 52.82 ? 258 HOH A O   1 
HETATM 1381 O O   . HOH B 2 .   ? -15.582 1.009   12.870  1.00 44.28 ? 259 HOH A O   1 
HETATM 1382 O O   . HOH B 2 .   ? -9.946  19.413  5.127   1.00 45.63 ? 260 HOH A O   1 
HETATM 1383 O O   . HOH B 2 .   ? -11.589 13.733  18.398  1.00 51.89 ? 261 HOH A O   1 
HETATM 1384 O O   . HOH B 2 .   ? 10.923  -3.069  10.394  1.00 49.76 ? 262 HOH A O   1 
HETATM 1385 O O   . HOH B 2 .   ? 4.739   -12.439 17.186  1.00 54.51 ? 263 HOH A O   1 
HETATM 1386 O O   . HOH B 2 .   ? -3.555  -9.498  11.844  1.00 54.58 ? 264 HOH A O   1 
HETATM 1387 O O   . HOH B 2 .   ? -5.782  -11.397 -2.919  1.00 47.57 ? 265 HOH A O   1 
HETATM 1388 O O   . HOH B 2 .   ? -9.280  -9.119  11.644  1.00 59.64 ? 266 HOH A O   1 
HETATM 1389 O O   . HOH B 2 .   ? -3.177  -10.531 9.332   1.00 48.42 ? 267 HOH A O   1 
HETATM 1390 O O   . HOH B 2 .   ? 3.534   -8.239  14.974  1.00 52.56 ? 268 HOH A O   1 
HETATM 1391 O O   . HOH B 2 .   ? 0.756   -2.066  -18.038 1.00 47.83 ? 269 HOH A O   1 
HETATM 1392 O O   . HOH B 2 .   ? -3.362  19.099  0.363   1.00 55.74 ? 270 HOH A O   1 
HETATM 1393 O O   . HOH B 2 .   ? -1.229  -18.980 14.130  1.00 51.34 ? 271 HOH A O   1 
HETATM 1394 O O   . HOH B 2 .   ? 0.837   17.160  1.678   1.00 52.83 ? 272 HOH A O   1 
HETATM 1395 O O   . HOH B 2 .   ? 12.589  16.372  -15.522 1.00 54.78 ? 273 HOH A O   1 
HETATM 1396 O O   . HOH B 2 .   ? 13.612  -14.835 0.779   1.00 54.76 ? 274 HOH A O   1 
HETATM 1397 O O   . HOH B 2 .   ? 3.304   -14.819 -5.011  1.00 55.96 ? 275 HOH A O   1 
HETATM 1398 O O   . HOH B 2 .   ? 5.896   15.051  3.280   1.00 56.27 ? 276 HOH A O   1 
HETATM 1399 O O   . HOH B 2 .   ? 6.989   19.983  -13.771 1.00 47.54 ? 277 HOH A O   1 
HETATM 1400 O O   . HOH B 2 .   ? -14.584 10.051  19.716  1.00 60.31 ? 278 HOH A O   1 
HETATM 1401 O O   . HOH B 2 .   ? 7.155   13.162  4.578   1.00 47.60 ? 279 HOH A O   1 
HETATM 1402 O O   . HOH B 2 .   ? 3.949   2.670   4.912   1.00 53.78 ? 280 HOH A O   1 
HETATM 1403 O O   . HOH B 2 .   ? 1.480   13.892  4.529   1.00 50.06 ? 281 HOH A O   1 
HETATM 1404 O O   . HOH B 2 .   ? 11.590  7.716   -20.234 1.00 57.20 ? 282 HOH A O   1 
HETATM 1405 O O   . HOH B 2 .   ? 6.180   18.295  -1.835  1.00 56.19 ? 283 HOH A O   1 
HETATM 1406 O O   . HOH B 2 .   ? 11.068  6.664   0.139   1.00 56.04 ? 284 HOH A O   1 
HETATM 1407 O O   . HOH B 2 .   ? 11.178  3.594   -5.344  1.00 56.38 ? 285 HOH A O   1 
HETATM 1408 O O   . HOH B 2 .   ? 11.604  -5.442  -7.869  1.00 58.45 ? 286 HOH A O   1 
HETATM 1409 O O   . HOH B 2 .   ? 5.846   -12.903 -7.729  1.00 69.79 ? 287 HOH A O   1 
HETATM 1410 O O   . HOH B 2 .   ? -8.591  -18.990 4.592   1.00 60.57 ? 288 HOH A O   1 
HETATM 1411 O O   . HOH B 2 .   ? 14.015  -17.459 11.134  1.00 69.35 ? 289 HOH A O   1 
HETATM 1412 O O   . HOH B 2 .   ? 6.028   22.084  -12.069 1.00 58.57 ? 290 HOH A O   1 
HETATM 1413 O O   . HOH B 2 .   ? -5.727  -12.784 -6.781  1.00 60.99 ? 291 HOH A O   1 
HETATM 1414 O O   . HOH B 2 .   ? -10.667 16.577  8.310   1.00 46.35 ? 292 HOH A O   1 
HETATM 1415 O O   . HOH B 2 .   ? 18.593  -16.670 6.347   1.00 70.72 ? 293 HOH A O   1 
HETATM 1416 O O   . HOH B 2 .   ? -4.385  8.205   1.821   1.00 40.05 ? 294 HOH A O   1 
HETATM 1417 O O   . HOH B 2 .   ? -13.887 -0.634  11.434  1.00 44.53 ? 295 HOH A O   1 
HETATM 1418 O O   . HOH B 2 .   ? -21.155 8.056   13.264  1.00 47.84 ? 296 HOH A O   1 
HETATM 1419 O O   . HOH B 2 .   ? -16.868 6.242   18.887  1.00 54.46 ? 297 HOH A O   1 
HETATM 1420 O O   . HOH B 2 .   ? -1.854  18.264  -9.717  1.00 47.99 ? 298 HOH A O   1 
HETATM 1421 O O   . HOH B 2 .   ? 11.746  -3.953  2.152   1.00 51.61 ? 299 HOH A O   1 
HETATM 1422 O O   . HOH B 2 .   ? 6.812   -7.904  -9.636  1.00 57.61 ? 300 HOH A O   1 
HETATM 1423 O O   . HOH B 2 .   ? -13.133 5.011   22.251  1.00 53.37 ? 301 HOH A O   1 
HETATM 1424 O O   . HOH B 2 .   ? -7.195  -12.145 -11.620 1.00 52.47 ? 302 HOH A O   1 
HETATM 1425 O O   . HOH B 2 .   ? 9.033   -19.258 13.749  1.00 51.79 ? 303 HOH A O   1 
HETATM 1426 O O   . HOH B 2 .   ? -9.155  -10.794 5.374   1.00 49.05 ? 304 HOH A O   1 
HETATM 1427 O O   . HOH B 2 .   ? 11.503  11.224  5.131   1.00 55.54 ? 305 HOH A O   1 
HETATM 1428 O O   . HOH B 2 .   ? -5.330  17.910  1.456   1.00 55.98 ? 306 HOH A O   1 
HETATM 1429 O O   . HOH B 2 .   ? 4.985   0.937   13.968  1.00 47.67 ? 307 HOH A O   1 
HETATM 1430 O O   . HOH B 2 .   ? 5.667   1.571   -18.810 1.00 54.92 ? 308 HOH A O   1 
HETATM 1431 O O   . HOH B 2 .   ? 12.637  3.471   -13.343 1.00 56.91 ? 309 HOH A O   1 
HETATM 1432 O O   . HOH B 2 .   ? -16.848 -2.947  10.400  1.00 57.14 ? 310 HOH A O   1 
HETATM 1433 O O   . HOH B 2 .   ? 6.780   0.422   -16.717 1.00 50.16 ? 311 HOH A O   1 
HETATM 1434 O O   . HOH B 2 .   ? -13.242 -5.271  5.205   1.00 47.66 ? 312 HOH A O   1 
HETATM 1435 O O   . HOH B 2 .   ? -18.442 1.029   12.969  1.00 58.87 ? 313 HOH A O   1 
HETATM 1436 O O   . HOH B 2 .   ? -10.693 -11.398 11.530  1.00 56.17 ? 314 HOH A O   1 
HETATM 1437 O O   . HOH B 2 .   ? -8.836  -10.364 -0.496  1.00 54.79 ? 315 HOH A O   1 
HETATM 1438 O O   . HOH B 2 .   ? 10.372  -20.935 9.261   1.00 59.34 ? 316 HOH A O   1 
HETATM 1439 O O   . HOH B 2 .   ? 7.722   17.732  -15.603 1.00 50.10 ? 317 HOH A O   1 
HETATM 1440 O O   . HOH B 2 .   ? 4.768   17.052  -20.435 1.00 59.44 ? 318 HOH A O   1 
HETATM 1441 O O   . HOH B 2 .   ? 8.555   16.858  2.599   1.00 49.07 ? 319 HOH A O   1 
HETATM 1442 O O   . HOH B 2 .   ? 0.869   -0.032  -22.141 1.00 55.76 ? 320 HOH A O   1 
HETATM 1443 O O   . HOH B 2 .   ? 3.784   21.544  -10.392 1.00 55.32 ? 321 HOH A O   1 
HETATM 1444 O O   . HOH B 2 .   ? -9.709  -8.079  -2.246  1.00 54.46 ? 322 HOH A O   1 
HETATM 1445 O O   . HOH B 2 .   ? 11.194  -15.050 15.229  1.00 50.09 ? 323 HOH A O   1 
HETATM 1446 O O   . HOH B 2 .   ? 12.776  5.681   -19.218 1.00 64.85 ? 324 HOH A O   1 
HETATM 1447 O O   . HOH B 2 .   ? -9.681  19.029  8.008   1.00 59.88 ? 325 HOH A O   1 
HETATM 1448 O O   . HOH B 2 .   ? 15.523  -12.484 1.118   1.00 57.91 ? 326 HOH A O   1 
HETATM 1449 O O   . HOH B 2 .   ? -6.635  -13.845 -4.436  1.00 59.75 ? 327 HOH A O   1 
HETATM 1450 O O   . HOH B 2 .   ? 3.922   -1.716  -19.523 1.00 61.93 ? 328 HOH A O   1 
HETATM 1451 O O   . HOH B 2 .   ? 2.756   -5.883  -22.526 1.00 67.67 ? 329 HOH A O   1 
HETATM 1452 O O   . HOH B 2 .   ? 14.794  17.339  -14.936 1.00 60.14 ? 330 HOH A O   1 
HETATM 1453 O O   . HOH B 2 .   ? 5.200   11.544  6.253   1.00 60.41 ? 331 HOH A O   1 
HETATM 1454 O O   . HOH B 2 .   ? 2.960   -15.129 17.798  1.00 55.14 ? 332 HOH A O   1 
HETATM 1455 O O   . HOH B 2 .   ? 1.905   -10.432 14.612  1.00 63.77 ? 333 HOH A O   1 
HETATM 1456 O O   . HOH B 2 .   ? -11.111 6.809   22.658  1.00 59.65 ? 334 HOH A O   1 
HETATM 1457 O O   . HOH B 2 .   ? 4.961   -7.318  -11.679 1.00 62.02 ? 335 HOH A O   1 
HETATM 1458 O O   . HOH B 2 .   ? 12.680  -2.119  4.000   1.00 59.53 ? 336 HOH A O   1 
HETATM 1459 O O   . HOH B 2 .   ? -0.454  12.631  7.260   1.00 60.49 ? 337 HOH A O   1 
HETATM 1460 O O   . HOH B 2 .   ? -1.484  15.049  6.788   1.00 59.92 ? 338 HOH A O   1 
HETATM 1461 O O   . HOH B 2 .   ? -1.998  -14.440 -17.213 1.00 64.35 ? 339 HOH A O   1 
HETATM 1462 O O   . HOH B 2 .   ? 0.835   10.838  5.194   1.00 65.34 ? 340 HOH A O   1 
HETATM 1463 O O   . HOH B 2 .   ? 4.214   20.380  -1.973  1.00 60.30 ? 341 HOH A O   1 
HETATM 1464 O O   . HOH B 2 .   ? 4.167   3.329   14.539  1.00 59.21 ? 342 HOH A O   1 
HETATM 1465 O O   . HOH B 2 .   ? -8.416  18.842  -4.589  1.00 55.76 ? 343 HOH A O   1 
HETATM 1466 O O   . HOH B 2 .   ? -12.884 11.754  21.644  1.00 65.56 ? 344 HOH A O   1 
HETATM 1467 O O   . HOH B 2 .   ? -1.465  -13.838 -8.527  1.00 55.89 ? 345 HOH A O   1 
# 
loop_
_pdbx_poly_seq_scheme.asym_id 
_pdbx_poly_seq_scheme.entity_id 
_pdbx_poly_seq_scheme.seq_id 
_pdbx_poly_seq_scheme.mon_id 
_pdbx_poly_seq_scheme.ndb_seq_num 
_pdbx_poly_seq_scheme.pdb_seq_num 
_pdbx_poly_seq_scheme.auth_seq_num 
_pdbx_poly_seq_scheme.pdb_mon_id 
_pdbx_poly_seq_scheme.auth_mon_id 
_pdbx_poly_seq_scheme.pdb_strand_id 
_pdbx_poly_seq_scheme.pdb_ins_code 
_pdbx_poly_seq_scheme.hetero 
A 1 1   MET 1   1   ?   ?   ?   A . n 
A 1 2   ALA 2   2   ?   ?   ?   A . n 
A 1 3   ALA 3   3   ?   ?   ?   A . n 
A 1 4   THR 4   4   ?   ?   ?   A . n 
A 1 5   VAL 5   5   ?   ?   ?   A . n 
A 1 6   ASP 6   6   ?   ?   ?   A . n 
A 1 7   THR 7   7   ?   ?   ?   A . n 
A 1 8   MET 8   8   ?   ?   ?   A . n 
A 1 9   SER 9   9   ?   ?   ?   A . n 
A 1 10  GLU 10  10  10  GLU GLU A . n 
A 1 11  GLU 11  11  11  GLU GLU A . n 
A 1 12  VAL 12  12  12  VAL VAL A . n 
A 1 13  LYS 13  13  13  LYS LYS A . n 
A 1 14  ARG 14  14  14  ARG ARG A . n 
A 1 15  LEU 15  15  15  LEU LEU A . n 
A 1 16  ILE 16  16  16  ILE ILE A . n 
A 1 17  ALA 17  17  17  ALA ALA A . n 
A 1 18  LEU 18  18  18  LEU LEU A . n 
A 1 19  TYR 19  19  19  TYR TYR A . n 
A 1 20  GLU 20  20  20  GLU GLU A . n 
A 1 21  LEU 21  21  21  LEU LEU A . n 
A 1 22  THR 22  22  22  THR THR A . n 
A 1 23  PRO 23  23  23  PRO PRO A . n 
A 1 24  HIS 24  24  24  HIS HIS A . n 
A 1 25  PRO 25  25  25  PRO PRO A . n 
A 1 26  ALA 26  26  26  ALA ALA A . n 
A 1 27  SER 27  27  27  SER SER A . n 
A 1 28  GLY 28  28  28  GLY GLY A . n 
A 1 29  GLY 29  29  29  GLY GLY A . n 
A 1 30  TRP 30  30  30  TRP TRP A . n 
A 1 31  PHE 31  31  31  PHE PHE A . n 
A 1 32  ARG 32  32  32  ARG ARG A . n 
A 1 33  GLU 33  33  33  GLU GLU A . n 
A 1 34  THR 34  34  34  THR THR A . n 
A 1 35  TYR 35  35  35  TYR TYR A . n 
A 1 36  ARG 36  36  36  ARG ARG A . n 
A 1 37  SER 37  37  37  SER SER A . n 
A 1 38  ASP 38  38  38  ASP ASP A . n 
A 1 39  VAL 39  39  39  VAL VAL A . n 
A 1 40  GLN 40  40  40  GLN GLN A . n 
A 1 41  VAL 41  41  41  VAL ALA A . n 
A 1 42  GLU 42  42  42  GLU GLU A . n 
A 1 43  ALA 43  43  43  ALA ALA A . n 
A 1 44  GLU 44  44  44  GLU GLU A . n 
A 1 45  GLY 45  45  45  GLY GLY A . n 
A 1 46  PHE 46  46  46  PHE PHE A . n 
A 1 47  ASP 47  47  47  ASP ASP A . n 
A 1 48  GLY 48  48  48  GLY GLY A . n 
A 1 49  LYS 49  49  49  LYS LYS A . n 
A 1 50  ARG 50  50  50  ARG ARG A . n 
A 1 51  SER 51  51  51  SER SER A . n 
A 1 52  VAL 52  52  52  VAL VAL A . n 
A 1 53  LEU 53  53  53  LEU LEU A . n 
A 1 54  THR 54  54  54  THR THR A . n 
A 1 55  MET 55  55  55  MET MET A . n 
A 1 56  ILE 56  56  56  ILE ILE A . n 
A 1 57  TYR 57  57  57  TYR TYR A . n 
A 1 58  TYR 58  58  58  TYR TYR A . n 
A 1 59  LEU 59  59  59  LEU LEU A . n 
A 1 60  MET 60  60  60  MET MET A . n 
A 1 61  GLN 61  61  61  GLN GLN A . n 
A 1 62  ALA 62  62  62  ALA ALA A . n 
A 1 63  GLY 63  63  63  GLY GLY A . n 
A 1 64  GLN 64  64  64  GLN GLN A . n 
A 1 65  PRO 65  65  65  PRO PRO A . n 
A 1 66  ASP 66  66  66  ASP ASP A . n 
A 1 67  PRO 67  67  67  PRO PRO A . n 
A 1 68  PHE 68  68  68  PHE PHE A . n 
A 1 69  HIS 69  69  69  HIS HIS A . n 
A 1 70  ARG 70  70  70  ARG ARG A . n 
A 1 71  VAL 71  71  71  VAL VAL A . n 
A 1 72  LYS 72  72  72  LYS LYS A . n 
A 1 73  SER 73  73  73  SER SER A . n 
A 1 74  ASP 74  74  74  ASP ASP A . n 
A 1 75  GLU 75  75  75  GLU GLU A . n 
A 1 76  THR 76  76  76  THR THR A . n 
A 1 77  PHE 77  77  77  PHE PHE A . n 
A 1 78  VAL 78  78  78  VAL VAL A . n 
A 1 79  HIS 79  79  79  HIS HIS A . n 
A 1 80  ASN 80  80  80  ASN ASN A . n 
A 1 81  LEU 81  81  81  LEU LEU A . n 
A 1 82  GLY 82  82  82  GLY GLY A . n 
A 1 83  GLY 83  83  83  GLY GLY A . n 
A 1 84  SER 84  84  84  SER SER A . n 
A 1 85  MET 85  85  85  MET MET A . n 
A 1 86  LYS 86  86  86  LYS LYS A . n 
A 1 87  ILE 87  87  87  ILE ILE A . n 
A 1 88  HIS 88  88  88  HIS HIS A . n 
A 1 89  MET 89  89  89  MET MET A . n 
A 1 90  ILE 90  90  90  ILE ILE A . n 
A 1 91  HIS 91  91  91  HIS HIS A . n 
A 1 92  PRO 92  92  92  PRO PRO A . n 
A 1 93  ASP 93  93  93  ASP ASP A . n 
A 1 94  GLY 94  94  94  GLY GLY A . n 
A 1 95  SER 95  95  95  SER SER A . n 
A 1 96  TYR 96  96  96  TYR TYR A . n 
A 1 97  SER 97  97  97  SER SER A . n 
A 1 98  CYS 98  98  98  CYS CYS A . n 
A 1 99  SER 99  99  99  SER SER A . n 
A 1 100 ILE 100 100 100 ILE ILE A . n 
A 1 101 LEU 101 101 101 LEU LEU A . n 
A 1 102 GLY 102 102 102 GLY GLY A . n 
A 1 103 ASN 103 103 103 ASN ASN A . n 
A 1 104 PRO 104 104 104 PRO PRO A . n 
A 1 105 LEU 105 105 105 LEU LEU A . n 
A 1 106 GLU 106 106 106 GLU GLU A . n 
A 1 107 HIS 107 107 107 HIS HIS A . n 
A 1 108 PRO 108 108 108 PRO PRO A . n 
A 1 109 GLU 109 109 109 GLU GLU A . n 
A 1 110 ALA 110 110 110 ALA ALA A . n 
A 1 111 ARG 111 111 111 ARG ARG A . n 
A 1 112 HIS 112 112 112 HIS HIS A . n 
A 1 113 GLN 113 113 113 GLN GLN A . n 
A 1 114 VAL 114 114 114 VAL VAL A . n 
A 1 115 VAL 115 115 115 VAL VAL A . n 
A 1 116 VAL 116 116 116 VAL VAL A . n 
A 1 117 PRO 117 117 117 PRO PRO A . n 
A 1 118 ARG 118 118 118 ARG ARG A . n 
A 1 119 ARG 119 119 119 ARG ARG A . n 
A 1 120 VAL 120 120 120 VAL VAL A . n 
A 1 121 TRP 121 121 121 TRP TRP A . n 
A 1 122 PHE 122 122 122 PHE PHE A . n 
A 1 123 ALA 123 123 123 ALA ALA A . n 
A 1 124 GLN 124 124 124 GLN GLN A . n 
A 1 125 GLU 125 125 125 GLU GLU A . n 
A 1 126 VAL 126 126 126 VAL VAL A . n 
A 1 127 ASP 127 127 127 ASP ASP A . n 
A 1 128 GLY 128 128 128 GLY GLY A . n 
A 1 129 TYR 129 129 129 TYR TYR A . n 
A 1 130 CYS 130 130 130 CYS CYS A . n 
A 1 131 LEU 131 131 131 LEU LEU A . n 
A 1 132 ALA 132 132 132 ALA ALA A . n 
A 1 133 SER 133 133 133 SER SER A . n 
A 1 134 VAL 134 134 134 VAL VAL A . n 
A 1 135 LEU 135 135 135 LEU LEU A . n 
A 1 136 VAL 136 136 136 VAL VAL A . n 
A 1 137 ALA 137 137 137 ALA ALA A . n 
A 1 138 PRO 138 138 138 PRO PRO A . n 
A 1 139 GLY 139 139 139 GLY GLY A . n 
A 1 140 PHE 140 140 140 PHE PHE A . n 
A 1 141 ASP 141 141 141 ASP ASP A . n 
A 1 142 PHE 142 142 142 PHE PHE A . n 
A 1 143 LYS 143 143 143 LYS LYS A . n 
A 1 144 ASP 144 144 144 ASP ASP A . n 
A 1 145 PHE 145 145 145 PHE PHE A . n 
A 1 146 SER 146 146 146 SER SER A . n 
A 1 147 LEU 147 147 147 LEU LEU A . n 
A 1 148 GLY 148 148 148 GLY GLY A . n 
A 1 149 LYS 149 149 149 LYS LYS A . n 
A 1 150 ARG 150 150 150 ARG ARG A . n 
A 1 151 GLU 151 151 151 GLU GLU A . n 
A 1 152 GLU 152 152 152 GLU GLU A . n 
A 1 153 LEU 153 153 153 LEU LEU A . n 
A 1 154 ILE 154 154 154 ILE ILE A . n 
A 1 155 LYS 155 155 155 LYS LYS A . n 
A 1 156 GLU 156 156 156 GLU GLU A . n 
A 1 157 TYR 157 157 157 TYR TYR A . n 
A 1 158 PRO 158 158 158 PRO PRO A . n 
A 1 159 GLN 159 159 159 GLN GLN A . n 
A 1 160 HIS 160 160 160 HIS HIS A . n 
A 1 161 ARG 161 161 161 ARG ARG A . n 
A 1 162 ASP 162 162 162 ASP ASP A . n 
A 1 163 VAL 163 163 163 VAL VAL A . n 
A 1 164 ILE 164 164 164 ILE ILE A . n 
A 1 165 MET 165 165 165 MET MET A . n 
A 1 166 ARG 166 166 166 ARG ARG A . n 
A 1 167 CYS 167 167 167 CYS CYS A . n 
A 1 168 THR 168 168 168 THR THR A . n 
A 1 169 SER 169 169 169 SER SER A . n 
A 1 170 SER 170 170 170 SER SER A . n 
A 1 171 ASP 171 171 ?   ?   ?   A . n 
A 1 172 PRO 172 172 ?   ?   ?   A . n 
# 
loop_
_pdbx_nonpoly_scheme.asym_id 
_pdbx_nonpoly_scheme.entity_id 
_pdbx_nonpoly_scheme.mon_id 
_pdbx_nonpoly_scheme.ndb_seq_num 
_pdbx_nonpoly_scheme.pdb_seq_num 
_pdbx_nonpoly_scheme.auth_seq_num 
_pdbx_nonpoly_scheme.pdb_mon_id 
_pdbx_nonpoly_scheme.auth_mon_id 
_pdbx_nonpoly_scheme.pdb_strand_id 
_pdbx_nonpoly_scheme.pdb_ins_code 
B 2 HOH 1   173 173 HOH HOH A . 
B 2 HOH 2   174 174 HOH HOH A . 
B 2 HOH 3   175 175 HOH HOH A . 
B 2 HOH 4   176 176 HOH HOH A . 
B 2 HOH 5   177 1   HOH HOH A . 
B 2 HOH 6   178 178 HOH HOH A . 
B 2 HOH 7   179 179 HOH HOH A . 
B 2 HOH 8   180 2   HOH HOH A . 
B 2 HOH 9   181 3   HOH HOH A . 
B 2 HOH 10  182 4   HOH HOH A . 
B 2 HOH 11  183 5   HOH HOH A . 
B 2 HOH 12  184 6   HOH HOH A . 
B 2 HOH 13  185 7   HOH HOH A . 
B 2 HOH 14  186 8   HOH HOH A . 
B 2 HOH 15  187 9   HOH HOH A . 
B 2 HOH 16  188 10  HOH HOH A . 
B 2 HOH 17  189 11  HOH HOH A . 
B 2 HOH 18  190 12  HOH HOH A . 
B 2 HOH 19  191 13  HOH HOH A . 
B 2 HOH 20  192 14  HOH HOH A . 
B 2 HOH 21  193 15  HOH HOH A . 
B 2 HOH 22  194 16  HOH HOH A . 
B 2 HOH 23  195 17  HOH HOH A . 
B 2 HOH 24  196 18  HOH HOH A . 
B 2 HOH 25  197 19  HOH HOH A . 
B 2 HOH 26  198 20  HOH HOH A . 
B 2 HOH 27  199 21  HOH HOH A . 
B 2 HOH 28  200 22  HOH HOH A . 
B 2 HOH 29  201 24  HOH HOH A . 
B 2 HOH 30  202 25  HOH HOH A . 
B 2 HOH 31  203 26  HOH HOH A . 
B 2 HOH 32  204 27  HOH HOH A . 
B 2 HOH 33  205 28  HOH HOH A . 
B 2 HOH 34  206 29  HOH HOH A . 
B 2 HOH 35  207 30  HOH HOH A . 
B 2 HOH 36  208 31  HOH HOH A . 
B 2 HOH 37  209 32  HOH HOH A . 
B 2 HOH 38  210 33  HOH HOH A . 
B 2 HOH 39  211 34  HOH HOH A . 
B 2 HOH 40  212 35  HOH HOH A . 
B 2 HOH 41  213 36  HOH HOH A . 
B 2 HOH 42  214 37  HOH HOH A . 
B 2 HOH 43  215 38  HOH HOH A . 
B 2 HOH 44  216 39  HOH HOH A . 
B 2 HOH 45  217 40  HOH HOH A . 
B 2 HOH 46  218 41  HOH HOH A . 
B 2 HOH 47  219 42  HOH HOH A . 
B 2 HOH 48  220 43  HOH HOH A . 
B 2 HOH 49  221 44  HOH HOH A . 
B 2 HOH 50  222 45  HOH HOH A . 
B 2 HOH 51  223 46  HOH HOH A . 
B 2 HOH 52  224 47  HOH HOH A . 
B 2 HOH 53  225 48  HOH HOH A . 
B 2 HOH 54  226 49  HOH HOH A . 
B 2 HOH 55  227 50  HOH HOH A . 
B 2 HOH 56  228 51  HOH HOH A . 
B 2 HOH 57  229 52  HOH HOH A . 
B 2 HOH 58  230 53  HOH HOH A . 
B 2 HOH 59  231 54  HOH HOH A . 
B 2 HOH 60  232 55  HOH HOH A . 
B 2 HOH 61  233 56  HOH HOH A . 
B 2 HOH 62  234 57  HOH HOH A . 
B 2 HOH 63  235 58  HOH HOH A . 
B 2 HOH 64  236 59  HOH HOH A . 
B 2 HOH 65  237 60  HOH HOH A . 
B 2 HOH 66  238 61  HOH HOH A . 
B 2 HOH 67  239 62  HOH HOH A . 
B 2 HOH 68  240 63  HOH HOH A . 
B 2 HOH 69  241 64  HOH HOH A . 
B 2 HOH 70  242 65  HOH HOH A . 
B 2 HOH 71  243 66  HOH HOH A . 
B 2 HOH 72  244 67  HOH HOH A . 
B 2 HOH 73  245 68  HOH HOH A . 
B 2 HOH 74  246 69  HOH HOH A . 
B 2 HOH 75  247 70  HOH HOH A . 
B 2 HOH 76  248 71  HOH HOH A . 
B 2 HOH 77  249 72  HOH HOH A . 
B 2 HOH 78  250 73  HOH HOH A . 
B 2 HOH 79  251 74  HOH HOH A . 
B 2 HOH 80  252 75  HOH HOH A . 
B 2 HOH 81  253 76  HOH HOH A . 
B 2 HOH 82  254 77  HOH HOH A . 
B 2 HOH 83  255 78  HOH HOH A . 
B 2 HOH 84  256 79  HOH HOH A . 
B 2 HOH 85  257 80  HOH HOH A . 
B 2 HOH 86  258 81  HOH HOH A . 
B 2 HOH 87  259 82  HOH HOH A . 
B 2 HOH 88  260 83  HOH HOH A . 
B 2 HOH 89  261 84  HOH HOH A . 
B 2 HOH 90  262 85  HOH HOH A . 
B 2 HOH 91  263 86  HOH HOH A . 
B 2 HOH 92  264 87  HOH HOH A . 
B 2 HOH 93  265 88  HOH HOH A . 
B 2 HOH 94  266 89  HOH HOH A . 
B 2 HOH 95  267 90  HOH HOH A . 
B 2 HOH 96  268 91  HOH HOH A . 
B 2 HOH 97  269 92  HOH HOH A . 
B 2 HOH 98  270 93  HOH HOH A . 
B 2 HOH 99  271 94  HOH HOH A . 
B 2 HOH 100 272 95  HOH HOH A . 
B 2 HOH 101 273 96  HOH HOH A . 
B 2 HOH 102 274 97  HOH HOH A . 
B 2 HOH 103 275 98  HOH HOH A . 
B 2 HOH 104 276 99  HOH HOH A . 
B 2 HOH 105 277 100 HOH HOH A . 
B 2 HOH 106 278 101 HOH HOH A . 
B 2 HOH 107 279 102 HOH HOH A . 
B 2 HOH 108 280 103 HOH HOH A . 
B 2 HOH 109 281 104 HOH HOH A . 
B 2 HOH 110 282 105 HOH HOH A . 
B 2 HOH 111 283 106 HOH HOH A . 
B 2 HOH 112 284 107 HOH HOH A . 
B 2 HOH 113 285 108 HOH HOH A . 
B 2 HOH 114 286 109 HOH HOH A . 
B 2 HOH 115 287 110 HOH HOH A . 
B 2 HOH 116 288 111 HOH HOH A . 
B 2 HOH 117 289 112 HOH HOH A . 
B 2 HOH 118 290 113 HOH HOH A . 
B 2 HOH 119 291 114 HOH HOH A . 
B 2 HOH 120 292 115 HOH HOH A . 
B 2 HOH 121 293 117 HOH HOH A . 
B 2 HOH 122 294 118 HOH HOH A . 
B 2 HOH 123 295 119 HOH HOH A . 
B 2 HOH 124 296 120 HOH HOH A . 
B 2 HOH 125 297 121 HOH HOH A . 
B 2 HOH 126 298 122 HOH HOH A . 
B 2 HOH 127 299 123 HOH HOH A . 
B 2 HOH 128 300 124 HOH HOH A . 
B 2 HOH 129 301 126 HOH HOH A . 
B 2 HOH 130 302 127 HOH HOH A . 
B 2 HOH 131 303 128 HOH HOH A . 
B 2 HOH 132 304 129 HOH HOH A . 
B 2 HOH 133 305 130 HOH HOH A . 
B 2 HOH 134 306 131 HOH HOH A . 
B 2 HOH 135 307 132 HOH HOH A . 
B 2 HOH 136 308 133 HOH HOH A . 
B 2 HOH 137 309 134 HOH HOH A . 
B 2 HOH 138 310 135 HOH HOH A . 
B 2 HOH 139 311 136 HOH HOH A . 
B 2 HOH 140 312 137 HOH HOH A . 
B 2 HOH 141 313 138 HOH HOH A . 
B 2 HOH 142 314 140 HOH HOH A . 
B 2 HOH 143 315 141 HOH HOH A . 
B 2 HOH 144 316 142 HOH HOH A . 
B 2 HOH 145 317 143 HOH HOH A . 
B 2 HOH 146 318 144 HOH HOH A . 
B 2 HOH 147 319 145 HOH HOH A . 
B 2 HOH 148 320 146 HOH HOH A . 
B 2 HOH 149 321 147 HOH HOH A . 
B 2 HOH 150 322 148 HOH HOH A . 
B 2 HOH 151 323 149 HOH HOH A . 
B 2 HOH 152 324 150 HOH HOH A . 
B 2 HOH 153 325 151 HOH HOH A . 
B 2 HOH 154 326 152 HOH HOH A . 
B 2 HOH 155 327 153 HOH HOH A . 
B 2 HOH 156 328 154 HOH HOH A . 
B 2 HOH 157 329 155 HOH HOH A . 
B 2 HOH 158 330 156 HOH HOH A . 
B 2 HOH 159 331 158 HOH HOH A . 
B 2 HOH 160 332 159 HOH HOH A . 
B 2 HOH 161 333 160 HOH HOH A . 
B 2 HOH 162 334 161 HOH HOH A . 
B 2 HOH 163 335 162 HOH HOH A . 
B 2 HOH 164 336 163 HOH HOH A . 
B 2 HOH 165 337 164 HOH HOH A . 
B 2 HOH 166 338 165 HOH HOH A . 
B 2 HOH 167 339 166 HOH HOH A . 
B 2 HOH 168 340 167 HOH HOH A . 
B 2 HOH 169 341 168 HOH HOH A . 
B 2 HOH 170 342 169 HOH HOH A . 
B 2 HOH 171 343 170 HOH HOH A . 
B 2 HOH 172 344 171 HOH HOH A . 
B 2 HOH 173 345 172 HOH HOH A . 
# 
_pdbx_struct_assembly.id                   1 
_pdbx_struct_assembly.details              author_and_software_defined_assembly 
_pdbx_struct_assembly.method_details       PISA 
_pdbx_struct_assembly.oligomeric_details   dimeric 
_pdbx_struct_assembly.oligomeric_count     2 
# 
_pdbx_struct_assembly_gen.assembly_id       1 
_pdbx_struct_assembly_gen.oper_expression   1,2 
_pdbx_struct_assembly_gen.asym_id_list      A,B 
# 
loop_
_pdbx_struct_assembly_prop.biol_id 
_pdbx_struct_assembly_prop.type 
_pdbx_struct_assembly_prop.value 
_pdbx_struct_assembly_prop.details 
1 'ABSA (A^2)' 3080  ? 
1 MORE         -22   ? 
1 'SSA (A^2)'  15720 ? 
# 
loop_
_pdbx_struct_oper_list.id 
_pdbx_struct_oper_list.type 
_pdbx_struct_oper_list.name 
_pdbx_struct_oper_list.symmetry_operation 
_pdbx_struct_oper_list.matrix[1][1] 
_pdbx_struct_oper_list.matrix[1][2] 
_pdbx_struct_oper_list.matrix[1][3] 
_pdbx_struct_oper_list.vector[1] 
_pdbx_struct_oper_list.matrix[2][1] 
_pdbx_struct_oper_list.matrix[2][2] 
_pdbx_struct_oper_list.matrix[2][3] 
_pdbx_struct_oper_list.vector[2] 
_pdbx_struct_oper_list.matrix[3][1] 
_pdbx_struct_oper_list.matrix[3][2] 
_pdbx_struct_oper_list.matrix[3][3] 
_pdbx_struct_oper_list.vector[3] 
1 'identity operation'         1_555 x,y,z           1.0000000000  0.0000000000  0.0000000000  0.0000000000   0.0000000000  1.0000000000  0.0000000000 0.0000000000  0.0000000000  0.0000000000 1.0000000000 0.0000000000   
2 'crystal symmetry operation' 5_454 -x-1/2,y,-z-1/4 -0.5296518258 -0.1302365144 -0.8381571414 -19.4500870084 -0.1302365144 -0.9639383108 0.2320805536 12.6240319696 -0.8381571414 0.2320805536 0.4935901366 -12.8763716258 
# 
loop_
_pdbx_struct_special_symmetry.id 
_pdbx_struct_special_symmetry.PDB_model_num 
_pdbx_struct_special_symmetry.auth_asym_id 
_pdbx_struct_special_symmetry.auth_comp_id 
_pdbx_struct_special_symmetry.auth_seq_id 
_pdbx_struct_special_symmetry.PDB_ins_code 
_pdbx_struct_special_symmetry.label_asym_id 
_pdbx_struct_special_symmetry.label_comp_id 
_pdbx_struct_special_symmetry.label_seq_id 
1 1 A HOH 226 ? B HOH . 
2 1 A HOH 242 ? B HOH . 
# 
loop_
_pdbx_audit_revision_history.ordinal 
_pdbx_audit_revision_history.data_content_type 
_pdbx_audit_revision_history.major_revision 
_pdbx_audit_revision_history.minor_revision 
_pdbx_audit_revision_history.revision_date 
1 'Structure model' 1 0 2010-06-02 
2 'Structure model' 1 1 2011-07-13 
3 'Structure model' 1 2 2023-11-01 
# 
_pdbx_audit_revision_details.ordinal             1 
_pdbx_audit_revision_details.revision_ordinal    1 
_pdbx_audit_revision_details.data_content_type   'Structure model' 
_pdbx_audit_revision_details.provider            repository 
_pdbx_audit_revision_details.type                'Initial release' 
_pdbx_audit_revision_details.description         ? 
_pdbx_audit_revision_details.details             ? 
# 
loop_
_pdbx_audit_revision_group.ordinal 
_pdbx_audit_revision_group.revision_ordinal 
_pdbx_audit_revision_group.data_content_type 
_pdbx_audit_revision_group.group 
1 2 'Structure model' 'Version format compliance' 
2 3 'Structure model' 'Data collection'           
3 3 'Structure model' 'Database references'       
4 3 'Structure model' 'Refinement description'    
# 
loop_
_pdbx_audit_revision_category.ordinal 
_pdbx_audit_revision_category.revision_ordinal 
_pdbx_audit_revision_category.data_content_type 
_pdbx_audit_revision_category.category 
1 3 'Structure model' chem_comp_atom                
2 3 'Structure model' chem_comp_bond                
3 3 'Structure model' database_2                    
4 3 'Structure model' pdbx_initial_refinement_model 
# 
loop_
_pdbx_audit_revision_item.ordinal 
_pdbx_audit_revision_item.revision_ordinal 
_pdbx_audit_revision_item.data_content_type 
_pdbx_audit_revision_item.item 
1 3 'Structure model' '_database_2.pdbx_DOI'                
2 3 'Structure model' '_database_2.pdbx_database_accession' 
# 
loop_
_software.name 
_software.classification 
_software.version 
_software.citation_id 
_software.pdbx_ordinal 
MAR345dtb 'data collection' .                 ? 1 
MOLREP    phasing           .                 ? 2 
PHENIX    refinement        '(phenix.refine)' ? 3 
HKL-2000  'data reduction'  .                 ? 4 
HKL-2000  'data scaling'    .                 ? 5 
# 
_pdbx_validate_torsion.id              1 
_pdbx_validate_torsion.PDB_model_num   1 
_pdbx_validate_torsion.auth_comp_id    SER 
_pdbx_validate_torsion.auth_asym_id    A 
_pdbx_validate_torsion.auth_seq_id     27 
_pdbx_validate_torsion.PDB_ins_code    ? 
_pdbx_validate_torsion.label_alt_id    ? 
_pdbx_validate_torsion.phi             -165.54 
_pdbx_validate_torsion.psi             -168.41 
# 
loop_
_pdbx_unobs_or_zero_occ_atoms.id 
_pdbx_unobs_or_zero_occ_atoms.PDB_model_num 
_pdbx_unobs_or_zero_occ_atoms.polymer_flag 
_pdbx_unobs_or_zero_occ_atoms.occupancy_flag 
_pdbx_unobs_or_zero_occ_atoms.auth_asym_id 
_pdbx_unobs_or_zero_occ_atoms.auth_comp_id 
_pdbx_unobs_or_zero_occ_atoms.auth_seq_id 
_pdbx_unobs_or_zero_occ_atoms.PDB_ins_code 
_pdbx_unobs_or_zero_occ_atoms.auth_atom_id 
_pdbx_unobs_or_zero_occ_atoms.label_alt_id 
_pdbx_unobs_or_zero_occ_atoms.label_asym_id 
_pdbx_unobs_or_zero_occ_atoms.label_comp_id 
_pdbx_unobs_or_zero_occ_atoms.label_seq_id 
_pdbx_unobs_or_zero_occ_atoms.label_atom_id 
1 1 Y 1 A VAL 41 ? CG1 ? A VAL 41 CG1 
2 1 Y 1 A VAL 41 ? CG2 ? A VAL 41 CG2 
# 
loop_
_pdbx_unobs_or_zero_occ_residues.id 
_pdbx_unobs_or_zero_occ_residues.PDB_model_num 
_pdbx_unobs_or_zero_occ_residues.polymer_flag 
_pdbx_unobs_or_zero_occ_residues.occupancy_flag 
_pdbx_unobs_or_zero_occ_residues.auth_asym_id 
_pdbx_unobs_or_zero_occ_residues.auth_comp_id 
_pdbx_unobs_or_zero_occ_residues.auth_seq_id 
_pdbx_unobs_or_zero_occ_residues.PDB_ins_code 
_pdbx_unobs_or_zero_occ_residues.label_asym_id 
_pdbx_unobs_or_zero_occ_residues.label_comp_id 
_pdbx_unobs_or_zero_occ_residues.label_seq_id 
1  1 Y 1 A MET 1   ? A MET 1   
2  1 Y 1 A ALA 2   ? A ALA 2   
3  1 Y 1 A ALA 3   ? A ALA 3   
4  1 Y 1 A THR 4   ? A THR 4   
5  1 Y 1 A VAL 5   ? A VAL 5   
6  1 Y 1 A ASP 6   ? A ASP 6   
7  1 Y 1 A THR 7   ? A THR 7   
8  1 Y 1 A MET 8   ? A MET 8   
9  1 Y 1 A SER 9   ? A SER 9   
10 1 Y 1 A ASP 171 ? A ASP 171 
11 1 Y 1 A PRO 172 ? A PRO 172 
# 
loop_
_chem_comp_atom.comp_id 
_chem_comp_atom.atom_id 
_chem_comp_atom.type_symbol 
_chem_comp_atom.pdbx_aromatic_flag 
_chem_comp_atom.pdbx_stereo_config 
_chem_comp_atom.pdbx_ordinal 
ALA N    N N N 1   
ALA CA   C N S 2   
ALA C    C N N 3   
ALA O    O N N 4   
ALA CB   C N N 5   
ALA OXT  O N N 6   
ALA H    H N N 7   
ALA H2   H N N 8   
ALA HA   H N N 9   
ALA HB1  H N N 10  
ALA HB2  H N N 11  
ALA HB3  H N N 12  
ALA HXT  H N N 13  
ARG N    N N N 14  
ARG CA   C N S 15  
ARG C    C N N 16  
ARG O    O N N 17  
ARG CB   C N N 18  
ARG CG   C N N 19  
ARG CD   C N N 20  
ARG NE   N N N 21  
ARG CZ   C N N 22  
ARG NH1  N N N 23  
ARG NH2  N N N 24  
ARG OXT  O N N 25  
ARG H    H N N 26  
ARG H2   H N N 27  
ARG HA   H N N 28  
ARG HB2  H N N 29  
ARG HB3  H N N 30  
ARG HG2  H N N 31  
ARG HG3  H N N 32  
ARG HD2  H N N 33  
ARG HD3  H N N 34  
ARG HE   H N N 35  
ARG HH11 H N N 36  
ARG HH12 H N N 37  
ARG HH21 H N N 38  
ARG HH22 H N N 39  
ARG HXT  H N N 40  
ASN N    N N N 41  
ASN CA   C N S 42  
ASN C    C N N 43  
ASN O    O N N 44  
ASN CB   C N N 45  
ASN CG   C N N 46  
ASN OD1  O N N 47  
ASN ND2  N N N 48  
ASN OXT  O N N 49  
ASN H    H N N 50  
ASN H2   H N N 51  
ASN HA   H N N 52  
ASN HB2  H N N 53  
ASN HB3  H N N 54  
ASN HD21 H N N 55  
ASN HD22 H N N 56  
ASN HXT  H N N 57  
ASP N    N N N 58  
ASP CA   C N S 59  
ASP C    C N N 60  
ASP O    O N N 61  
ASP CB   C N N 62  
ASP CG   C N N 63  
ASP OD1  O N N 64  
ASP OD2  O N N 65  
ASP OXT  O N N 66  
ASP H    H N N 67  
ASP H2   H N N 68  
ASP HA   H N N 69  
ASP HB2  H N N 70  
ASP HB3  H N N 71  
ASP HD2  H N N 72  
ASP HXT  H N N 73  
CYS N    N N N 74  
CYS CA   C N R 75  
CYS C    C N N 76  
CYS O    O N N 77  
CYS CB   C N N 78  
CYS SG   S N N 79  
CYS OXT  O N N 80  
CYS H    H N N 81  
CYS H2   H N N 82  
CYS HA   H N N 83  
CYS HB2  H N N 84  
CYS HB3  H N N 85  
CYS HG   H N N 86  
CYS HXT  H N N 87  
GLN N    N N N 88  
GLN CA   C N S 89  
GLN C    C N N 90  
GLN O    O N N 91  
GLN CB   C N N 92  
GLN CG   C N N 93  
GLN CD   C N N 94  
GLN OE1  O N N 95  
GLN NE2  N N N 96  
GLN OXT  O N N 97  
GLN H    H N N 98  
GLN H2   H N N 99  
GLN HA   H N N 100 
GLN HB2  H N N 101 
GLN HB3  H N N 102 
GLN HG2  H N N 103 
GLN HG3  H N N 104 
GLN HE21 H N N 105 
GLN HE22 H N N 106 
GLN HXT  H N N 107 
GLU N    N N N 108 
GLU CA   C N S 109 
GLU C    C N N 110 
GLU O    O N N 111 
GLU CB   C N N 112 
GLU CG   C N N 113 
GLU CD   C N N 114 
GLU OE1  O N N 115 
GLU OE2  O N N 116 
GLU OXT  O N N 117 
GLU H    H N N 118 
GLU H2   H N N 119 
GLU HA   H N N 120 
GLU HB2  H N N 121 
GLU HB3  H N N 122 
GLU HG2  H N N 123 
GLU HG3  H N N 124 
GLU HE2  H N N 125 
GLU HXT  H N N 126 
GLY N    N N N 127 
GLY CA   C N N 128 
GLY C    C N N 129 
GLY O    O N N 130 
GLY OXT  O N N 131 
GLY H    H N N 132 
GLY H2   H N N 133 
GLY HA2  H N N 134 
GLY HA3  H N N 135 
GLY HXT  H N N 136 
HIS N    N N N 137 
HIS CA   C N S 138 
HIS C    C N N 139 
HIS O    O N N 140 
HIS CB   C N N 141 
HIS CG   C Y N 142 
HIS ND1  N Y N 143 
HIS CD2  C Y N 144 
HIS CE1  C Y N 145 
HIS NE2  N Y N 146 
HIS OXT  O N N 147 
HIS H    H N N 148 
HIS H2   H N N 149 
HIS HA   H N N 150 
HIS HB2  H N N 151 
HIS HB3  H N N 152 
HIS HD1  H N N 153 
HIS HD2  H N N 154 
HIS HE1  H N N 155 
HIS HE2  H N N 156 
HIS HXT  H N N 157 
HOH O    O N N 158 
HOH H1   H N N 159 
HOH H2   H N N 160 
ILE N    N N N 161 
ILE CA   C N S 162 
ILE C    C N N 163 
ILE O    O N N 164 
ILE CB   C N S 165 
ILE CG1  C N N 166 
ILE CG2  C N N 167 
ILE CD1  C N N 168 
ILE OXT  O N N 169 
ILE H    H N N 170 
ILE H2   H N N 171 
ILE HA   H N N 172 
ILE HB   H N N 173 
ILE HG12 H N N 174 
ILE HG13 H N N 175 
ILE HG21 H N N 176 
ILE HG22 H N N 177 
ILE HG23 H N N 178 
ILE HD11 H N N 179 
ILE HD12 H N N 180 
ILE HD13 H N N 181 
ILE HXT  H N N 182 
LEU N    N N N 183 
LEU CA   C N S 184 
LEU C    C N N 185 
LEU O    O N N 186 
LEU CB   C N N 187 
LEU CG   C N N 188 
LEU CD1  C N N 189 
LEU CD2  C N N 190 
LEU OXT  O N N 191 
LEU H    H N N 192 
LEU H2   H N N 193 
LEU HA   H N N 194 
LEU HB2  H N N 195 
LEU HB3  H N N 196 
LEU HG   H N N 197 
LEU HD11 H N N 198 
LEU HD12 H N N 199 
LEU HD13 H N N 200 
LEU HD21 H N N 201 
LEU HD22 H N N 202 
LEU HD23 H N N 203 
LEU HXT  H N N 204 
LYS N    N N N 205 
LYS CA   C N S 206 
LYS C    C N N 207 
LYS O    O N N 208 
LYS CB   C N N 209 
LYS CG   C N N 210 
LYS CD   C N N 211 
LYS CE   C N N 212 
LYS NZ   N N N 213 
LYS OXT  O N N 214 
LYS H    H N N 215 
LYS H2   H N N 216 
LYS HA   H N N 217 
LYS HB2  H N N 218 
LYS HB3  H N N 219 
LYS HG2  H N N 220 
LYS HG3  H N N 221 
LYS HD2  H N N 222 
LYS HD3  H N N 223 
LYS HE2  H N N 224 
LYS HE3  H N N 225 
LYS HZ1  H N N 226 
LYS HZ2  H N N 227 
LYS HZ3  H N N 228 
LYS HXT  H N N 229 
MET N    N N N 230 
MET CA   C N S 231 
MET C    C N N 232 
MET O    O N N 233 
MET CB   C N N 234 
MET CG   C N N 235 
MET SD   S N N 236 
MET CE   C N N 237 
MET OXT  O N N 238 
MET H    H N N 239 
MET H2   H N N 240 
MET HA   H N N 241 
MET HB2  H N N 242 
MET HB3  H N N 243 
MET HG2  H N N 244 
MET HG3  H N N 245 
MET HE1  H N N 246 
MET HE2  H N N 247 
MET HE3  H N N 248 
MET HXT  H N N 249 
PHE N    N N N 250 
PHE CA   C N S 251 
PHE C    C N N 252 
PHE O    O N N 253 
PHE CB   C N N 254 
PHE CG   C Y N 255 
PHE CD1  C Y N 256 
PHE CD2  C Y N 257 
PHE CE1  C Y N 258 
PHE CE2  C Y N 259 
PHE CZ   C Y N 260 
PHE OXT  O N N 261 
PHE H    H N N 262 
PHE H2   H N N 263 
PHE HA   H N N 264 
PHE HB2  H N N 265 
PHE HB3  H N N 266 
PHE HD1  H N N 267 
PHE HD2  H N N 268 
PHE HE1  H N N 269 
PHE HE2  H N N 270 
PHE HZ   H N N 271 
PHE HXT  H N N 272 
PRO N    N N N 273 
PRO CA   C N S 274 
PRO C    C N N 275 
PRO O    O N N 276 
PRO CB   C N N 277 
PRO CG   C N N 278 
PRO CD   C N N 279 
PRO OXT  O N N 280 
PRO H    H N N 281 
PRO HA   H N N 282 
PRO HB2  H N N 283 
PRO HB3  H N N 284 
PRO HG2  H N N 285 
PRO HG3  H N N 286 
PRO HD2  H N N 287 
PRO HD3  H N N 288 
PRO HXT  H N N 289 
SER N    N N N 290 
SER CA   C N S 291 
SER C    C N N 292 
SER O    O N N 293 
SER CB   C N N 294 
SER OG   O N N 295 
SER OXT  O N N 296 
SER H    H N N 297 
SER H2   H N N 298 
SER HA   H N N 299 
SER HB2  H N N 300 
SER HB3  H N N 301 
SER HG   H N N 302 
SER HXT  H N N 303 
THR N    N N N 304 
THR CA   C N S 305 
THR C    C N N 306 
THR O    O N N 307 
THR CB   C N R 308 
THR OG1  O N N 309 
THR CG2  C N N 310 
THR OXT  O N N 311 
THR H    H N N 312 
THR H2   H N N 313 
THR HA   H N N 314 
THR HB   H N N 315 
THR HG1  H N N 316 
THR HG21 H N N 317 
THR HG22 H N N 318 
THR HG23 H N N 319 
THR HXT  H N N 320 
TRP N    N N N 321 
TRP CA   C N S 322 
TRP C    C N N 323 
TRP O    O N N 324 
TRP CB   C N N 325 
TRP CG   C Y N 326 
TRP CD1  C Y N 327 
TRP CD2  C Y N 328 
TRP NE1  N Y N 329 
TRP CE2  C Y N 330 
TRP CE3  C Y N 331 
TRP CZ2  C Y N 332 
TRP CZ3  C Y N 333 
TRP CH2  C Y N 334 
TRP OXT  O N N 335 
TRP H    H N N 336 
TRP H2   H N N 337 
TRP HA   H N N 338 
TRP HB2  H N N 339 
TRP HB3  H N N 340 
TRP HD1  H N N 341 
TRP HE1  H N N 342 
TRP HE3  H N N 343 
TRP HZ2  H N N 344 
TRP HZ3  H N N 345 
TRP HH2  H N N 346 
TRP HXT  H N N 347 
TYR N    N N N 348 
TYR CA   C N S 349 
TYR C    C N N 350 
TYR O    O N N 351 
TYR CB   C N N 352 
TYR CG   C Y N 353 
TYR CD1  C Y N 354 
TYR CD2  C Y N 355 
TYR CE1  C Y N 356 
TYR CE2  C Y N 357 
TYR CZ   C Y N 358 
TYR OH   O N N 359 
TYR OXT  O N N 360 
TYR H    H N N 361 
TYR H2   H N N 362 
TYR HA   H N N 363 
TYR HB2  H N N 364 
TYR HB3  H N N 365 
TYR HD1  H N N 366 
TYR HD2  H N N 367 
TYR HE1  H N N 368 
TYR HE2  H N N 369 
TYR HH   H N N 370 
TYR HXT  H N N 371 
VAL N    N N N 372 
VAL CA   C N S 373 
VAL C    C N N 374 
VAL O    O N N 375 
VAL CB   C N N 376 
VAL CG1  C N N 377 
VAL CG2  C N N 378 
VAL OXT  O N N 379 
VAL H    H N N 380 
VAL H2   H N N 381 
VAL HA   H N N 382 
VAL HB   H N N 383 
VAL HG11 H N N 384 
VAL HG12 H N N 385 
VAL HG13 H N N 386 
VAL HG21 H N N 387 
VAL HG22 H N N 388 
VAL HG23 H N N 389 
VAL HXT  H N N 390 
# 
loop_
_chem_comp_bond.comp_id 
_chem_comp_bond.atom_id_1 
_chem_comp_bond.atom_id_2 
_chem_comp_bond.value_order 
_chem_comp_bond.pdbx_aromatic_flag 
_chem_comp_bond.pdbx_stereo_config 
_chem_comp_bond.pdbx_ordinal 
ALA N   CA   sing N N 1   
ALA N   H    sing N N 2   
ALA N   H2   sing N N 3   
ALA CA  C    sing N N 4   
ALA CA  CB   sing N N 5   
ALA CA  HA   sing N N 6   
ALA C   O    doub N N 7   
ALA C   OXT  sing N N 8   
ALA CB  HB1  sing N N 9   
ALA CB  HB2  sing N N 10  
ALA CB  HB3  sing N N 11  
ALA OXT HXT  sing N N 12  
ARG N   CA   sing N N 13  
ARG N   H    sing N N 14  
ARG N   H2   sing N N 15  
ARG CA  C    sing N N 16  
ARG CA  CB   sing N N 17  
ARG CA  HA   sing N N 18  
ARG C   O    doub N N 19  
ARG C   OXT  sing N N 20  
ARG CB  CG   sing N N 21  
ARG CB  HB2  sing N N 22  
ARG CB  HB3  sing N N 23  
ARG CG  CD   sing N N 24  
ARG CG  HG2  sing N N 25  
ARG CG  HG3  sing N N 26  
ARG CD  NE   sing N N 27  
ARG CD  HD2  sing N N 28  
ARG CD  HD3  sing N N 29  
ARG NE  CZ   sing N N 30  
ARG NE  HE   sing N N 31  
ARG CZ  NH1  sing N N 32  
ARG CZ  NH2  doub N N 33  
ARG NH1 HH11 sing N N 34  
ARG NH1 HH12 sing N N 35  
ARG NH2 HH21 sing N N 36  
ARG NH2 HH22 sing N N 37  
ARG OXT HXT  sing N N 38  
ASN N   CA   sing N N 39  
ASN N   H    sing N N 40  
ASN N   H2   sing N N 41  
ASN CA  C    sing N N 42  
ASN CA  CB   sing N N 43  
ASN CA  HA   sing N N 44  
ASN C   O    doub N N 45  
ASN C   OXT  sing N N 46  
ASN CB  CG   sing N N 47  
ASN CB  HB2  sing N N 48  
ASN CB  HB3  sing N N 49  
ASN CG  OD1  doub N N 50  
ASN CG  ND2  sing N N 51  
ASN ND2 HD21 sing N N 52  
ASN ND2 HD22 sing N N 53  
ASN OXT HXT  sing N N 54  
ASP N   CA   sing N N 55  
ASP N   H    sing N N 56  
ASP N   H2   sing N N 57  
ASP CA  C    sing N N 58  
ASP CA  CB   sing N N 59  
ASP CA  HA   sing N N 60  
ASP C   O    doub N N 61  
ASP C   OXT  sing N N 62  
ASP CB  CG   sing N N 63  
ASP CB  HB2  sing N N 64  
ASP CB  HB3  sing N N 65  
ASP CG  OD1  doub N N 66  
ASP CG  OD2  sing N N 67  
ASP OD2 HD2  sing N N 68  
ASP OXT HXT  sing N N 69  
CYS N   CA   sing N N 70  
CYS N   H    sing N N 71  
CYS N   H2   sing N N 72  
CYS CA  C    sing N N 73  
CYS CA  CB   sing N N 74  
CYS CA  HA   sing N N 75  
CYS C   O    doub N N 76  
CYS C   OXT  sing N N 77  
CYS CB  SG   sing N N 78  
CYS CB  HB2  sing N N 79  
CYS CB  HB3  sing N N 80  
CYS SG  HG   sing N N 81  
CYS OXT HXT  sing N N 82  
GLN N   CA   sing N N 83  
GLN N   H    sing N N 84  
GLN N   H2   sing N N 85  
GLN CA  C    sing N N 86  
GLN CA  CB   sing N N 87  
GLN CA  HA   sing N N 88  
GLN C   O    doub N N 89  
GLN C   OXT  sing N N 90  
GLN CB  CG   sing N N 91  
GLN CB  HB2  sing N N 92  
GLN CB  HB3  sing N N 93  
GLN CG  CD   sing N N 94  
GLN CG  HG2  sing N N 95  
GLN CG  HG3  sing N N 96  
GLN CD  OE1  doub N N 97  
GLN CD  NE2  sing N N 98  
GLN NE2 HE21 sing N N 99  
GLN NE2 HE22 sing N N 100 
GLN OXT HXT  sing N N 101 
GLU N   CA   sing N N 102 
GLU N   H    sing N N 103 
GLU N   H2   sing N N 104 
GLU CA  C    sing N N 105 
GLU CA  CB   sing N N 106 
GLU CA  HA   sing N N 107 
GLU C   O    doub N N 108 
GLU C   OXT  sing N N 109 
GLU CB  CG   sing N N 110 
GLU CB  HB2  sing N N 111 
GLU CB  HB3  sing N N 112 
GLU CG  CD   sing N N 113 
GLU CG  HG2  sing N N 114 
GLU CG  HG3  sing N N 115 
GLU CD  OE1  doub N N 116 
GLU CD  OE2  sing N N 117 
GLU OE2 HE2  sing N N 118 
GLU OXT HXT  sing N N 119 
GLY N   CA   sing N N 120 
GLY N   H    sing N N 121 
GLY N   H2   sing N N 122 
GLY CA  C    sing N N 123 
GLY CA  HA2  sing N N 124 
GLY CA  HA3  sing N N 125 
GLY C   O    doub N N 126 
GLY C   OXT  sing N N 127 
GLY OXT HXT  sing N N 128 
HIS N   CA   sing N N 129 
HIS N   H    sing N N 130 
HIS N   H2   sing N N 131 
HIS CA  C    sing N N 132 
HIS CA  CB   sing N N 133 
HIS CA  HA   sing N N 134 
HIS C   O    doub N N 135 
HIS C   OXT  sing N N 136 
HIS CB  CG   sing N N 137 
HIS CB  HB2  sing N N 138 
HIS CB  HB3  sing N N 139 
HIS CG  ND1  sing Y N 140 
HIS CG  CD2  doub Y N 141 
HIS ND1 CE1  doub Y N 142 
HIS ND1 HD1  sing N N 143 
HIS CD2 NE2  sing Y N 144 
HIS CD2 HD2  sing N N 145 
HIS CE1 NE2  sing Y N 146 
HIS CE1 HE1  sing N N 147 
HIS NE2 HE2  sing N N 148 
HIS OXT HXT  sing N N 149 
HOH O   H1   sing N N 150 
HOH O   H2   sing N N 151 
ILE N   CA   sing N N 152 
ILE N   H    sing N N 153 
ILE N   H2   sing N N 154 
ILE CA  C    sing N N 155 
ILE CA  CB   sing N N 156 
ILE CA  HA   sing N N 157 
ILE C   O    doub N N 158 
ILE C   OXT  sing N N 159 
ILE CB  CG1  sing N N 160 
ILE CB  CG2  sing N N 161 
ILE CB  HB   sing N N 162 
ILE CG1 CD1  sing N N 163 
ILE CG1 HG12 sing N N 164 
ILE CG1 HG13 sing N N 165 
ILE CG2 HG21 sing N N 166 
ILE CG2 HG22 sing N N 167 
ILE CG2 HG23 sing N N 168 
ILE CD1 HD11 sing N N 169 
ILE CD1 HD12 sing N N 170 
ILE CD1 HD13 sing N N 171 
ILE OXT HXT  sing N N 172 
LEU N   CA   sing N N 173 
LEU N   H    sing N N 174 
LEU N   H2   sing N N 175 
LEU CA  C    sing N N 176 
LEU CA  CB   sing N N 177 
LEU CA  HA   sing N N 178 
LEU C   O    doub N N 179 
LEU C   OXT  sing N N 180 
LEU CB  CG   sing N N 181 
LEU CB  HB2  sing N N 182 
LEU CB  HB3  sing N N 183 
LEU CG  CD1  sing N N 184 
LEU CG  CD2  sing N N 185 
LEU CG  HG   sing N N 186 
LEU CD1 HD11 sing N N 187 
LEU CD1 HD12 sing N N 188 
LEU CD1 HD13 sing N N 189 
LEU CD2 HD21 sing N N 190 
LEU CD2 HD22 sing N N 191 
LEU CD2 HD23 sing N N 192 
LEU OXT HXT  sing N N 193 
LYS N   CA   sing N N 194 
LYS N   H    sing N N 195 
LYS N   H2   sing N N 196 
LYS CA  C    sing N N 197 
LYS CA  CB   sing N N 198 
LYS CA  HA   sing N N 199 
LYS C   O    doub N N 200 
LYS C   OXT  sing N N 201 
LYS CB  CG   sing N N 202 
LYS CB  HB2  sing N N 203 
LYS CB  HB3  sing N N 204 
LYS CG  CD   sing N N 205 
LYS CG  HG2  sing N N 206 
LYS CG  HG3  sing N N 207 
LYS CD  CE   sing N N 208 
LYS CD  HD2  sing N N 209 
LYS CD  HD3  sing N N 210 
LYS CE  NZ   sing N N 211 
LYS CE  HE2  sing N N 212 
LYS CE  HE3  sing N N 213 
LYS NZ  HZ1  sing N N 214 
LYS NZ  HZ2  sing N N 215 
LYS NZ  HZ3  sing N N 216 
LYS OXT HXT  sing N N 217 
MET N   CA   sing N N 218 
MET N   H    sing N N 219 
MET N   H2   sing N N 220 
MET CA  C    sing N N 221 
MET CA  CB   sing N N 222 
MET CA  HA   sing N N 223 
MET C   O    doub N N 224 
MET C   OXT  sing N N 225 
MET CB  CG   sing N N 226 
MET CB  HB2  sing N N 227 
MET CB  HB3  sing N N 228 
MET CG  SD   sing N N 229 
MET CG  HG2  sing N N 230 
MET CG  HG3  sing N N 231 
MET SD  CE   sing N N 232 
MET CE  HE1  sing N N 233 
MET CE  HE2  sing N N 234 
MET CE  HE3  sing N N 235 
MET OXT HXT  sing N N 236 
PHE N   CA   sing N N 237 
PHE N   H    sing N N 238 
PHE N   H2   sing N N 239 
PHE CA  C    sing N N 240 
PHE CA  CB   sing N N 241 
PHE CA  HA   sing N N 242 
PHE C   O    doub N N 243 
PHE C   OXT  sing N N 244 
PHE CB  CG   sing N N 245 
PHE CB  HB2  sing N N 246 
PHE CB  HB3  sing N N 247 
PHE CG  CD1  doub Y N 248 
PHE CG  CD2  sing Y N 249 
PHE CD1 CE1  sing Y N 250 
PHE CD1 HD1  sing N N 251 
PHE CD2 CE2  doub Y N 252 
PHE CD2 HD2  sing N N 253 
PHE CE1 CZ   doub Y N 254 
PHE CE1 HE1  sing N N 255 
PHE CE2 CZ   sing Y N 256 
PHE CE2 HE2  sing N N 257 
PHE CZ  HZ   sing N N 258 
PHE OXT HXT  sing N N 259 
PRO N   CA   sing N N 260 
PRO N   CD   sing N N 261 
PRO N   H    sing N N 262 
PRO CA  C    sing N N 263 
PRO CA  CB   sing N N 264 
PRO CA  HA   sing N N 265 
PRO C   O    doub N N 266 
PRO C   OXT  sing N N 267 
PRO CB  CG   sing N N 268 
PRO CB  HB2  sing N N 269 
PRO CB  HB3  sing N N 270 
PRO CG  CD   sing N N 271 
PRO CG  HG2  sing N N 272 
PRO CG  HG3  sing N N 273 
PRO CD  HD2  sing N N 274 
PRO CD  HD3  sing N N 275 
PRO OXT HXT  sing N N 276 
SER N   CA   sing N N 277 
SER N   H    sing N N 278 
SER N   H2   sing N N 279 
SER CA  C    sing N N 280 
SER CA  CB   sing N N 281 
SER CA  HA   sing N N 282 
SER C   O    doub N N 283 
SER C   OXT  sing N N 284 
SER CB  OG   sing N N 285 
SER CB  HB2  sing N N 286 
SER CB  HB3  sing N N 287 
SER OG  HG   sing N N 288 
SER OXT HXT  sing N N 289 
THR N   CA   sing N N 290 
THR N   H    sing N N 291 
THR N   H2   sing N N 292 
THR CA  C    sing N N 293 
THR CA  CB   sing N N 294 
THR CA  HA   sing N N 295 
THR C   O    doub N N 296 
THR C   OXT  sing N N 297 
THR CB  OG1  sing N N 298 
THR CB  CG2  sing N N 299 
THR CB  HB   sing N N 300 
THR OG1 HG1  sing N N 301 
THR CG2 HG21 sing N N 302 
THR CG2 HG22 sing N N 303 
THR CG2 HG23 sing N N 304 
THR OXT HXT  sing N N 305 
TRP N   CA   sing N N 306 
TRP N   H    sing N N 307 
TRP N   H2   sing N N 308 
TRP CA  C    sing N N 309 
TRP CA  CB   sing N N 310 
TRP CA  HA   sing N N 311 
TRP C   O    doub N N 312 
TRP C   OXT  sing N N 313 
TRP CB  CG   sing N N 314 
TRP CB  HB2  sing N N 315 
TRP CB  HB3  sing N N 316 
TRP CG  CD1  doub Y N 317 
TRP CG  CD2  sing Y N 318 
TRP CD1 NE1  sing Y N 319 
TRP CD1 HD1  sing N N 320 
TRP CD2 CE2  doub Y N 321 
TRP CD2 CE3  sing Y N 322 
TRP NE1 CE2  sing Y N 323 
TRP NE1 HE1  sing N N 324 
TRP CE2 CZ2  sing Y N 325 
TRP CE3 CZ3  doub Y N 326 
TRP CE3 HE3  sing N N 327 
TRP CZ2 CH2  doub Y N 328 
TRP CZ2 HZ2  sing N N 329 
TRP CZ3 CH2  sing Y N 330 
TRP CZ3 HZ3  sing N N 331 
TRP CH2 HH2  sing N N 332 
TRP OXT HXT  sing N N 333 
TYR N   CA   sing N N 334 
TYR N   H    sing N N 335 
TYR N   H2   sing N N 336 
TYR CA  C    sing N N 337 
TYR CA  CB   sing N N 338 
TYR CA  HA   sing N N 339 
TYR C   O    doub N N 340 
TYR C   OXT  sing N N 341 
TYR CB  CG   sing N N 342 
TYR CB  HB2  sing N N 343 
TYR CB  HB3  sing N N 344 
TYR CG  CD1  doub Y N 345 
TYR CG  CD2  sing Y N 346 
TYR CD1 CE1  sing Y N 347 
TYR CD1 HD1  sing N N 348 
TYR CD2 CE2  doub Y N 349 
TYR CD2 HD2  sing N N 350 
TYR CE1 CZ   doub Y N 351 
TYR CE1 HE1  sing N N 352 
TYR CE2 CZ   sing Y N 353 
TYR CE2 HE2  sing N N 354 
TYR CZ  OH   sing N N 355 
TYR OH  HH   sing N N 356 
TYR OXT HXT  sing N N 357 
VAL N   CA   sing N N 358 
VAL N   H    sing N N 359 
VAL N   H2   sing N N 360 
VAL CA  C    sing N N 361 
VAL CA  CB   sing N N 362 
VAL CA  HA   sing N N 363 
VAL C   O    doub N N 364 
VAL C   OXT  sing N N 365 
VAL CB  CG1  sing N N 366 
VAL CB  CG2  sing N N 367 
VAL CB  HB   sing N N 368 
VAL CG1 HG11 sing N N 369 
VAL CG1 HG12 sing N N 370 
VAL CG1 HG13 sing N N 371 
VAL CG2 HG21 sing N N 372 
VAL CG2 HG22 sing N N 373 
VAL CG2 HG23 sing N N 374 
VAL OXT HXT  sing N N 375 
# 
_pdbx_entity_nonpoly.entity_id   2 
_pdbx_entity_nonpoly.name        water 
_pdbx_entity_nonpoly.comp_id     HOH 
# 
_pdbx_initial_refinement_model.id               1 
_pdbx_initial_refinement_model.entity_id_list   ? 
_pdbx_initial_refinement_model.type             'experimental model' 
_pdbx_initial_refinement_model.source_name      PDB 
_pdbx_initial_refinement_model.accession_code   1YUD 
_pdbx_initial_refinement_model.details          ? 
# 
